data_8PC1
#
_entry.id   8PC1
#
_cell.length_a   1.00
_cell.length_b   1.00
_cell.length_c   1.00
_cell.angle_alpha   90.00
_cell.angle_beta   90.00
_cell.angle_gamma   90.00
#
_symmetry.space_group_name_H-M   'P 1'
#
loop_
_entity.id
_entity.type
_entity.pdbx_description
1 polymer 'Adhesin P1'
2 polymer 'Mgp-operon protein 3'
#
loop_
_entity_poly.entity_id
_entity_poly.type
_entity_poly.pdbx_seq_one_letter_code
_entity_poly.pdbx_strand_id
1 'polypeptide(L)'
;MHQPKKRLAKKSWAFLTAALTLGVITGVGGYFLFNQNKQRSSVSNFAYQPKQLSVKHQQAVDETLTPWTWNNNNFSSLKI
TGENPGSFGLVRSQNDNLNISSVTKNSSDDNLKYLNAVEKYLDGQQNFAIRRYDNNGRALYDINLAKMENPSTVQRGLNG
EPIFDPFKGFGLTGNAPTDWNEIKGKVPVEVVQSPHSPNLYFVLLVPKVALEYHNLNNQVVKESLEVKATQSSFNPTQRL
QKDSPVKDSSKQGEKLSETTASSMSSGMATSTRAKALKVEVERGSQSDSLLKNDFAKKPLKHKNSSGEVKLEAEKEFTEA
WKPLLTTDQIAREKGMGATVVSFYDAPYSENHTAFGLVDHIDPKKMVENYPPSWKTPKWNHHGIWDYNARNLLLQTTGFF
NPRRHPEWFDEGQAKADNTSPGFKVGDTDHKKDGFKKNSSSPIALPFEAYFANIGNMVAIGNSVFIFGGNGHATKMFTTN
PLSIGVFRIKYTDNFSKSSVTGWPYAVLFGGLINPQTNGLKDLPLGTNRWFEYVPRMAVSGVKWVGNQLVLAGTLTMGDT
ATVPRLKYDQLEKHLNLVAQGQGLLREDLQIFTPYGWANRPDIPVGAWLQDEMGSKFGPHYFLNNPDIQDNVNNDTVEAL
ISSYKNTDKLKHVYPYRYSGLYAWQLFNWSNKLTNTPLSANFVNENSYAPNSLFAAILNEDLLTGLSDKIFYGKENEFAE
NEADRFNQLLSLNPNPNTNWARYLNVVQRFTTGPNLDSSTFDQFLDFLPWIGNGKPFSNSPSPSTSASSSTPLPTFSNIN
VGVKSMITQHLNKENTRWVFIPNFSPDIWTGAGYRVQSANQKNGIPFEQVKPSNNSTPFDPNSDDNKVTPSGGSSKPTTY
PALPNSISPTSDWINALTFTNKNNPQRNQLLLRSLLGTIPVLINKSGDSNDQFNKDSEQKWDKTETNEGNLPGFGEVNGL
YNAALLHTYGFFGTNTNSTDPKIGFKADSSSSSSSTLVGSGLNWTSQDVGNLVVINDTSFGFQLGGWFITFTDFIRPRTG
YLGITLSSLQDQTIIWADQPWTSFKGSYLDSDGTPKSLWDPTALKSLPNSSTTYDTNPTLSPSFQLYQPNKVKAYQTTNT
YNKLIEPVDATSAATNMTSLLKLLTTKNIKAKLGKGTASSQGNNNGGGVSQTINTITTTGNISEGLKEETSIQAETLKKF
FDSKQNNKSEIGIGDSTFTKMDGKLTGVVSTPLVNLINGQGATSDSDTEKISFKPGNQIDFNRLFTLPVTELFDPNTMFV
YDQYVPLLVNLPSGFDQASIRLKVISYSVENQTLGVRLEFKDPQTQQFIPVLNASSTGPQTVFQPFNQWADYVLPLIVTV
PIVVIILSVTLGLTIGIPMHRNKKALQAGFDLSNKKVDVLTKAVGSVFKEIINRTGISNAPKKLKQATPTKPTPKTPPKP
PVKQ
;
B
2 'polypeptide(L)'
;MKTMRKQIYKKAYWLLLPFLPLALANTFLVKEDSKNVTAYTPFATPITDSKSDLVSLAQLDSSYQIADQTIHNTNLFVLF
KSRDVKVKYESSGSNNISFDSTSQGEKPSYVVEFTNSTNIGIKWTMVKKYQLDVPNVSSDMNQVLKNLILEQPLTKYTLN
SSLAKEKGKTQREVHLGSGQANQWTSQRNQHDLNNNPSPNASTGFKLTTGNAYRKLSESWPIYEPIDGTKQGKGKDSSGW
SSTEENEAKNDAPSVSGGGSSSGTFNKYLNTKQALESIGILFDDQTPRNVITQLYYASTSKLAVTNNHIVVMGNSFLPSM
WYWVVERSAQENASNKPTWFANTNLDWGEDKQKQFVENQLGYKETTSTNSHNFHSKSFTQPAYLISGIDSVNDQIIFSGF
KAGSVGYDSSSSSSSSSSSSTKDQALAWSTTTSLDSKTGYKDLVTNDTGLNGPINGSFSIQDTFSFVVPYSGNHTNNGTT
GPIKTAYPVKKDQKSTVKINSLINATPLNSYGDEGIGVFDALGLNYNFKSNQERLPSRTDQIFVYGIVSPNELRSAKSSA
DSTGSDTKVNWSNTQSRYLPVPYNYSEGIIDADGFKRPENRGASVTTFSGLKSIAPDGFANSIANFSVGLKAGIDPNPVM
SGKKANYGAVVLTRGGVVRLNFNPGNDSLLSTTDNNIAPISFSFTPFTAAESAVDLTTFKEVTYNQESGLWSYIFDSSLK
PSHDGKQTPVTDNMGFSVITVSRTGIELNQDQATTTLDVAPSALAVQSGIQSTTQTLTGVLPLSEEFSAVIAKDSDQNKI
DIYKNNNGLFEIDTQLSNSVATNNGGLAPSYTENRVDAWGKVEFADNSVLQARNLVDKTVDEIINTPEILNSFFRFTPAF
EDQKATLVATKQSDTSLSVSPRIQFLDGNFYDLNSTIAGVPLNIGFPSRVFAGFAALPAWVIPVSVGSSVGILFILLVLG
LGIGIPMYRVRKLQDASFVNVFKKVDTLTTAVGSVYKKIITQTGVVKKAPSALKAANPSVKKPAAFLKPPVQPPSKPEGE
QKAVEVKSEETKS
;
A
#
# COMPACT_ATOMS: atom_id res chain seq x y z
N GLN A 59 48.62 18.32 2.69
CA GLN A 59 47.54 18.77 3.61
C GLN A 59 46.83 20.03 3.09
N ALA A 60 47.56 21.14 2.88
CA ALA A 60 47.01 22.38 2.33
C ALA A 60 46.49 22.25 0.88
N VAL A 61 45.62 23.17 0.46
CA VAL A 61 44.88 23.16 -0.82
C VAL A 61 45.80 23.04 -2.04
N ASP A 62 45.44 22.18 -2.99
CA ASP A 62 46.05 22.07 -4.32
C ASP A 62 45.04 22.51 -5.41
N GLU A 63 45.37 23.57 -6.17
CA GLU A 63 44.51 24.14 -7.20
C GLU A 63 44.38 23.27 -8.46
N THR A 64 45.19 22.23 -8.63
CA THR A 64 45.13 21.33 -9.82
C THR A 64 43.93 20.38 -9.82
N LEU A 65 43.19 20.26 -8.71
CA LEU A 65 41.96 19.47 -8.63
C LEU A 65 40.72 20.39 -8.74
N THR A 66 39.80 20.05 -9.65
CA THR A 66 38.64 20.87 -10.04
C THR A 66 37.31 20.20 -9.66
N PRO A 67 36.28 20.95 -9.20
CA PRO A 67 35.05 20.36 -8.72
C PRO A 67 34.18 19.77 -9.84
N TRP A 68 33.53 18.64 -9.57
CA TRP A 68 32.81 17.84 -10.57
C TRP A 68 31.58 17.12 -10.00
N THR A 69 30.64 16.78 -10.89
CA THR A 69 29.39 16.05 -10.58
C THR A 69 29.47 14.60 -11.07
N TRP A 70 29.24 13.61 -10.21
CA TRP A 70 29.15 12.20 -10.64
C TRP A 70 27.77 11.89 -11.24
N ASN A 71 27.71 11.22 -12.39
CA ASN A 71 26.46 10.97 -13.11
C ASN A 71 25.45 10.10 -12.33
N ASN A 72 25.91 9.19 -11.46
CA ASN A 72 25.06 8.17 -10.84
C ASN A 72 24.15 8.70 -9.71
N ASN A 73 24.56 9.76 -9.02
CA ASN A 73 23.80 10.42 -7.95
C ASN A 73 23.61 11.94 -8.20
N ASN A 74 24.34 12.50 -9.16
CA ASN A 74 24.45 13.94 -9.44
C ASN A 74 24.89 14.78 -8.22
N PHE A 75 25.53 14.17 -7.22
CA PHE A 75 26.15 14.89 -6.12
C PHE A 75 27.37 15.69 -6.61
N SER A 76 27.56 16.88 -6.04
CA SER A 76 28.73 17.74 -6.27
C SER A 76 29.19 18.37 -4.95
N SER A 77 28.25 18.81 -4.11
CA SER A 77 28.53 19.30 -2.75
C SER A 77 27.41 19.07 -1.74
N LEU A 78 27.79 19.05 -0.45
CA LEU A 78 26.90 19.06 0.71
C LEU A 78 26.93 20.45 1.37
N LYS A 79 25.75 21.04 1.59
CA LYS A 79 25.55 22.21 2.46
C LYS A 79 25.64 21.79 3.94
N ILE A 80 26.73 22.11 4.63
CA ILE A 80 26.83 21.92 6.08
C ILE A 80 25.99 22.98 6.79
N THR A 81 25.31 22.60 7.87
CA THR A 81 24.45 23.50 8.67
C THR A 81 24.64 23.29 10.18
N GLY A 82 24.14 24.19 11.02
CA GLY A 82 24.30 24.14 12.47
C GLY A 82 25.56 24.87 12.96
N GLU A 83 26.36 24.21 13.80
CA GLU A 83 27.43 24.82 14.59
C GLU A 83 28.59 25.46 13.78
N ASN A 84 28.91 24.95 12.58
CA ASN A 84 29.93 25.53 11.69
C ASN A 84 29.54 25.26 10.21
N PRO A 85 28.76 26.13 9.54
CA PRO A 85 28.33 25.93 8.16
C PRO A 85 29.45 26.07 7.12
N GLY A 86 29.18 25.64 5.88
CA GLY A 86 30.14 25.63 4.76
C GLY A 86 29.77 24.58 3.71
N SER A 87 30.76 24.15 2.90
CA SER A 87 30.60 23.10 1.89
C SER A 87 31.66 22.00 2.00
N PHE A 88 31.28 20.74 1.78
CA PHE A 88 32.18 19.71 1.25
C PHE A 88 31.85 19.53 -0.23
N GLY A 89 32.83 19.33 -1.11
CA GLY A 89 32.56 19.05 -2.52
C GLY A 89 33.61 18.17 -3.21
N LEU A 90 33.15 17.34 -4.14
CA LEU A 90 34.01 16.42 -4.89
C LEU A 90 34.96 17.20 -5.81
N VAL A 91 36.23 16.81 -5.91
CA VAL A 91 37.19 17.35 -6.89
C VAL A 91 38.00 16.23 -7.55
N ARG A 92 38.46 16.45 -8.79
CA ARG A 92 39.29 15.50 -9.57
C ARG A 92 40.38 16.21 -10.38
N SER A 93 41.46 15.52 -10.74
CA SER A 93 42.53 16.09 -11.57
C SER A 93 42.03 16.41 -12.99
N GLN A 94 42.48 17.54 -13.55
CA GLN A 94 41.96 18.11 -14.81
C GLN A 94 42.59 17.53 -16.09
N ASN A 95 43.61 16.66 -15.98
CA ASN A 95 44.41 16.15 -17.10
C ASN A 95 43.62 15.29 -18.13
N ASP A 96 43.85 15.54 -19.41
CA ASP A 96 43.34 14.77 -20.56
C ASP A 96 44.31 13.64 -20.99
N ASN A 97 44.08 13.03 -22.17
CA ASN A 97 44.86 11.94 -22.77
C ASN A 97 44.89 10.63 -21.93
N LEU A 98 43.80 10.33 -21.23
CA LEU A 98 43.61 9.13 -20.40
C LEU A 98 43.46 7.85 -21.25
N ASN A 99 44.56 7.25 -21.67
CA ASN A 99 44.58 6.03 -22.50
C ASN A 99 44.39 4.75 -21.66
N ILE A 100 43.15 4.41 -21.29
CA ILE A 100 42.82 3.17 -20.56
C ILE A 100 43.15 1.91 -21.41
N SER A 101 43.00 2.00 -22.73
CA SER A 101 43.31 0.90 -23.67
C SER A 101 44.79 0.48 -23.68
N SER A 102 45.70 1.24 -23.05
CA SER A 102 47.08 0.80 -22.81
C SER A 102 47.20 -0.39 -21.85
N VAL A 103 46.19 -0.64 -21.00
CA VAL A 103 46.12 -1.82 -20.13
C VAL A 103 45.60 -3.02 -20.94
N THR A 104 46.50 -3.94 -21.30
CA THR A 104 46.20 -5.07 -22.20
C THR A 104 45.23 -6.07 -21.56
N LYS A 105 44.21 -6.50 -22.31
CA LYS A 105 43.35 -7.64 -21.98
C LYS A 105 43.72 -8.84 -22.87
N ASN A 106 44.14 -9.94 -22.25
CA ASN A 106 44.50 -11.18 -22.94
C ASN A 106 43.27 -12.11 -23.10
N SER A 107 43.39 -13.20 -23.86
CA SER A 107 42.36 -14.24 -23.95
C SER A 107 42.37 -15.23 -22.77
N SER A 108 43.49 -15.36 -22.06
CA SER A 108 43.74 -16.38 -21.04
C SER A 108 43.51 -15.94 -19.58
N ASP A 109 42.92 -14.77 -19.33
CA ASP A 109 42.67 -14.25 -17.98
C ASP A 109 41.24 -13.72 -17.75
N ASP A 110 40.83 -13.70 -16.47
CA ASP A 110 39.51 -13.28 -16.01
C ASP A 110 39.45 -11.78 -15.65
N ASN A 111 38.24 -11.27 -15.40
CA ASN A 111 38.01 -9.83 -15.20
C ASN A 111 38.70 -9.25 -13.95
N LEU A 112 38.88 -10.03 -12.88
CA LEU A 112 39.34 -9.49 -11.59
C LEU A 112 40.76 -8.91 -11.65
N LYS A 113 41.73 -9.66 -12.20
CA LYS A 113 43.12 -9.19 -12.33
C LYS A 113 43.29 -8.10 -13.38
N TYR A 114 42.43 -8.08 -14.40
CA TYR A 114 42.27 -6.94 -15.32
C TYR A 114 41.76 -5.68 -14.59
N LEU A 115 40.70 -5.76 -13.79
CA LEU A 115 40.19 -4.63 -13.02
C LEU A 115 41.21 -4.11 -12.00
N ASN A 116 41.96 -4.98 -11.33
CA ASN A 116 43.06 -4.56 -10.45
C ASN A 116 44.18 -3.85 -11.23
N ALA A 117 44.53 -4.30 -12.43
CA ALA A 117 45.50 -3.60 -13.29
C ALA A 117 44.99 -2.22 -13.75
N VAL A 118 43.70 -2.10 -14.10
CA VAL A 118 43.06 -0.82 -14.44
C VAL A 118 43.01 0.12 -13.22
N GLU A 119 42.60 -0.35 -12.04
CA GLU A 119 42.64 0.47 -10.80
C GLU A 119 44.06 0.93 -10.46
N LYS A 120 45.06 0.05 -10.55
CA LYS A 120 46.48 0.38 -10.33
C LYS A 120 47.01 1.39 -11.34
N TYR A 121 46.63 1.25 -12.61
CA TYR A 121 46.97 2.21 -13.67
C TYR A 121 46.33 3.59 -13.42
N LEU A 122 45.02 3.62 -13.14
CA LEU A 122 44.29 4.85 -12.85
C LEU A 122 44.77 5.54 -11.56
N ASP A 123 45.33 4.81 -10.59
CA ASP A 123 46.02 5.37 -9.41
C ASP A 123 47.29 6.16 -9.77
N GLY A 124 47.90 5.89 -10.93
CA GLY A 124 48.96 6.71 -11.50
C GLY A 124 48.44 7.89 -12.32
N GLN A 125 47.37 7.69 -13.10
CA GLN A 125 46.87 8.70 -14.05
C GLN A 125 45.95 9.78 -13.46
N GLN A 126 45.25 9.54 -12.34
CA GLN A 126 44.24 10.47 -11.81
C GLN A 126 44.29 10.63 -10.27
N ASN A 127 43.85 11.79 -9.79
CA ASN A 127 43.70 12.11 -8.35
C ASN A 127 42.27 12.61 -8.06
N PHE A 128 41.76 12.32 -6.85
CA PHE A 128 40.41 12.68 -6.39
C PHE A 128 40.41 13.07 -4.91
N ALA A 129 39.50 13.97 -4.50
CA ALA A 129 39.44 14.49 -3.13
C ALA A 129 38.06 15.07 -2.78
N ILE A 130 37.84 15.36 -1.49
CA ILE A 130 36.67 16.11 -0.97
C ILE A 130 37.10 17.29 -0.09
N ARG A 131 37.53 18.39 -0.71
CA ARG A 131 37.94 19.59 0.04
C ARG A 131 36.77 20.26 0.77
N ARG A 132 37.05 20.94 1.89
CA ARG A 132 36.09 21.80 2.59
C ARG A 132 36.23 23.26 2.13
N TYR A 133 35.09 23.96 2.02
CA TYR A 133 34.98 25.40 1.76
C TYR A 133 34.21 26.11 2.90
N ASP A 134 34.53 27.38 3.13
CA ASP A 134 33.76 28.26 4.02
C ASP A 134 32.40 28.71 3.43
N ASN A 135 31.60 29.43 4.22
CA ASN A 135 30.27 29.91 3.82
C ASN A 135 30.30 31.05 2.76
N ASN A 136 31.48 31.43 2.25
CA ASN A 136 31.66 32.36 1.12
C ASN A 136 32.32 31.68 -0.11
N GLY A 137 32.52 30.35 -0.08
CA GLY A 137 33.05 29.57 -1.21
C GLY A 137 34.58 29.43 -1.25
N ARG A 138 35.31 29.67 -0.16
CA ARG A 138 36.78 29.66 -0.13
C ARG A 138 37.33 28.39 0.53
N ALA A 139 38.25 27.69 -0.13
CA ALA A 139 38.77 26.39 0.28
C ALA A 139 39.67 26.46 1.54
N LEU A 140 39.65 25.41 2.37
CA LEU A 140 40.34 25.35 3.67
C LEU A 140 41.47 24.30 3.72
N TYR A 141 41.20 23.05 3.31
CA TYR A 141 42.17 21.94 3.26
C TYR A 141 41.74 20.87 2.23
N ASP A 142 42.70 20.06 1.75
CA ASP A 142 42.59 19.37 0.46
C ASP A 142 41.86 18.00 0.49
N ILE A 143 42.22 17.11 1.43
CA ILE A 143 41.66 15.75 1.60
C ILE A 143 41.74 14.87 0.33
N ASN A 144 42.88 14.83 -0.35
CA ASN A 144 43.20 13.80 -1.35
C ASN A 144 43.57 12.48 -0.62
N LEU A 145 42.55 11.64 -0.37
CA LEU A 145 42.64 10.47 0.51
C LEU A 145 43.75 9.45 0.15
N ALA A 146 44.17 9.42 -1.12
CA ALA A 146 45.28 8.59 -1.59
C ALA A 146 46.67 9.11 -1.18
N LYS A 147 46.81 10.41 -0.85
CA LYS A 147 48.09 11.12 -0.69
C LYS A 147 48.29 11.82 0.66
N MET A 148 47.25 12.02 1.49
CA MET A 148 47.40 12.66 2.81
C MET A 148 48.37 11.90 3.73
N GLU A 149 49.24 12.64 4.41
CA GLU A 149 50.28 12.10 5.29
C GLU A 149 49.74 11.62 6.65
N ASN A 150 50.24 10.48 7.14
CA ASN A 150 50.00 9.90 8.47
C ASN A 150 48.56 10.04 9.05
N PRO A 151 47.52 9.52 8.35
CA PRO A 151 46.13 9.60 8.81
C PRO A 151 45.86 8.75 10.07
N SER A 152 44.78 9.06 10.80
CA SER A 152 44.44 8.38 12.06
C SER A 152 42.93 8.29 12.29
N THR A 153 42.49 7.27 13.04
CA THR A 153 41.18 7.27 13.69
C THR A 153 41.18 8.14 14.96
N VAL A 154 40.00 8.55 15.45
CA VAL A 154 39.80 9.41 16.63
C VAL A 154 39.79 8.63 17.95
N GLN A 155 40.51 9.12 18.96
CA GLN A 155 40.58 8.56 20.31
C GLN A 155 39.30 8.86 21.13
N ARG A 156 38.88 7.91 21.99
CA ARG A 156 37.60 7.97 22.72
C ARG A 156 37.78 8.02 24.24
N GLY A 157 36.84 8.68 24.93
CA GLY A 157 36.64 8.52 26.37
C GLY A 157 35.94 7.19 26.72
N LEU A 158 35.84 6.87 28.02
CA LEU A 158 35.22 5.63 28.50
C LEU A 158 33.71 5.52 28.22
N ASN A 159 33.03 6.65 27.95
CA ASN A 159 31.64 6.71 27.50
C ASN A 159 31.48 6.65 25.96
N GLY A 160 32.56 6.41 25.22
CA GLY A 160 32.57 6.31 23.75
C GLY A 160 32.67 7.65 22.99
N GLU A 161 32.51 8.79 23.67
CA GLU A 161 32.63 10.12 23.07
C GLU A 161 34.04 10.35 22.48
N PRO A 162 34.18 11.00 21.31
CA PRO A 162 35.48 11.40 20.79
C PRO A 162 36.07 12.52 21.65
N ILE A 163 37.35 12.42 22.04
CA ILE A 163 37.99 13.46 22.85
C ILE A 163 38.28 14.72 21.99
N PHE A 164 37.84 15.89 22.45
CA PHE A 164 37.78 17.10 21.64
C PHE A 164 37.92 18.40 22.46
N ASP A 165 38.53 19.42 21.87
CA ASP A 165 38.58 20.82 22.34
C ASP A 165 38.79 21.72 21.11
N PRO A 166 37.86 22.62 20.72
CA PRO A 166 37.81 23.24 19.40
C PRO A 166 39.11 23.80 18.82
N PHE A 167 39.98 24.42 19.61
CA PHE A 167 41.24 24.99 19.10
C PHE A 167 42.33 23.92 18.86
N LYS A 168 42.36 22.86 19.69
CA LYS A 168 43.21 21.68 19.49
C LYS A 168 42.66 20.74 18.41
N GLY A 169 41.35 20.64 18.29
CA GLY A 169 40.65 19.65 17.46
C GLY A 169 40.46 18.31 18.18
N PHE A 170 40.26 17.24 17.41
CA PHE A 170 40.09 15.89 17.95
C PHE A 170 41.41 15.28 18.44
N GLY A 171 41.33 14.37 19.41
CA GLY A 171 42.45 13.48 19.76
C GLY A 171 42.59 12.34 18.75
N LEU A 172 43.80 12.10 18.25
CA LEU A 172 44.11 11.06 17.28
C LEU A 172 44.80 9.88 17.98
N THR A 173 44.40 8.64 17.68
CA THR A 173 45.04 7.42 18.24
C THR A 173 46.47 7.21 17.75
N GLY A 174 46.87 7.85 16.64
CA GLY A 174 48.21 7.74 16.04
C GLY A 174 48.35 6.60 15.04
N ASN A 175 47.25 5.97 14.62
CA ASN A 175 47.24 4.87 13.65
C ASN A 175 45.99 4.90 12.76
N ALA A 176 46.14 4.46 11.51
CA ALA A 176 45.08 4.48 10.51
C ALA A 176 43.90 3.55 10.86
N PRO A 177 42.69 3.81 10.32
CA PRO A 177 41.55 2.87 10.39
C PRO A 177 41.88 1.47 9.85
N THR A 178 40.98 0.51 10.07
CA THR A 178 41.07 -0.82 9.44
C THR A 178 40.94 -0.73 7.92
N ASP A 179 41.45 -1.73 7.20
CA ASP A 179 41.30 -1.86 5.74
C ASP A 179 41.91 -0.70 4.92
N TRP A 180 42.89 0.01 5.49
CA TRP A 180 43.40 1.26 4.90
C TRP A 180 44.17 1.06 3.58
N ASN A 181 44.83 -0.09 3.40
CA ASN A 181 45.60 -0.40 2.20
C ASN A 181 44.72 -0.61 0.95
N GLU A 182 43.50 -1.13 1.11
CA GLU A 182 42.53 -1.31 0.03
C GLU A 182 41.50 -0.16 -0.08
N ILE A 183 41.24 0.61 0.98
CA ILE A 183 40.34 1.78 0.90
C ILE A 183 41.00 2.97 0.17
N LYS A 184 42.31 3.21 0.34
CA LYS A 184 42.97 4.46 -0.07
C LYS A 184 42.94 4.75 -1.58
N GLY A 185 42.76 3.74 -2.42
CA GLY A 185 42.61 3.91 -3.88
C GLY A 185 41.21 4.37 -4.32
N LYS A 186 40.19 4.17 -3.48
CA LYS A 186 38.78 4.47 -3.81
C LYS A 186 38.53 5.99 -3.88
N VAL A 187 37.62 6.40 -4.77
CA VAL A 187 37.20 7.80 -4.93
C VAL A 187 35.98 8.09 -4.04
N PRO A 188 35.98 9.19 -3.26
CA PRO A 188 34.79 9.64 -2.54
C PRO A 188 33.76 10.25 -3.50
N VAL A 189 32.47 9.91 -3.34
CA VAL A 189 31.42 10.27 -4.30
C VAL A 189 30.11 10.79 -3.69
N GLU A 190 29.91 10.72 -2.37
CA GLU A 190 28.77 11.36 -1.68
C GLU A 190 29.09 11.65 -0.21
N VAL A 191 28.55 12.74 0.36
CA VAL A 191 28.77 13.15 1.75
C VAL A 191 27.45 13.56 2.43
N VAL A 192 27.26 13.20 3.71
CA VAL A 192 26.11 13.62 4.54
C VAL A 192 26.51 13.93 6.00
N GLN A 193 25.70 14.72 6.70
CA GLN A 193 25.91 15.19 8.07
C GLN A 193 24.94 14.50 9.05
N SER A 194 25.40 14.15 10.26
CA SER A 194 24.55 13.60 11.33
C SER A 194 23.45 14.60 11.77
N PRO A 195 22.19 14.16 11.97
CA PRO A 195 21.11 15.06 12.41
C PRO A 195 21.18 15.44 13.89
N HIS A 196 21.79 14.60 14.75
CA HIS A 196 21.76 14.75 16.21
C HIS A 196 23.14 15.01 16.85
N SER A 197 24.24 14.57 16.22
CA SER A 197 25.59 14.65 16.80
C SER A 197 26.45 15.72 16.11
N PRO A 198 27.06 16.67 16.86
CA PRO A 198 27.82 17.76 16.25
C PRO A 198 29.16 17.28 15.67
N ASN A 199 29.66 17.98 14.65
CA ASN A 199 30.92 17.72 13.94
C ASN A 199 31.08 16.31 13.31
N LEU A 200 30.01 15.51 13.24
CA LEU A 200 30.03 14.11 12.78
C LEU A 200 29.41 13.96 11.39
N TYR A 201 30.14 13.33 10.47
CA TYR A 201 29.79 13.20 9.06
C TYR A 201 30.01 11.78 8.54
N PHE A 202 29.38 11.45 7.41
CA PHE A 202 29.57 10.18 6.69
C PHE A 202 29.91 10.45 5.22
N VAL A 203 30.81 9.64 4.63
CA VAL A 203 31.20 9.72 3.22
C VAL A 203 31.26 8.35 2.57
N LEU A 204 30.83 8.26 1.31
CA LEU A 204 30.79 7.06 0.48
C LEU A 204 31.96 7.04 -0.52
N LEU A 205 32.67 5.92 -0.58
CA LEU A 205 33.84 5.66 -1.42
C LEU A 205 33.57 4.45 -2.34
N VAL A 206 34.06 4.53 -3.58
CA VAL A 206 33.90 3.48 -4.62
C VAL A 206 35.19 3.28 -5.45
N PRO A 207 35.42 2.12 -6.06
CA PRO A 207 36.53 1.93 -7.01
C PRO A 207 36.46 2.92 -8.19
N LYS A 208 37.61 3.29 -8.77
CA LYS A 208 37.65 4.29 -9.86
C LYS A 208 36.86 3.85 -11.10
N VAL A 209 36.77 2.55 -11.38
CA VAL A 209 35.94 2.00 -12.46
C VAL A 209 34.44 2.30 -12.26
N ALA A 210 33.95 2.56 -11.04
CA ALA A 210 32.58 3.05 -10.86
C ALA A 210 32.32 4.42 -11.52
N LEU A 211 33.38 5.15 -11.91
CA LEU A 211 33.31 6.28 -12.82
C LEU A 211 33.68 5.86 -14.26
N GLU A 212 34.86 5.25 -14.40
CA GLU A 212 35.53 5.02 -15.69
C GLU A 212 35.03 3.81 -16.49
N TYR A 213 34.08 3.02 -15.97
CA TYR A 213 33.46 1.86 -16.64
C TYR A 213 33.04 2.14 -18.10
N HIS A 214 32.54 3.35 -18.37
CA HIS A 214 32.14 3.81 -19.70
C HIS A 214 33.31 3.95 -20.70
N ASN A 215 34.54 4.08 -20.19
CA ASN A 215 35.79 4.24 -20.94
C ASN A 215 36.62 2.94 -21.05
N LEU A 216 36.29 1.89 -20.27
CA LEU A 216 36.87 0.56 -20.42
C LEU A 216 36.47 -0.09 -21.76
N ASN A 217 37.30 -1.01 -22.27
CA ASN A 217 37.19 -1.53 -23.63
C ASN A 217 35.96 -2.45 -23.88
N ASN A 218 35.40 -2.35 -25.08
CA ASN A 218 34.02 -2.81 -25.37
C ASN A 218 33.84 -4.34 -25.45
N GLN A 219 34.88 -5.14 -25.67
CA GLN A 219 34.74 -6.61 -25.71
C GLN A 219 34.67 -7.25 -24.32
N VAL A 220 35.01 -6.53 -23.25
CA VAL A 220 34.70 -6.93 -21.86
C VAL A 220 33.48 -6.18 -21.31
N VAL A 221 33.38 -4.87 -21.51
CA VAL A 221 32.16 -4.08 -21.18
C VAL A 221 31.16 -4.10 -22.35
N LYS A 222 30.62 -5.28 -22.64
CA LYS A 222 29.68 -5.53 -23.76
C LYS A 222 28.27 -4.97 -23.50
N GLU A 223 27.57 -4.67 -24.60
CA GLU A 223 26.11 -4.53 -24.66
C GLU A 223 25.42 -5.92 -24.48
N SER A 224 24.13 -5.97 -24.13
CA SER A 224 23.37 -7.22 -24.00
C SER A 224 22.95 -7.84 -25.33
N LEU A 225 23.19 -7.13 -26.44
CA LEU A 225 22.89 -7.47 -27.84
C LEU A 225 24.11 -7.13 -28.74
N GLU A 226 24.16 -7.64 -29.97
CA GLU A 226 25.25 -7.36 -30.92
C GLU A 226 24.73 -6.86 -32.28
N VAL A 227 25.39 -5.86 -32.85
CA VAL A 227 25.04 -5.31 -34.17
C VAL A 227 25.52 -6.18 -35.35
N LYS A 228 26.68 -6.83 -35.21
CA LYS A 228 27.36 -7.62 -36.25
C LYS A 228 27.69 -6.84 -37.55
N ALA A 229 28.24 -7.53 -38.55
CA ALA A 229 28.65 -6.95 -39.84
C ALA A 229 27.48 -6.65 -40.80
N THR A 230 26.30 -7.25 -40.58
CA THR A 230 25.10 -7.13 -41.42
C THR A 230 25.33 -7.47 -42.92
N GLN A 231 26.29 -8.35 -43.22
CA GLN A 231 26.73 -8.67 -44.59
C GLN A 231 25.65 -9.35 -45.46
N SER A 232 24.72 -10.07 -44.85
CA SER A 232 23.56 -10.69 -45.50
C SER A 232 22.37 -9.71 -45.72
N SER A 233 22.60 -8.41 -45.53
CA SER A 233 21.59 -7.37 -45.25
C SER A 233 20.87 -7.57 -43.90
N PHE A 234 20.49 -6.48 -43.24
CA PHE A 234 19.91 -6.51 -41.90
C PHE A 234 18.47 -7.04 -41.91
N ASN A 235 18.16 -7.90 -40.94
CA ASN A 235 16.82 -8.45 -40.70
C ASN A 235 16.67 -8.71 -39.18
N PRO A 236 15.87 -7.92 -38.44
CA PRO A 236 15.78 -8.03 -36.99
C PRO A 236 15.07 -9.31 -36.51
N THR A 237 14.44 -10.08 -37.41
CA THR A 237 13.84 -11.40 -37.08
C THR A 237 14.90 -12.52 -36.96
N GLN A 238 16.15 -12.30 -37.39
CA GLN A 238 17.21 -13.34 -37.34
C GLN A 238 17.63 -13.73 -35.92
N ARG A 239 17.41 -12.85 -34.93
CA ARG A 239 17.67 -13.10 -33.50
C ARG A 239 16.47 -13.72 -32.76
N LEU A 240 15.34 -13.93 -33.43
CA LEU A 240 14.06 -14.29 -32.80
C LEU A 240 13.67 -15.77 -33.08
N GLN A 241 13.44 -16.55 -32.02
CA GLN A 241 12.75 -17.84 -32.14
C GLN A 241 11.26 -17.58 -32.43
N LYS A 242 10.71 -18.13 -33.52
CA LYS A 242 9.47 -17.63 -34.14
C LYS A 242 8.42 -18.68 -34.55
N ASP A 243 8.84 -19.92 -34.82
CA ASP A 243 7.95 -21.01 -35.24
C ASP A 243 7.01 -21.44 -34.10
N SER A 244 5.73 -21.67 -34.41
CA SER A 244 4.71 -22.02 -33.41
C SER A 244 4.65 -23.53 -33.06
N PRO A 245 4.20 -23.88 -31.84
CA PRO A 245 3.98 -25.26 -31.42
C PRO A 245 2.81 -25.95 -32.15
N VAL A 246 2.68 -27.26 -31.97
CA VAL A 246 1.73 -28.14 -32.67
C VAL A 246 1.27 -29.30 -31.78
N LYS A 247 0.09 -29.87 -32.07
CA LYS A 247 -0.44 -31.10 -31.43
C LYS A 247 0.51 -32.29 -31.62
N ASP A 248 0.82 -33.01 -30.55
CA ASP A 248 1.65 -34.23 -30.58
C ASP A 248 0.87 -35.43 -31.16
N SER A 249 1.31 -35.95 -32.30
CA SER A 249 0.71 -37.08 -33.03
C SER A 249 0.70 -38.41 -32.27
N SER A 250 1.37 -38.51 -31.11
CA SER A 250 1.45 -39.72 -30.29
C SER A 250 0.99 -39.51 -28.83
N LYS A 251 0.36 -38.38 -28.49
CA LYS A 251 -0.01 -38.01 -27.09
C LYS A 251 -1.34 -37.25 -26.96
N GLN A 252 -2.28 -37.48 -27.88
CA GLN A 252 -3.60 -36.83 -27.90
C GLN A 252 -4.52 -37.29 -26.75
N GLY A 253 -4.36 -38.52 -26.25
CA GLY A 253 -5.33 -39.16 -25.35
C GLY A 253 -5.41 -38.59 -23.93
N GLU A 254 -4.44 -37.78 -23.49
CA GLU A 254 -4.38 -37.27 -22.12
C GLU A 254 -5.13 -35.94 -21.88
N LYS A 255 -5.78 -35.38 -22.92
CA LYS A 255 -6.58 -34.14 -22.88
C LYS A 255 -7.62 -34.12 -21.75
N LEU A 256 -7.92 -32.92 -21.23
CA LEU A 256 -8.86 -32.75 -20.11
C LEU A 256 -10.27 -33.25 -20.48
N SER A 257 -10.87 -34.05 -19.59
CA SER A 257 -12.16 -34.71 -19.84
C SER A 257 -13.36 -33.76 -19.71
N GLU A 258 -14.31 -33.89 -20.63
CA GLU A 258 -15.63 -33.26 -20.56
C GLU A 258 -16.46 -33.87 -19.42
N THR A 259 -17.13 -33.04 -18.62
CA THR A 259 -17.94 -33.47 -17.47
C THR A 259 -19.15 -34.30 -17.92
N THR A 260 -19.13 -35.61 -17.69
CA THR A 260 -20.15 -36.56 -18.20
C THR A 260 -21.53 -36.42 -17.53
N ALA A 261 -21.58 -36.03 -16.27
CA ALA A 261 -22.81 -35.72 -15.53
C ALA A 261 -22.59 -34.50 -14.62
N SER A 262 -23.55 -33.59 -14.54
CA SER A 262 -23.44 -32.31 -13.82
C SER A 262 -24.55 -32.14 -12.79
N SER A 263 -24.19 -31.72 -11.57
CA SER A 263 -25.09 -31.72 -10.40
C SER A 263 -26.29 -30.76 -10.56
N MET A 264 -27.49 -31.22 -10.18
CA MET A 264 -28.72 -30.44 -10.34
C MET A 264 -28.79 -29.23 -9.41
N SER A 265 -28.30 -29.34 -8.16
CA SER A 265 -28.39 -28.31 -7.11
C SER A 265 -29.83 -27.83 -6.82
N SER A 266 -30.81 -28.70 -7.05
CA SER A 266 -32.26 -28.41 -7.04
C SER A 266 -32.73 -27.34 -8.05
N GLY A 267 -31.95 -27.08 -9.10
CA GLY A 267 -32.30 -26.19 -10.22
C GLY A 267 -33.20 -26.83 -11.27
N MET A 268 -33.59 -26.07 -12.30
CA MET A 268 -34.53 -26.52 -13.34
C MET A 268 -34.11 -26.22 -14.80
N ALA A 269 -33.29 -25.19 -15.06
CA ALA A 269 -32.84 -24.85 -16.41
C ALA A 269 -31.92 -25.93 -17.05
N THR A 270 -31.74 -25.89 -18.37
CA THR A 270 -30.92 -26.87 -19.15
C THR A 270 -30.31 -26.23 -20.41
N SER A 271 -29.21 -26.81 -20.92
CA SER A 271 -28.46 -26.30 -22.08
C SER A 271 -27.86 -27.44 -22.92
N THR A 272 -27.73 -27.20 -24.23
CA THR A 272 -27.20 -28.20 -25.21
C THR A 272 -25.69 -28.11 -25.41
N ARG A 273 -25.06 -26.96 -25.09
CA ARG A 273 -23.61 -26.71 -25.25
C ARG A 273 -22.73 -27.75 -24.52
N ALA A 274 -21.55 -28.04 -25.08
CA ALA A 274 -20.56 -28.94 -24.49
C ALA A 274 -20.25 -28.62 -23.02
N LYS A 275 -20.07 -29.65 -22.20
CA LYS A 275 -19.98 -29.55 -20.73
C LYS A 275 -18.59 -29.03 -20.27
N ALA A 276 -18.49 -28.58 -19.03
CA ALA A 276 -17.23 -28.07 -18.46
C ALA A 276 -16.09 -29.11 -18.49
N LEU A 277 -14.84 -28.66 -18.61
CA LEU A 277 -13.66 -29.53 -18.47
C LEU A 277 -13.30 -29.69 -16.99
N LYS A 278 -13.05 -30.93 -16.53
CA LYS A 278 -12.52 -31.20 -15.18
C LYS A 278 -11.02 -30.91 -15.07
N VAL A 279 -10.58 -30.56 -13.87
CA VAL A 279 -9.17 -30.50 -13.44
C VAL A 279 -9.08 -31.13 -12.05
N GLU A 280 -8.57 -32.36 -11.98
CA GLU A 280 -8.42 -33.11 -10.72
C GLU A 280 -6.95 -33.18 -10.27
N VAL A 281 -6.71 -32.88 -8.99
CA VAL A 281 -5.38 -32.87 -8.38
C VAL A 281 -5.44 -33.38 -6.94
N GLU A 282 -4.72 -34.46 -6.61
CA GLU A 282 -4.64 -34.96 -5.23
C GLU A 282 -3.31 -35.68 -4.93
N ARG A 283 -2.88 -35.62 -3.67
CA ARG A 283 -1.52 -35.96 -3.23
C ARG A 283 -1.15 -37.45 -3.38
N GLY A 284 -2.13 -38.34 -3.36
CA GLY A 284 -1.91 -39.80 -3.41
C GLY A 284 -1.13 -40.33 -2.18
N SER A 285 -0.51 -41.50 -2.35
CA SER A 285 0.29 -42.18 -1.31
C SER A 285 1.77 -42.36 -1.69
N GLN A 286 2.16 -42.15 -2.95
CA GLN A 286 3.54 -42.31 -3.43
C GLN A 286 4.44 -41.13 -3.00
N SER A 287 5.74 -41.37 -2.83
CA SER A 287 6.69 -40.37 -2.30
C SER A 287 6.82 -39.12 -3.19
N ASP A 288 7.07 -39.28 -4.48
CA ASP A 288 7.36 -38.19 -5.43
C ASP A 288 6.42 -38.17 -6.67
N SER A 289 5.21 -38.72 -6.55
CA SER A 289 4.14 -38.63 -7.54
C SER A 289 2.82 -38.30 -6.88
N LEU A 290 2.03 -37.41 -7.48
CA LEU A 290 0.61 -37.28 -7.17
C LEU A 290 -0.18 -38.50 -7.69
N LEU A 291 -1.44 -38.66 -7.26
CA LEU A 291 -2.37 -39.65 -7.84
C LEU A 291 -3.08 -39.11 -9.09
N LYS A 292 -3.37 -37.80 -9.13
CA LYS A 292 -3.72 -37.03 -10.32
C LYS A 292 -3.13 -35.62 -10.24
N ASN A 293 -2.85 -35.02 -11.40
CA ASN A 293 -2.30 -33.67 -11.52
C ASN A 293 -2.69 -33.04 -12.87
N ASP A 294 -3.98 -32.80 -13.12
CA ASP A 294 -4.47 -32.37 -14.45
C ASP A 294 -3.93 -31.00 -14.95
N PHE A 295 -3.38 -30.15 -14.08
CA PHE A 295 -2.64 -28.95 -14.53
C PHE A 295 -1.35 -29.27 -15.31
N ALA A 296 -0.76 -30.45 -15.12
CA ALA A 296 0.52 -30.85 -15.73
C ALA A 296 0.39 -31.45 -17.14
N LYS A 297 -0.84 -31.66 -17.65
CA LYS A 297 -1.11 -32.24 -18.97
C LYS A 297 -0.50 -31.41 -20.10
N LYS A 298 0.06 -32.09 -21.12
CA LYS A 298 0.96 -31.51 -22.14
C LYS A 298 0.82 -32.23 -23.50
N PRO A 299 -0.31 -32.08 -24.20
CA PRO A 299 -0.52 -32.68 -25.53
C PRO A 299 0.05 -31.88 -26.72
N LEU A 300 0.62 -30.68 -26.49
CA LEU A 300 1.36 -29.89 -27.50
C LEU A 300 2.87 -30.11 -27.40
N LYS A 301 3.58 -29.91 -28.52
CA LYS A 301 5.05 -29.90 -28.62
C LYS A 301 5.56 -28.82 -29.59
N HIS A 302 6.84 -28.47 -29.51
CA HIS A 302 7.48 -27.45 -30.36
C HIS A 302 7.76 -27.91 -31.81
N LYS A 303 8.04 -26.95 -32.69
CA LYS A 303 8.45 -27.18 -34.09
C LYS A 303 9.86 -27.77 -34.15
N ASN A 304 10.16 -28.54 -35.20
CA ASN A 304 11.47 -29.19 -35.45
C ASN A 304 12.23 -28.56 -36.65
N SER A 305 12.10 -27.25 -36.84
CA SER A 305 12.74 -26.49 -37.93
C SER A 305 14.27 -26.42 -37.77
N SER A 306 14.99 -27.34 -38.42
CA SER A 306 16.43 -27.55 -38.23
C SER A 306 16.81 -27.88 -36.76
N GLY A 307 16.11 -28.87 -36.19
CA GLY A 307 16.14 -29.18 -34.76
C GLY A 307 15.04 -28.47 -33.97
N GLU A 308 14.86 -28.84 -32.69
CA GLU A 308 13.76 -28.34 -31.87
C GLU A 308 13.91 -26.85 -31.48
N VAL A 309 12.85 -26.06 -31.65
CA VAL A 309 12.80 -24.65 -31.21
C VAL A 309 12.36 -24.54 -29.74
N LYS A 310 13.26 -24.07 -28.87
CA LYS A 310 13.01 -23.76 -27.45
C LYS A 310 14.12 -22.85 -26.91
N LEU A 311 13.89 -22.20 -25.77
CA LEU A 311 14.91 -21.32 -25.15
C LEU A 311 16.07 -22.17 -24.60
N GLU A 312 17.27 -21.98 -25.14
CA GLU A 312 18.43 -22.86 -24.94
C GLU A 312 19.73 -22.05 -25.10
N ALA A 313 20.20 -21.45 -24.00
CA ALA A 313 21.24 -20.41 -24.04
C ALA A 313 22.54 -20.85 -24.74
N GLU A 314 23.01 -22.07 -24.50
CA GLU A 314 24.29 -22.58 -25.03
C GLU A 314 24.34 -22.76 -26.56
N LYS A 315 23.19 -22.79 -27.26
CA LYS A 315 23.14 -22.78 -28.75
C LYS A 315 22.70 -21.44 -29.36
N GLU A 316 22.50 -20.42 -28.55
CA GLU A 316 21.97 -19.11 -28.96
C GLU A 316 22.92 -17.95 -28.61
N PHE A 317 23.43 -17.90 -27.39
CA PHE A 317 24.39 -16.89 -26.92
C PHE A 317 25.83 -17.40 -27.07
N THR A 318 26.32 -17.46 -28.31
CA THR A 318 27.67 -17.93 -28.66
C THR A 318 28.80 -17.04 -28.11
N GLU A 319 28.50 -15.79 -27.75
CA GLU A 319 29.38 -14.86 -27.04
C GLU A 319 28.62 -14.16 -25.89
N ALA A 320 28.12 -14.96 -24.95
CA ALA A 320 27.19 -14.52 -23.90
C ALA A 320 27.71 -13.35 -23.05
N TRP A 321 26.84 -12.35 -22.84
CA TRP A 321 27.06 -11.27 -21.88
C TRP A 321 27.04 -11.79 -20.43
N LYS A 322 27.99 -11.34 -19.61
CA LYS A 322 28.07 -11.60 -18.15
C LYS A 322 28.56 -10.35 -17.41
N PRO A 323 28.21 -10.16 -16.12
CA PRO A 323 28.72 -9.05 -15.30
C PRO A 323 30.26 -8.96 -15.22
N LEU A 324 30.78 -7.78 -14.86
CA LEU A 324 32.22 -7.61 -14.59
C LEU A 324 32.69 -8.48 -13.42
N LEU A 325 31.98 -8.48 -12.29
CA LEU A 325 32.24 -9.34 -11.12
C LEU A 325 30.93 -9.86 -10.50
N THR A 326 31.00 -11.04 -9.90
CA THR A 326 29.86 -11.70 -9.21
C THR A 326 29.63 -11.14 -7.81
N THR A 327 28.46 -11.40 -7.24
CA THR A 327 28.11 -10.96 -5.88
C THR A 327 29.04 -11.52 -4.80
N ASP A 328 29.56 -12.74 -4.97
CA ASP A 328 30.54 -13.35 -4.06
C ASP A 328 31.93 -12.72 -4.22
N GLN A 329 32.35 -12.41 -5.45
CA GLN A 329 33.63 -11.75 -5.71
C GLN A 329 33.67 -10.34 -5.08
N ILE A 330 32.62 -9.54 -5.28
CA ILE A 330 32.56 -8.16 -4.75
C ILE A 330 32.56 -8.14 -3.21
N ALA A 331 32.00 -9.18 -2.58
CA ALA A 331 32.01 -9.34 -1.12
C ALA A 331 33.40 -9.73 -0.56
N ARG A 332 34.10 -10.67 -1.21
CA ARG A 332 35.41 -11.18 -0.75
C ARG A 332 36.60 -10.31 -1.15
N GLU A 333 36.58 -9.73 -2.35
CA GLU A 333 37.62 -8.84 -2.86
C GLU A 333 37.40 -7.41 -2.35
N LYS A 334 37.93 -7.11 -1.16
CA LYS A 334 37.59 -5.89 -0.39
C LYS A 334 37.92 -4.57 -1.11
N GLY A 335 38.83 -4.60 -2.09
CA GLY A 335 39.14 -3.48 -2.97
C GLY A 335 38.06 -3.14 -4.02
N MET A 336 37.18 -4.09 -4.36
CA MET A 336 36.14 -3.92 -5.41
C MET A 336 34.74 -3.58 -4.87
N GLY A 337 34.47 -3.76 -3.57
CA GLY A 337 33.21 -3.31 -2.94
C GLY A 337 33.18 -1.80 -2.64
N ALA A 338 32.00 -1.20 -2.59
CA ALA A 338 31.79 0.15 -2.07
C ALA A 338 31.94 0.20 -0.54
N THR A 339 32.34 1.36 -0.01
CA THR A 339 32.60 1.55 1.42
C THR A 339 32.00 2.87 1.91
N VAL A 340 31.37 2.89 3.08
CA VAL A 340 31.02 4.14 3.78
C VAL A 340 31.89 4.26 5.02
N VAL A 341 32.40 5.47 5.29
CA VAL A 341 33.13 5.77 6.53
C VAL A 341 32.48 6.92 7.27
N SER A 342 32.46 6.85 8.60
CA SER A 342 32.20 8.03 9.43
C SER A 342 33.50 8.80 9.67
N PHE A 343 33.41 10.12 9.82
CA PHE A 343 34.55 10.99 10.08
C PHE A 343 34.13 12.27 10.81
N TYR A 344 35.10 12.97 11.38
CA TYR A 344 34.89 14.19 12.14
C TYR A 344 35.66 15.36 11.51
N ASP A 345 35.05 16.55 11.51
CA ASP A 345 35.59 17.76 10.90
C ASP A 345 35.34 19.01 11.75
N ALA A 346 36.35 19.87 11.87
CA ALA A 346 36.29 21.15 12.56
C ALA A 346 37.21 22.18 11.83
N PRO A 347 36.65 23.23 11.20
CA PRO A 347 37.35 24.00 10.17
C PRO A 347 38.52 24.88 10.62
N TYR A 348 38.63 25.20 11.91
CA TYR A 348 39.64 26.15 12.43
C TYR A 348 40.54 25.57 13.55
N SER A 349 40.47 24.26 13.78
CA SER A 349 41.30 23.52 14.75
C SER A 349 42.72 23.23 14.23
N GLU A 350 43.65 22.89 15.13
CA GLU A 350 44.94 22.28 14.75
C GLU A 350 44.73 20.88 14.11
N ASN A 351 44.11 19.94 14.83
CA ASN A 351 43.66 18.65 14.30
C ASN A 351 42.28 18.78 13.63
N HIS A 352 42.23 19.37 12.43
CA HIS A 352 40.99 19.76 11.76
C HIS A 352 40.11 18.59 11.28
N THR A 353 40.68 17.44 10.92
CA THR A 353 39.94 16.25 10.44
C THR A 353 40.57 14.93 10.88
N ALA A 354 39.74 13.95 11.23
CA ALA A 354 40.16 12.57 11.55
C ALA A 354 38.99 11.57 11.40
N PHE A 355 39.30 10.28 11.25
CA PHE A 355 38.32 9.25 10.89
C PHE A 355 37.63 8.58 12.09
N GLY A 356 36.39 8.14 11.90
CA GLY A 356 35.63 7.32 12.84
C GLY A 356 35.76 5.83 12.53
N LEU A 357 34.71 5.25 11.93
CA LEU A 357 34.57 3.81 11.62
C LEU A 357 34.41 3.57 10.10
N VAL A 358 34.83 2.39 9.63
CA VAL A 358 34.78 1.95 8.23
C VAL A 358 33.81 0.77 8.08
N ASP A 359 32.87 0.84 7.13
CA ASP A 359 31.98 -0.28 6.77
C ASP A 359 31.90 -0.52 5.25
N HIS A 360 32.14 -1.76 4.84
CA HIS A 360 31.90 -2.23 3.48
C HIS A 360 30.39 -2.44 3.23
N ILE A 361 29.89 -1.97 2.08
CA ILE A 361 28.50 -2.15 1.67
C ILE A 361 28.36 -3.53 1.01
N ASP A 362 28.52 -4.56 1.83
CA ASP A 362 28.74 -5.96 1.43
C ASP A 362 27.51 -6.55 0.68
N PRO A 363 27.65 -6.98 -0.59
CA PRO A 363 26.57 -7.60 -1.36
C PRO A 363 25.87 -8.77 -0.67
N LYS A 364 26.57 -9.58 0.15
CA LYS A 364 25.94 -10.71 0.86
C LYS A 364 24.94 -10.22 1.90
N LYS A 365 25.13 -9.04 2.49
CA LYS A 365 24.16 -8.39 3.40
C LYS A 365 22.90 -7.90 2.69
N MET A 366 22.91 -7.78 1.36
CA MET A 366 21.71 -7.61 0.54
C MET A 366 21.14 -8.97 0.07
N VAL A 367 21.95 -9.81 -0.56
CA VAL A 367 21.49 -11.07 -1.18
C VAL A 367 20.95 -12.08 -0.15
N GLU A 368 21.55 -12.21 1.03
CA GLU A 368 21.02 -13.04 2.12
C GLU A 368 19.78 -12.44 2.81
N ASN A 369 19.38 -11.22 2.43
CA ASN A 369 18.13 -10.57 2.84
C ASN A 369 17.05 -10.60 1.72
N TYR A 370 17.33 -11.18 0.55
CA TYR A 370 16.30 -11.41 -0.47
C TYR A 370 15.25 -12.48 -0.03
N PRO A 371 13.97 -12.32 -0.39
CA PRO A 371 12.91 -13.31 -0.16
C PRO A 371 13.22 -14.72 -0.71
N PRO A 372 12.68 -15.81 -0.13
CA PRO A 372 12.93 -17.18 -0.58
C PRO A 372 12.63 -17.45 -2.05
N SER A 373 11.58 -16.84 -2.62
CA SER A 373 11.26 -16.97 -4.04
C SER A 373 12.36 -16.44 -4.98
N TRP A 374 13.19 -15.49 -4.52
CA TRP A 374 14.33 -14.96 -5.28
C TRP A 374 15.49 -15.98 -5.37
N LYS A 375 15.45 -17.10 -4.63
CA LYS A 375 16.32 -18.26 -4.86
C LYS A 375 15.90 -19.08 -6.09
N THR A 376 14.68 -18.89 -6.61
CA THR A 376 14.11 -19.60 -7.77
C THR A 376 13.36 -18.64 -8.70
N PRO A 377 14.01 -17.60 -9.28
CA PRO A 377 13.36 -16.59 -10.12
C PRO A 377 12.90 -17.12 -11.49
N LYS A 378 13.31 -18.35 -11.84
CA LYS A 378 12.80 -19.18 -12.94
C LYS A 378 11.38 -19.73 -12.71
N TRP A 379 10.82 -19.58 -11.50
CA TRP A 379 9.55 -20.22 -11.07
C TRP A 379 8.61 -19.23 -10.37
N ASN A 380 7.33 -19.56 -10.27
CA ASN A 380 6.30 -18.76 -9.59
C ASN A 380 5.25 -19.66 -8.92
N HIS A 381 4.39 -19.09 -8.07
CA HIS A 381 3.46 -19.85 -7.24
C HIS A 381 2.35 -20.58 -8.02
N HIS A 382 2.11 -20.28 -9.30
CA HIS A 382 1.23 -21.08 -10.19
C HIS A 382 1.93 -22.30 -10.77
N GLY A 383 3.24 -22.20 -11.01
CA GLY A 383 4.10 -23.30 -11.43
C GLY A 383 3.73 -23.93 -12.78
N ILE A 384 3.49 -25.24 -12.77
CA ILE A 384 3.48 -26.15 -13.93
C ILE A 384 2.66 -25.72 -15.15
N TRP A 385 1.39 -25.31 -15.00
CA TRP A 385 0.56 -24.97 -16.17
C TRP A 385 1.02 -23.66 -16.83
N ASP A 386 1.39 -22.67 -16.01
CA ASP A 386 1.89 -21.37 -16.47
C ASP A 386 3.26 -21.54 -17.15
N TYR A 387 4.15 -22.33 -16.52
CA TYR A 387 5.44 -22.73 -17.07
C TYR A 387 5.33 -23.34 -18.47
N ASN A 388 4.40 -24.28 -18.67
CA ASN A 388 4.18 -24.90 -19.98
C ASN A 388 3.57 -23.94 -21.00
N ALA A 389 2.55 -23.15 -20.64
CA ALA A 389 1.97 -22.15 -21.53
C ALA A 389 3.01 -21.13 -22.02
N ARG A 390 3.86 -20.62 -21.12
CA ARG A 390 4.99 -19.73 -21.44
C ARG A 390 6.02 -20.38 -22.36
N ASN A 391 6.44 -21.60 -22.06
CA ASN A 391 7.47 -22.28 -22.85
C ASN A 391 6.98 -22.64 -24.25
N LEU A 392 5.70 -23.04 -24.41
CA LEU A 392 5.06 -23.25 -25.71
C LEU A 392 5.01 -21.95 -26.54
N LEU A 393 4.68 -20.82 -25.92
CA LEU A 393 4.70 -19.50 -26.58
C LEU A 393 6.14 -18.91 -26.69
N LEU A 394 7.18 -19.67 -26.37
CA LEU A 394 8.59 -19.27 -26.45
C LEU A 394 8.94 -18.00 -25.64
N GLN A 395 8.28 -17.80 -24.50
CA GLN A 395 8.52 -16.68 -23.58
C GLN A 395 9.23 -17.12 -22.28
N THR A 396 9.66 -16.12 -21.50
CA THR A 396 10.26 -16.26 -20.17
C THR A 396 9.36 -17.00 -19.16
N THR A 397 9.97 -17.73 -18.23
CA THR A 397 9.32 -18.42 -17.10
C THR A 397 9.81 -17.91 -15.76
N GLY A 398 8.92 -17.91 -14.76
CA GLY A 398 9.18 -17.40 -13.41
C GLY A 398 8.59 -16.00 -13.16
N PHE A 399 9.41 -15.06 -12.71
CA PHE A 399 9.01 -13.65 -12.52
C PHE A 399 10.13 -12.62 -12.74
N PHE A 400 11.41 -13.01 -12.67
CA PHE A 400 12.56 -12.08 -12.79
C PHE A 400 13.78 -12.75 -13.47
N ASN A 401 13.53 -13.63 -14.44
CA ASN A 401 14.55 -14.45 -15.10
C ASN A 401 15.57 -13.62 -15.92
N PRO A 402 16.84 -14.07 -16.05
CA PRO A 402 17.90 -13.30 -16.70
C PRO A 402 17.74 -13.11 -18.21
N ARG A 403 16.79 -13.77 -18.89
CA ARG A 403 16.46 -13.47 -20.30
C ARG A 403 15.98 -12.03 -20.47
N ARG A 404 15.22 -11.51 -19.50
CA ARG A 404 14.83 -10.09 -19.44
C ARG A 404 15.76 -9.26 -18.57
N HIS A 405 16.19 -9.78 -17.41
CA HIS A 405 16.87 -8.99 -16.37
C HIS A 405 18.25 -9.56 -15.98
N PRO A 406 19.22 -9.72 -16.90
CA PRO A 406 20.49 -10.39 -16.61
C PRO A 406 21.39 -9.60 -15.65
N GLU A 407 21.12 -8.32 -15.41
CA GLU A 407 21.99 -7.41 -14.64
C GLU A 407 22.17 -7.84 -13.18
N TRP A 408 21.19 -8.57 -12.62
CA TRP A 408 21.24 -9.11 -11.26
C TRP A 408 21.71 -10.57 -11.16
N PHE A 409 22.21 -11.19 -12.25
CA PHE A 409 22.63 -12.59 -12.26
C PHE A 409 24.12 -12.75 -12.54
N ASP A 410 24.83 -13.49 -11.69
CA ASP A 410 26.29 -13.69 -11.77
C ASP A 410 26.77 -14.32 -13.09
N GLU A 411 25.90 -15.07 -13.80
CA GLU A 411 26.19 -15.70 -15.09
C GLU A 411 25.45 -15.06 -16.29
N GLY A 412 24.76 -13.93 -16.10
CA GLY A 412 24.16 -13.14 -17.19
C GLY A 412 23.32 -13.96 -18.19
N GLN A 413 23.57 -13.79 -19.50
CA GLN A 413 22.84 -14.47 -20.57
C GLN A 413 23.08 -16.00 -20.61
N ALA A 414 24.12 -16.53 -19.94
CA ALA A 414 24.38 -17.98 -19.94
C ALA A 414 23.30 -18.81 -19.21
N LYS A 415 22.46 -18.18 -18.39
CA LYS A 415 21.28 -18.80 -17.72
C LYS A 415 19.93 -18.26 -18.22
N ALA A 416 19.92 -17.56 -19.36
CA ALA A 416 18.72 -16.96 -19.98
C ALA A 416 17.86 -18.00 -20.73
N ASP A 417 17.37 -19.00 -19.99
CA ASP A 417 16.65 -20.17 -20.51
C ASP A 417 15.52 -20.59 -19.55
N ASN A 418 14.57 -21.41 -20.02
CA ASN A 418 13.48 -21.91 -19.17
C ASN A 418 13.82 -23.17 -18.35
N THR A 419 14.92 -23.88 -18.62
CA THR A 419 15.21 -25.17 -17.94
C THR A 419 15.69 -25.01 -16.49
N SER A 420 15.64 -26.12 -15.73
CA SER A 420 16.13 -26.24 -14.34
C SER A 420 15.64 -25.13 -13.39
N PRO A 421 14.31 -24.94 -13.21
CA PRO A 421 13.75 -23.79 -12.49
C PRO A 421 13.82 -23.85 -10.95
N GLY A 422 14.59 -24.78 -10.37
CA GLY A 422 14.51 -25.13 -8.94
C GLY A 422 13.40 -26.14 -8.61
N PHE A 423 12.70 -26.63 -9.64
CA PHE A 423 11.57 -27.57 -9.55
C PHE A 423 11.69 -28.65 -10.63
N LYS A 424 11.20 -29.86 -10.34
CA LYS A 424 11.16 -31.00 -11.26
C LYS A 424 10.11 -30.77 -12.35
N VAL A 425 10.54 -30.71 -13.61
CA VAL A 425 9.68 -30.44 -14.79
C VAL A 425 10.16 -31.19 -16.04
N GLY A 426 9.24 -31.52 -16.95
CA GLY A 426 9.54 -32.05 -18.28
C GLY A 426 9.65 -33.58 -18.39
N ASP A 427 9.27 -34.35 -17.36
CA ASP A 427 9.34 -35.82 -17.41
C ASP A 427 8.18 -36.46 -18.21
N THR A 428 8.25 -37.75 -18.52
CA THR A 428 7.28 -38.47 -19.37
C THR A 428 5.91 -38.73 -18.73
N ASP A 429 5.77 -38.54 -17.41
CA ASP A 429 4.54 -38.72 -16.65
C ASP A 429 4.10 -37.40 -15.99
N HIS A 430 2.90 -36.91 -16.29
CA HIS A 430 2.38 -35.64 -15.77
C HIS A 430 2.27 -35.60 -14.24
N LYS A 431 2.16 -36.75 -13.57
CA LYS A 431 2.06 -36.85 -12.10
C LYS A 431 3.41 -36.66 -11.39
N LYS A 432 4.53 -36.77 -12.12
CA LYS A 432 5.91 -36.70 -11.63
C LYS A 432 6.47 -35.28 -11.58
N ASP A 433 6.01 -34.38 -12.45
CA ASP A 433 6.39 -32.96 -12.42
C ASP A 433 5.79 -32.21 -11.20
N GLY A 434 6.41 -31.09 -10.81
CA GLY A 434 5.87 -30.17 -9.80
C GLY A 434 6.33 -30.42 -8.36
N PHE A 435 7.58 -30.84 -8.16
CA PHE A 435 8.22 -30.99 -6.84
C PHE A 435 9.48 -30.12 -6.72
N LYS A 436 9.73 -29.58 -5.52
CA LYS A 436 10.94 -28.81 -5.18
C LYS A 436 12.23 -29.62 -5.37
N LYS A 437 13.30 -28.99 -5.89
CA LYS A 437 14.66 -29.54 -5.92
C LYS A 437 15.73 -28.44 -5.71
N ASN A 438 17.01 -28.76 -5.89
CA ASN A 438 18.12 -27.81 -5.78
C ASN A 438 18.06 -26.69 -6.85
N SER A 439 18.62 -25.52 -6.53
CA SER A 439 18.67 -24.34 -7.41
C SER A 439 20.09 -23.85 -7.67
N SER A 440 20.35 -23.33 -8.87
CA SER A 440 21.67 -22.89 -9.35
C SER A 440 21.65 -21.55 -10.11
N SER A 441 20.52 -20.82 -10.10
CA SER A 441 20.40 -19.48 -10.70
C SER A 441 19.50 -18.53 -9.88
N PRO A 442 19.89 -18.19 -8.63
CA PRO A 442 19.18 -17.21 -7.79
C PRO A 442 19.42 -15.77 -8.25
N ILE A 443 18.60 -14.83 -7.79
CA ILE A 443 18.90 -13.39 -7.92
C ILE A 443 20.11 -13.04 -7.03
N ALA A 444 21.02 -12.22 -7.52
CA ALA A 444 22.25 -11.80 -6.87
C ALA A 444 22.39 -10.26 -6.88
N LEU A 445 23.61 -9.74 -6.65
CA LEU A 445 23.94 -8.33 -6.90
C LEU A 445 25.34 -8.19 -7.53
N PRO A 446 25.50 -8.53 -8.82
CA PRO A 446 26.73 -8.37 -9.59
C PRO A 446 27.14 -6.90 -9.82
N PHE A 447 28.36 -6.69 -10.32
CA PHE A 447 29.04 -5.39 -10.41
C PHE A 447 28.21 -4.26 -11.06
N GLU A 448 27.61 -4.52 -12.22
CA GLU A 448 26.81 -3.53 -12.94
C GLU A 448 25.59 -3.06 -12.12
N ALA A 449 24.79 -3.99 -11.60
CA ALA A 449 23.66 -3.66 -10.73
C ALA A 449 24.12 -3.06 -9.39
N TYR A 450 25.24 -3.53 -8.84
CA TYR A 450 25.76 -3.10 -7.55
C TYR A 450 25.97 -1.59 -7.48
N PHE A 451 26.66 -0.96 -8.43
CA PHE A 451 26.89 0.49 -8.37
C PHE A 451 25.66 1.34 -8.72
N ALA A 452 24.68 0.80 -9.45
CA ALA A 452 23.37 1.43 -9.55
C ALA A 452 22.58 1.36 -8.22
N ASN A 453 22.84 0.36 -7.39
CA ASN A 453 22.30 0.24 -6.03
C ASN A 453 23.06 1.07 -4.98
N ILE A 454 24.03 1.91 -5.38
CA ILE A 454 24.88 2.74 -4.52
C ILE A 454 24.68 4.23 -4.84
N GLY A 455 24.79 5.12 -3.83
CA GLY A 455 24.46 6.55 -3.91
C GLY A 455 23.12 6.92 -3.26
N ASN A 456 22.80 8.20 -3.21
CA ASN A 456 21.63 8.78 -2.53
C ASN A 456 21.56 8.41 -1.04
N MET A 457 22.45 9.02 -0.26
CA MET A 457 22.54 8.83 1.19
C MET A 457 21.56 9.72 1.97
N VAL A 458 21.18 9.28 3.18
CA VAL A 458 20.51 10.11 4.19
C VAL A 458 20.85 9.61 5.60
N ALA A 459 20.93 10.49 6.60
CA ALA A 459 21.17 10.13 8.00
C ALA A 459 19.91 10.32 8.87
N ILE A 460 19.59 9.34 9.71
CA ILE A 460 18.41 9.34 10.60
C ILE A 460 18.80 8.69 11.93
N GLY A 461 18.65 9.41 13.05
CA GLY A 461 19.10 8.93 14.36
C GLY A 461 20.58 8.55 14.39
N ASN A 462 20.91 7.48 15.13
CA ASN A 462 22.26 6.88 15.14
C ASN A 462 22.48 5.92 13.95
N SER A 463 22.06 6.30 12.74
CA SER A 463 22.19 5.48 11.52
C SER A 463 22.26 6.32 10.23
N VAL A 464 22.78 5.71 9.16
CA VAL A 464 22.88 6.31 7.82
C VAL A 464 22.47 5.29 6.76
N PHE A 465 21.80 5.74 5.71
CA PHE A 465 21.16 4.94 4.67
C PHE A 465 21.74 5.23 3.29
N ILE A 466 21.54 4.32 2.33
CA ILE A 466 21.93 4.45 0.91
C ILE A 466 20.78 3.92 0.04
N PHE A 467 20.05 4.81 -0.65
CA PHE A 467 18.87 4.45 -1.47
C PHE A 467 19.22 4.07 -2.92
N GLY A 468 20.48 4.10 -3.31
CA GLY A 468 20.95 3.77 -4.65
C GLY A 468 20.79 4.92 -5.65
N GLY A 469 21.48 4.82 -6.79
CA GLY A 469 21.60 5.89 -7.78
C GLY A 469 20.51 5.87 -8.86
N ASN A 470 20.75 6.60 -9.95
CA ASN A 470 19.98 6.52 -11.20
C ASN A 470 20.47 5.40 -12.16
N GLY A 471 21.69 4.87 -11.93
CA GLY A 471 22.31 3.80 -12.73
C GLY A 471 23.42 4.25 -13.69
N HIS A 472 23.66 5.56 -13.83
CA HIS A 472 24.71 6.09 -14.71
C HIS A 472 26.15 5.93 -14.16
N ALA A 473 26.36 5.07 -13.15
CA ALA A 473 27.65 4.43 -12.89
C ALA A 473 27.96 3.31 -13.92
N THR A 474 26.93 2.60 -14.40
CA THR A 474 27.07 1.28 -15.05
C THR A 474 26.09 1.00 -16.19
N LYS A 475 25.13 1.90 -16.47
CA LYS A 475 24.18 1.76 -17.58
C LYS A 475 24.87 1.83 -18.95
N MET A 476 24.49 0.91 -19.84
CA MET A 476 24.89 0.90 -21.27
C MET A 476 23.65 1.08 -22.17
N PHE A 477 23.77 1.05 -23.50
CA PHE A 477 22.63 1.35 -24.39
C PHE A 477 21.52 0.30 -24.34
N THR A 478 21.85 -0.97 -24.04
CA THR A 478 20.92 -2.12 -24.04
C THR A 478 20.86 -2.85 -22.69
N THR A 479 21.42 -2.27 -21.63
CA THR A 479 21.53 -2.91 -20.29
C THR A 479 21.11 -1.90 -19.21
N ASN A 480 20.26 -2.30 -18.27
CA ASN A 480 19.54 -1.41 -17.37
C ASN A 480 19.75 -1.74 -15.87
N PRO A 481 20.96 -1.50 -15.32
CA PRO A 481 21.18 -1.56 -13.88
C PRO A 481 20.45 -0.39 -13.19
N LEU A 482 19.81 -0.68 -12.05
CA LEU A 482 18.90 0.21 -11.32
C LEU A 482 19.06 0.01 -9.80
N SER A 483 18.62 0.97 -8.98
CA SER A 483 18.53 0.75 -7.53
C SER A 483 17.38 -0.20 -7.19
N ILE A 484 17.70 -1.40 -6.72
CA ILE A 484 16.74 -2.45 -6.33
C ILE A 484 16.40 -2.43 -4.83
N GLY A 485 17.08 -1.62 -4.01
CA GLY A 485 16.82 -1.56 -2.57
C GLY A 485 17.47 -0.40 -1.83
N VAL A 486 17.60 -0.57 -0.51
CA VAL A 486 18.21 0.40 0.42
C VAL A 486 19.21 -0.31 1.34
N PHE A 487 20.39 0.27 1.54
CA PHE A 487 21.32 -0.16 2.59
C PHE A 487 21.20 0.75 3.83
N ARG A 488 21.58 0.23 5.01
CA ARG A 488 21.72 0.97 6.26
C ARG A 488 23.01 0.58 6.99
N ILE A 489 23.70 1.57 7.55
CA ILE A 489 24.75 1.39 8.56
C ILE A 489 24.21 1.96 9.88
N LYS A 490 24.20 1.15 10.93
CA LYS A 490 23.67 1.49 12.25
C LYS A 490 24.81 1.50 13.27
N TYR A 491 24.80 2.47 14.19
CA TYR A 491 25.89 2.69 15.14
C TYR A 491 25.46 2.39 16.58
N THR A 492 26.37 1.81 17.36
CA THR A 492 26.12 1.26 18.70
C THR A 492 27.26 1.61 19.67
N ASP A 493 26.99 1.48 20.97
CA ASP A 493 27.89 1.88 22.07
C ASP A 493 28.39 3.33 21.91
N ASN A 494 27.45 4.26 21.69
CA ASN A 494 27.71 5.69 21.48
C ASN A 494 28.71 5.96 20.34
N PHE A 495 28.42 5.41 19.16
CA PHE A 495 29.28 5.44 17.97
C PHE A 495 30.68 4.80 18.18
N SER A 496 30.85 3.89 19.14
CA SER A 496 32.09 3.10 19.29
C SER A 496 32.11 1.86 18.39
N LYS A 497 30.95 1.37 17.95
CA LYS A 497 30.75 0.15 17.15
C LYS A 497 29.68 0.38 16.06
N SER A 498 29.60 -0.52 15.09
CA SER A 498 28.67 -0.43 13.96
C SER A 498 28.20 -1.79 13.43
N SER A 499 27.13 -1.76 12.63
CA SER A 499 26.55 -2.89 11.88
C SER A 499 26.06 -2.39 10.52
N VAL A 500 26.08 -3.25 9.48
CA VAL A 500 25.70 -2.89 8.10
C VAL A 500 24.75 -3.94 7.50
N THR A 501 23.77 -3.48 6.71
CA THR A 501 22.67 -4.28 6.18
C THR A 501 22.05 -3.63 4.93
N GLY A 502 21.20 -4.35 4.21
CA GLY A 502 20.25 -3.76 3.26
C GLY A 502 19.09 -4.68 2.88
N TRP A 503 18.07 -4.13 2.22
CA TRP A 503 16.87 -4.87 1.83
C TRP A 503 16.32 -4.37 0.47
N PRO A 504 15.69 -5.25 -0.34
CA PRO A 504 15.10 -4.86 -1.62
C PRO A 504 13.80 -4.06 -1.42
N TYR A 505 13.47 -3.15 -2.35
CA TYR A 505 12.25 -2.33 -2.26
C TYR A 505 10.95 -3.17 -2.25
N ALA A 506 10.97 -4.41 -2.75
CA ALA A 506 9.78 -5.27 -2.81
C ALA A 506 9.11 -5.51 -1.44
N VAL A 507 9.91 -5.79 -0.40
CA VAL A 507 9.42 -6.05 0.96
C VAL A 507 9.13 -4.75 1.75
N LEU A 508 9.55 -3.60 1.22
CA LEU A 508 9.27 -2.25 1.76
C LEU A 508 7.99 -1.63 1.16
N PHE A 509 7.82 -1.67 -0.16
CA PHE A 509 6.69 -1.04 -0.87
C PHE A 509 5.41 -1.89 -0.90
N GLY A 510 5.42 -3.15 -0.43
CA GLY A 510 4.24 -4.04 -0.52
C GLY A 510 2.98 -3.57 0.23
N GLY A 511 3.09 -2.59 1.14
CA GLY A 511 1.96 -1.97 1.84
C GLY A 511 1.21 -0.87 1.06
N LEU A 512 1.61 -0.55 -0.18
CA LEU A 512 0.93 0.43 -1.02
C LEU A 512 -0.55 0.06 -1.31
N ILE A 513 -1.44 1.05 -1.33
CA ILE A 513 -2.88 0.92 -1.57
C ILE A 513 -3.48 2.14 -2.30
N ASN A 514 -4.61 1.96 -2.99
CA ASN A 514 -5.31 3.04 -3.72
C ASN A 514 -5.61 4.32 -2.88
N PRO A 515 -5.99 4.24 -1.58
CA PRO A 515 -6.11 5.42 -0.70
C PRO A 515 -4.85 6.27 -0.48
N GLN A 516 -3.63 5.78 -0.75
CA GLN A 516 -2.36 6.49 -0.44
C GLN A 516 -1.86 7.44 -1.54
N THR A 517 -2.64 7.66 -2.61
CA THR A 517 -2.33 8.60 -3.70
C THR A 517 -3.52 9.48 -4.08
N ASN A 518 -3.29 10.77 -4.32
CA ASN A 518 -4.28 11.70 -4.88
C ASN A 518 -4.33 11.70 -6.43
N GLY A 519 -3.41 11.00 -7.10
CA GLY A 519 -3.41 10.80 -8.55
C GLY A 519 -4.30 9.63 -9.00
N LEU A 520 -3.94 8.97 -10.11
CA LEU A 520 -4.66 7.81 -10.62
C LEU A 520 -4.61 6.62 -9.65
N LYS A 521 -5.64 5.77 -9.74
CA LYS A 521 -5.76 4.49 -9.01
C LYS A 521 -5.32 3.32 -9.90
N ASP A 522 -5.14 2.13 -9.31
CA ASP A 522 -4.95 0.85 -10.01
C ASP A 522 -3.64 0.71 -10.83
N LEU A 523 -2.55 1.36 -10.43
CA LEU A 523 -1.24 1.19 -11.08
C LEU A 523 -0.63 -0.19 -10.75
N PRO A 524 0.26 -0.77 -11.60
CA PRO A 524 0.83 -2.11 -11.44
C PRO A 524 1.94 -2.18 -10.38
N LEU A 525 1.61 -1.75 -9.16
CA LEU A 525 2.51 -1.65 -8.01
C LEU A 525 2.13 -2.63 -6.88
N GLY A 526 1.17 -3.53 -7.10
CA GLY A 526 0.71 -4.52 -6.14
C GLY A 526 1.59 -5.77 -6.05
N THR A 527 1.45 -6.52 -4.96
CA THR A 527 2.21 -7.76 -4.67
C THR A 527 1.38 -8.72 -3.81
N ASN A 528 1.96 -9.81 -3.31
CA ASN A 528 1.31 -10.79 -2.41
C ASN A 528 2.36 -11.40 -1.44
N ARG A 529 2.02 -12.49 -0.73
CA ARG A 529 2.93 -13.20 0.20
C ARG A 529 4.24 -13.72 -0.45
N TRP A 530 4.29 -13.84 -1.77
CA TRP A 530 5.51 -14.04 -2.56
C TRP A 530 5.88 -12.74 -3.29
N PHE A 531 7.09 -12.23 -3.06
CA PHE A 531 7.56 -10.96 -3.62
C PHE A 531 8.04 -11.09 -5.07
N GLU A 532 7.14 -11.49 -5.96
CA GLU A 532 7.38 -11.66 -7.41
C GLU A 532 7.23 -10.35 -8.22
N TYR A 533 6.52 -9.36 -7.70
CA TYR A 533 6.69 -7.96 -8.14
C TYR A 533 8.02 -7.45 -7.59
N VAL A 534 8.93 -7.03 -8.48
CA VAL A 534 10.28 -6.58 -8.14
C VAL A 534 10.44 -5.10 -8.52
N PRO A 535 10.02 -4.15 -7.67
CA PRO A 535 10.26 -2.73 -7.89
C PRO A 535 11.75 -2.40 -7.82
N ARG A 536 12.22 -1.59 -8.76
CA ARG A 536 13.51 -0.91 -8.72
C ARG A 536 13.39 0.47 -9.36
N MET A 537 14.29 1.38 -9.02
CA MET A 537 14.21 2.80 -9.37
C MET A 537 15.50 3.32 -9.97
N ALA A 538 15.37 4.31 -10.86
CA ALA A 538 16.41 5.30 -11.03
C ALA A 538 16.10 6.42 -10.04
N VAL A 539 16.95 6.62 -9.04
CA VAL A 539 16.59 7.39 -7.84
C VAL A 539 17.10 8.82 -7.96
N SER A 540 16.19 9.79 -7.82
CA SER A 540 16.50 11.23 -7.83
C SER A 540 17.10 11.71 -6.50
N GLY A 541 16.65 11.13 -5.38
CA GLY A 541 17.24 11.35 -4.06
C GLY A 541 16.26 11.14 -2.90
N VAL A 542 16.78 11.34 -1.69
CA VAL A 542 16.02 11.35 -0.43
C VAL A 542 16.38 12.60 0.38
N LYS A 543 15.37 13.36 0.83
CA LYS A 543 15.54 14.62 1.59
C LYS A 543 14.38 14.88 2.56
N TRP A 544 14.64 15.73 3.55
CA TRP A 544 13.62 16.30 4.45
C TRP A 544 12.86 17.44 3.75
N VAL A 545 11.57 17.27 3.49
CA VAL A 545 10.63 18.33 3.07
C VAL A 545 9.92 18.84 4.31
N GLY A 546 10.47 19.89 4.94
CA GLY A 546 10.02 20.35 6.25
C GLY A 546 10.17 19.24 7.31
N ASN A 547 9.05 18.86 7.93
CA ASN A 547 8.98 17.77 8.91
C ASN A 547 8.92 16.35 8.30
N GLN A 548 8.65 16.22 6.99
CA GLN A 548 8.41 14.92 6.32
C GLN A 548 9.64 14.45 5.53
N LEU A 549 10.08 13.20 5.71
CA LEU A 549 11.13 12.61 4.87
C LEU A 549 10.53 12.08 3.55
N VAL A 550 11.16 12.42 2.42
CA VAL A 550 10.64 12.15 1.06
C VAL A 550 11.68 11.45 0.19
N LEU A 551 11.21 10.53 -0.66
CA LEU A 551 11.96 9.82 -1.71
C LEU A 551 11.40 10.20 -3.09
N ALA A 552 12.24 10.28 -4.11
CA ALA A 552 11.84 10.60 -5.48
C ALA A 552 12.68 9.89 -6.57
N GLY A 553 12.15 9.79 -7.78
CA GLY A 553 12.85 9.25 -8.95
C GLY A 553 11.93 8.79 -10.08
N THR A 554 12.36 7.78 -10.84
CA THR A 554 11.51 7.00 -11.75
C THR A 554 11.54 5.53 -11.34
N LEU A 555 10.41 4.85 -11.50
CA LEU A 555 10.11 3.53 -10.92
C LEU A 555 9.69 2.53 -12.01
N THR A 556 10.03 1.26 -11.81
CA THR A 556 9.49 0.15 -12.60
C THR A 556 8.15 -0.35 -12.03
N MET A 557 7.07 -0.25 -12.79
CA MET A 557 5.86 -1.05 -12.59
C MET A 557 6.13 -2.55 -12.84
N GLY A 558 5.15 -3.42 -12.59
CA GLY A 558 5.05 -4.70 -13.31
C GLY A 558 4.89 -4.50 -14.83
N ASP A 559 5.14 -5.54 -15.61
CA ASP A 559 5.04 -5.48 -17.09
C ASP A 559 3.58 -5.29 -17.54
N THR A 560 3.27 -4.14 -18.13
CA THR A 560 1.96 -3.81 -18.71
C THR A 560 1.79 -4.30 -20.15
N ALA A 561 2.86 -4.56 -20.88
CA ALA A 561 2.81 -4.78 -22.33
C ALA A 561 2.49 -6.23 -22.69
N THR A 562 3.20 -7.21 -22.12
CA THR A 562 3.09 -8.63 -22.53
C THR A 562 2.01 -9.44 -21.76
N VAL A 563 1.04 -8.76 -21.13
CA VAL A 563 -0.06 -9.41 -20.39
C VAL A 563 -1.03 -10.20 -21.28
N PRO A 564 -1.46 -9.70 -22.47
CA PRO A 564 -2.18 -10.52 -23.45
C PRO A 564 -1.31 -11.69 -23.96
N ARG A 565 -1.92 -12.84 -24.28
CA ARG A 565 -1.19 -14.06 -24.69
C ARG A 565 -1.75 -14.64 -25.99
N LEU A 566 -0.86 -15.11 -26.87
CA LEU A 566 -1.18 -15.56 -28.24
C LEU A 566 -1.99 -16.88 -28.26
N LYS A 567 -2.82 -17.10 -29.28
CA LYS A 567 -3.30 -18.45 -29.64
C LYS A 567 -2.12 -19.28 -30.14
N TYR A 568 -2.06 -20.56 -29.75
CA TYR A 568 -0.83 -21.36 -29.83
C TYR A 568 -0.17 -21.41 -31.22
N ASP A 569 -0.93 -21.41 -32.32
CA ASP A 569 -0.38 -21.57 -33.68
C ASP A 569 0.11 -20.26 -34.33
N GLN A 570 -0.18 -19.08 -33.78
CA GLN A 570 -0.08 -17.80 -34.49
C GLN A 570 1.19 -16.96 -34.26
N LEU A 571 2.24 -17.49 -33.62
CA LEU A 571 3.50 -16.76 -33.36
C LEU A 571 4.12 -16.17 -34.64
N GLU A 572 3.95 -16.84 -35.79
CA GLU A 572 4.49 -16.47 -37.11
C GLU A 572 3.93 -15.14 -37.68
N LYS A 573 2.88 -14.57 -37.08
CA LYS A 573 2.20 -13.35 -37.55
C LYS A 573 2.01 -12.24 -36.49
N HIS A 574 2.66 -12.38 -35.32
CA HIS A 574 2.63 -11.39 -34.21
C HIS A 574 4.02 -11.16 -33.59
N LEU A 575 5.03 -10.94 -34.45
CA LEU A 575 6.45 -10.95 -34.06
C LEU A 575 6.85 -9.94 -32.96
N ASN A 576 6.24 -8.75 -32.91
CA ASN A 576 6.57 -7.76 -31.86
C ASN A 576 6.15 -8.24 -30.45
N LEU A 577 4.97 -8.83 -30.27
CA LEU A 577 4.52 -9.28 -28.94
C LEU A 577 5.38 -10.42 -28.40
N VAL A 578 5.77 -11.38 -29.25
CA VAL A 578 6.72 -12.43 -28.86
C VAL A 578 8.14 -11.88 -28.65
N ALA A 579 8.65 -10.97 -29.49
CA ALA A 579 9.96 -10.34 -29.26
C ALA A 579 10.02 -9.51 -27.96
N GLN A 580 8.93 -8.82 -27.59
CA GLN A 580 8.79 -8.08 -26.33
C GLN A 580 8.71 -9.03 -25.13
N GLY A 581 8.25 -10.26 -25.33
CA GLY A 581 8.29 -11.36 -24.34
C GLY A 581 9.59 -12.16 -24.29
N GLN A 582 10.49 -11.98 -25.28
CA GLN A 582 11.73 -12.74 -25.49
C GLN A 582 12.99 -12.07 -24.92
N GLY A 583 12.91 -10.84 -24.41
CA GLY A 583 14.09 -10.04 -24.06
C GLY A 583 14.80 -9.38 -25.26
N LEU A 584 14.27 -9.55 -26.48
CA LEU A 584 14.85 -8.98 -27.71
C LEU A 584 14.41 -7.52 -27.93
N LEU A 585 13.12 -7.24 -27.76
CA LEU A 585 12.53 -5.89 -27.76
C LEU A 585 12.40 -5.42 -26.30
N ARG A 586 13.45 -4.78 -25.77
CA ARG A 586 13.53 -4.25 -24.39
C ARG A 586 12.73 -2.96 -24.22
N GLU A 587 11.44 -3.02 -24.50
CA GLU A 587 10.50 -1.90 -24.49
C GLU A 587 9.29 -2.21 -23.60
N ASP A 588 8.83 -1.23 -22.84
CA ASP A 588 7.77 -1.37 -21.83
C ASP A 588 6.45 -0.72 -22.26
N LEU A 589 6.44 0.06 -23.35
CA LEU A 589 5.20 0.60 -23.92
C LEU A 589 4.29 -0.51 -24.45
N GLN A 590 3.00 -0.37 -24.21
CA GLN A 590 1.95 -1.31 -24.59
C GLN A 590 1.70 -1.25 -26.12
N ILE A 591 1.78 -2.39 -26.83
CA ILE A 591 1.68 -2.46 -28.30
C ILE A 591 0.44 -3.29 -28.74
N PHE A 592 -0.45 -2.67 -29.50
CA PHE A 592 -1.78 -3.18 -29.85
C PHE A 592 -1.72 -4.32 -30.89
N THR A 593 -2.14 -5.52 -30.50
CA THR A 593 -2.00 -6.76 -31.31
C THR A 593 -3.21 -7.72 -31.19
N PRO A 594 -4.47 -7.25 -31.12
CA PRO A 594 -5.57 -8.00 -30.49
C PRO A 594 -6.03 -9.29 -31.20
N TYR A 595 -5.90 -9.38 -32.52
CA TYR A 595 -6.57 -10.43 -33.31
C TYR A 595 -5.99 -11.85 -33.10
N GLY A 596 -4.70 -11.93 -32.73
CA GLY A 596 -4.00 -13.21 -32.50
C GLY A 596 -4.00 -13.69 -31.05
N TRP A 597 -4.55 -12.92 -30.12
CA TRP A 597 -4.63 -13.33 -28.72
C TRP A 597 -5.59 -14.51 -28.53
N ALA A 598 -5.27 -15.42 -27.61
CA ALA A 598 -6.21 -16.41 -27.13
C ALA A 598 -7.35 -15.74 -26.36
N ASN A 599 -8.52 -16.38 -26.32
CA ASN A 599 -9.65 -16.00 -25.47
C ASN A 599 -9.27 -15.77 -24.00
N ARG A 600 -8.31 -16.55 -23.47
CA ARG A 600 -7.83 -16.47 -22.08
C ARG A 600 -6.35 -16.88 -21.93
N PRO A 601 -5.49 -15.99 -21.41
CA PRO A 601 -4.13 -16.29 -20.95
C PRO A 601 -3.95 -17.48 -20.00
N ASP A 602 -4.88 -17.73 -19.08
CA ASP A 602 -4.67 -18.66 -17.95
C ASP A 602 -5.26 -20.08 -18.13
N ILE A 603 -5.78 -20.42 -19.31
CA ILE A 603 -6.35 -21.75 -19.59
C ILE A 603 -5.23 -22.81 -19.59
N PRO A 604 -5.38 -23.96 -18.90
CA PRO A 604 -4.38 -25.01 -18.87
C PRO A 604 -4.23 -25.66 -20.25
N VAL A 605 -2.99 -25.99 -20.66
CA VAL A 605 -2.67 -26.32 -22.05
C VAL A 605 -3.33 -27.61 -22.56
N GLY A 606 -3.78 -28.49 -21.67
CA GLY A 606 -4.61 -29.67 -22.02
C GLY A 606 -5.98 -29.34 -22.61
N ALA A 607 -6.50 -28.12 -22.41
CA ALA A 607 -7.76 -27.64 -22.99
C ALA A 607 -7.59 -26.99 -24.39
N TRP A 608 -6.38 -26.63 -24.82
CA TRP A 608 -6.16 -25.81 -26.02
C TRP A 608 -6.56 -26.50 -27.35
N LEU A 609 -6.67 -27.83 -27.34
CA LEU A 609 -6.92 -28.65 -28.53
C LEU A 609 -8.41 -29.06 -28.72
N GLN A 610 -9.35 -28.37 -28.06
CA GLN A 610 -10.77 -28.76 -28.05
C GLN A 610 -11.57 -28.41 -29.33
N ASP A 611 -11.03 -27.55 -30.20
CA ASP A 611 -11.63 -27.19 -31.50
C ASP A 611 -10.53 -26.70 -32.48
N GLU A 612 -9.89 -27.64 -33.17
CA GLU A 612 -8.82 -27.35 -34.14
C GLU A 612 -9.34 -26.70 -35.45
N MET A 613 -10.60 -26.97 -35.83
CA MET A 613 -11.23 -26.40 -37.04
C MET A 613 -11.78 -24.97 -36.81
N GLY A 614 -12.13 -24.63 -35.57
CA GLY A 614 -12.87 -23.42 -35.23
C GLY A 614 -14.37 -23.46 -35.60
N SER A 615 -14.86 -24.55 -36.19
CA SER A 615 -16.22 -24.66 -36.74
C SER A 615 -17.32 -24.74 -35.66
N LYS A 616 -16.97 -25.09 -34.42
CA LYS A 616 -17.86 -25.00 -33.24
C LYS A 616 -17.64 -23.71 -32.42
N PHE A 617 -16.67 -22.87 -32.80
CA PHE A 617 -16.18 -21.76 -31.97
C PHE A 617 -15.92 -22.22 -30.52
N GLY A 618 -15.10 -23.27 -30.37
CA GLY A 618 -14.88 -24.06 -29.16
C GLY A 618 -14.85 -23.24 -27.86
N PRO A 619 -15.89 -23.32 -27.00
CA PRO A 619 -16.09 -22.37 -25.91
C PRO A 619 -14.89 -22.19 -24.96
N HIS A 620 -14.13 -23.24 -24.66
CA HIS A 620 -13.04 -23.17 -23.69
C HIS A 620 -11.74 -22.58 -24.28
N TYR A 621 -11.54 -22.63 -25.61
CA TYR A 621 -10.33 -22.11 -26.26
C TYR A 621 -10.57 -21.70 -27.72
N PHE A 622 -10.47 -20.41 -28.03
CA PHE A 622 -10.79 -19.82 -29.35
C PHE A 622 -10.15 -18.43 -29.55
N LEU A 623 -10.25 -17.88 -30.77
CA LEU A 623 -9.74 -16.56 -31.13
C LEU A 623 -10.39 -15.44 -30.32
N ASN A 624 -9.60 -14.50 -29.81
CA ASN A 624 -10.11 -13.33 -29.08
C ASN A 624 -10.75 -12.28 -30.02
N ASN A 625 -12.07 -12.21 -30.09
CA ASN A 625 -12.80 -11.03 -30.56
C ASN A 625 -14.11 -10.82 -29.75
N PRO A 626 -14.41 -9.60 -29.27
CA PRO A 626 -15.50 -9.40 -28.31
C PRO A 626 -16.92 -9.41 -28.91
N ASP A 627 -17.06 -9.32 -30.24
CA ASP A 627 -18.37 -9.22 -30.91
C ASP A 627 -19.24 -10.49 -30.78
N ILE A 628 -18.67 -11.64 -30.40
CA ILE A 628 -19.28 -12.97 -30.46
C ILE A 628 -19.20 -13.74 -29.13
N GLN A 629 -19.90 -13.26 -28.10
CA GLN A 629 -19.92 -13.88 -26.76
C GLN A 629 -21.27 -13.73 -26.02
N ASP A 630 -21.45 -14.50 -24.94
CA ASP A 630 -22.75 -14.85 -24.37
C ASP A 630 -23.54 -13.72 -23.70
N ASN A 631 -24.87 -13.78 -23.81
CA ASN A 631 -25.81 -13.21 -22.84
C ASN A 631 -26.28 -14.33 -21.90
N VAL A 632 -25.84 -14.33 -20.65
CA VAL A 632 -26.23 -15.25 -19.57
C VAL A 632 -27.14 -14.52 -18.56
N ASN A 633 -28.45 -14.57 -18.79
CA ASN A 633 -29.47 -13.70 -18.17
C ASN A 633 -30.01 -14.25 -16.82
N ASN A 634 -31.18 -13.79 -16.36
CA ASN A 634 -31.88 -14.23 -15.14
C ASN A 634 -32.06 -15.76 -15.06
N ASP A 635 -32.30 -16.42 -16.19
CA ASP A 635 -32.60 -17.87 -16.25
C ASP A 635 -31.39 -18.75 -16.62
N THR A 636 -30.36 -18.17 -17.24
CA THR A 636 -29.35 -18.92 -18.01
C THR A 636 -28.25 -19.55 -17.14
N VAL A 637 -27.85 -18.88 -16.06
CA VAL A 637 -26.66 -19.26 -15.26
C VAL A 637 -26.80 -20.64 -14.63
N GLU A 638 -28.01 -21.03 -14.26
CA GLU A 638 -28.30 -22.33 -13.64
C GLU A 638 -28.11 -23.52 -14.61
N ALA A 639 -28.16 -23.27 -15.92
CA ALA A 639 -27.87 -24.25 -16.96
C ALA A 639 -26.37 -24.31 -17.34
N LEU A 640 -25.79 -23.18 -17.78
CA LEU A 640 -24.48 -23.17 -18.45
C LEU A 640 -23.26 -23.19 -17.53
N ILE A 641 -23.38 -22.83 -16.24
CA ILE A 641 -22.17 -22.54 -15.42
C ILE A 641 -22.34 -22.76 -13.91
N SER A 642 -23.50 -22.49 -13.31
CA SER A 642 -23.73 -22.62 -11.86
C SER A 642 -23.99 -24.06 -11.38
N SER A 643 -23.93 -25.05 -12.27
CA SER A 643 -24.03 -26.49 -11.93
C SER A 643 -22.69 -27.10 -11.47
N TYR A 644 -21.55 -26.59 -11.98
CA TYR A 644 -20.22 -27.17 -11.78
C TYR A 644 -19.57 -26.82 -10.42
N LYS A 645 -20.20 -27.21 -9.31
CA LYS A 645 -19.63 -27.11 -7.96
C LYS A 645 -18.37 -28.00 -7.82
N ASN A 646 -17.40 -27.56 -7.02
CA ASN A 646 -16.09 -28.21 -6.90
C ASN A 646 -15.49 -28.07 -5.48
N THR A 647 -14.33 -28.71 -5.24
CA THR A 647 -13.95 -29.21 -3.89
C THR A 647 -12.51 -28.83 -3.48
N ASP A 648 -11.94 -29.56 -2.52
CA ASP A 648 -10.52 -29.53 -2.14
C ASP A 648 -9.61 -30.37 -3.06
N LYS A 649 -10.16 -31.06 -4.08
CA LYS A 649 -9.38 -31.86 -5.06
C LYS A 649 -9.89 -31.80 -6.52
N LEU A 650 -10.96 -31.05 -6.77
CA LEU A 650 -11.56 -30.83 -8.09
C LEU A 650 -11.66 -29.32 -8.37
N LYS A 651 -11.38 -28.91 -9.62
CA LYS A 651 -11.59 -27.58 -10.21
C LYS A 651 -12.05 -27.73 -11.67
N HIS A 652 -12.54 -26.67 -12.32
CA HIS A 652 -13.15 -26.74 -13.67
C HIS A 652 -12.78 -25.58 -14.59
N VAL A 653 -12.93 -25.80 -15.90
CA VAL A 653 -12.95 -24.78 -16.95
C VAL A 653 -14.36 -24.68 -17.54
N TYR A 654 -14.95 -23.48 -17.58
CA TYR A 654 -16.39 -23.28 -17.79
C TYR A 654 -16.81 -23.03 -19.27
N PRO A 655 -17.99 -23.53 -19.72
CA PRO A 655 -18.57 -23.34 -21.07
C PRO A 655 -18.94 -21.89 -21.49
N TYR A 656 -18.75 -20.89 -20.65
CA TYR A 656 -18.94 -19.46 -20.94
C TYR A 656 -17.98 -19.03 -22.08
N ARG A 657 -18.43 -18.35 -23.14
CA ARG A 657 -17.53 -17.72 -24.13
C ARG A 657 -17.04 -16.36 -23.64
N TYR A 658 -15.73 -16.12 -23.72
CA TYR A 658 -15.04 -14.97 -23.11
C TYR A 658 -14.04 -14.30 -24.07
N SER A 659 -14.04 -12.97 -24.14
CA SER A 659 -13.10 -12.17 -24.94
C SER A 659 -13.10 -10.67 -24.57
N GLY A 660 -12.01 -9.94 -24.86
CA GLY A 660 -11.92 -8.47 -24.71
C GLY A 660 -10.64 -7.84 -25.29
N LEU A 661 -10.57 -6.51 -25.35
CA LEU A 661 -9.40 -5.75 -25.86
C LEU A 661 -8.31 -5.53 -24.79
N TYR A 662 -7.33 -4.66 -25.05
CA TYR A 662 -6.09 -4.60 -24.28
C TYR A 662 -6.32 -4.31 -22.78
N ALA A 663 -7.23 -3.40 -22.45
CA ALA A 663 -7.56 -3.09 -21.06
C ALA A 663 -8.18 -4.27 -20.29
N TRP A 664 -8.92 -5.16 -20.97
CA TRP A 664 -9.47 -6.40 -20.40
C TRP A 664 -8.34 -7.37 -20.02
N GLN A 665 -7.42 -7.61 -20.97
CA GLN A 665 -6.23 -8.46 -20.77
C GLN A 665 -5.33 -7.93 -19.65
N LEU A 666 -5.02 -6.63 -19.69
CA LEU A 666 -4.21 -5.93 -18.69
C LEU A 666 -4.85 -5.98 -17.30
N PHE A 667 -6.12 -5.59 -17.16
CA PHE A 667 -6.82 -5.63 -15.87
C PHE A 667 -6.82 -7.05 -15.29
N ASN A 668 -7.10 -8.06 -16.11
CA ASN A 668 -7.27 -9.43 -15.64
C ASN A 668 -5.99 -10.06 -15.06
N TRP A 669 -4.79 -9.81 -15.62
CA TRP A 669 -3.57 -10.51 -15.19
C TRP A 669 -2.35 -9.61 -14.86
N SER A 670 -2.51 -8.28 -14.84
CA SER A 670 -1.50 -7.35 -14.29
C SER A 670 -1.61 -7.20 -12.76
N ASN A 671 -0.51 -6.82 -12.10
CA ASN A 671 -0.41 -6.67 -10.64
C ASN A 671 -0.93 -5.32 -10.11
N LYS A 672 -2.12 -4.89 -10.55
CA LYS A 672 -2.71 -3.60 -10.13
C LYS A 672 -2.87 -3.50 -8.60
N LEU A 673 -2.65 -2.31 -8.07
CA LEU A 673 -3.08 -1.92 -6.72
C LEU A 673 -4.59 -2.08 -6.56
N THR A 674 -5.04 -2.27 -5.32
CA THR A 674 -6.46 -2.33 -4.95
C THR A 674 -6.70 -1.50 -3.67
N ASN A 675 -7.90 -1.57 -3.09
CA ASN A 675 -8.11 -1.02 -1.74
C ASN A 675 -7.23 -1.74 -0.71
N THR A 676 -7.15 -3.08 -0.73
CA THR A 676 -6.27 -3.90 0.12
C THR A 676 -4.82 -3.99 -0.40
N PRO A 677 -3.81 -4.01 0.49
CA PRO A 677 -2.45 -4.42 0.15
C PRO A 677 -2.36 -5.96 0.07
N LEU A 678 -1.23 -6.50 -0.42
CA LEU A 678 -1.00 -7.95 -0.59
C LEU A 678 -2.16 -8.65 -1.34
N SER A 679 -2.58 -8.04 -2.47
CA SER A 679 -3.85 -8.32 -3.15
C SER A 679 -3.68 -8.51 -4.66
N ALA A 680 -2.63 -9.20 -5.08
CA ALA A 680 -2.31 -9.46 -6.50
C ALA A 680 -1.84 -10.92 -6.72
N ASN A 681 -2.78 -11.87 -6.78
CA ASN A 681 -2.54 -13.30 -7.04
C ASN A 681 -2.11 -13.63 -8.51
N PHE A 682 -2.03 -12.65 -9.39
CA PHE A 682 -1.43 -12.74 -10.73
C PHE A 682 -0.45 -11.57 -10.94
N VAL A 683 0.74 -11.90 -11.45
CA VAL A 683 1.81 -10.96 -11.80
C VAL A 683 2.49 -11.48 -13.06
N ASN A 684 2.19 -10.88 -14.21
CA ASN A 684 2.63 -11.42 -15.50
C ASN A 684 4.17 -11.41 -15.64
N GLU A 685 4.81 -10.25 -15.49
CA GLU A 685 6.27 -10.11 -15.42
C GLU A 685 6.64 -8.72 -14.86
N ASN A 686 7.90 -8.29 -15.03
CA ASN A 686 8.45 -7.03 -14.51
C ASN A 686 9.03 -6.15 -15.65
N SER A 687 8.94 -4.83 -15.54
CA SER A 687 9.35 -3.86 -16.59
C SER A 687 10.87 -3.90 -16.87
N TYR A 688 11.31 -3.75 -18.13
CA TYR A 688 12.73 -3.73 -18.50
C TYR A 688 13.47 -2.48 -17.95
N ALA A 689 12.81 -1.32 -17.99
CA ALA A 689 13.31 -0.03 -17.53
C ALA A 689 12.23 0.70 -16.72
N PRO A 690 12.57 1.77 -15.98
CA PRO A 690 11.58 2.59 -15.29
C PRO A 690 10.53 3.13 -16.28
N ASN A 691 9.25 3.01 -15.93
CA ASN A 691 8.12 3.36 -16.79
C ASN A 691 7.07 4.21 -16.04
N SER A 692 7.41 4.68 -14.84
CA SER A 692 6.61 5.56 -13.99
C SER A 692 7.48 6.69 -13.41
N LEU A 693 6.92 7.90 -13.26
CA LEU A 693 7.41 8.84 -12.24
C LEU A 693 7.20 8.25 -10.84
N PHE A 694 7.93 8.72 -9.83
CA PHE A 694 7.65 8.40 -8.43
C PHE A 694 8.10 9.49 -7.46
N ALA A 695 7.26 9.79 -6.47
CA ALA A 695 7.70 10.38 -5.20
C ALA A 695 6.82 9.86 -4.04
N ALA A 696 7.37 9.80 -2.83
CA ALA A 696 6.67 9.26 -1.67
C ALA A 696 7.15 9.87 -0.35
N ILE A 697 6.27 9.84 0.67
CA ILE A 697 6.61 10.17 2.06
C ILE A 697 7.00 8.87 2.77
N LEU A 698 8.20 8.86 3.33
CA LEU A 698 8.83 7.70 3.96
C LEU A 698 8.83 7.86 5.49
N ASN A 699 8.47 6.78 6.18
CA ASN A 699 8.14 6.70 7.59
C ASN A 699 9.44 6.59 8.44
N GLU A 700 10.03 7.72 8.82
CA GLU A 700 11.43 7.79 9.29
C GLU A 700 11.70 7.09 10.63
N ASP A 701 10.75 7.11 11.56
CA ASP A 701 10.87 6.42 12.86
C ASP A 701 10.71 4.89 12.70
N LEU A 702 9.81 4.44 11.83
CA LEU A 702 9.69 3.03 11.46
C LEU A 702 10.93 2.53 10.71
N LEU A 703 11.48 3.31 9.77
CA LEU A 703 12.79 3.03 9.15
C LEU A 703 13.93 2.97 10.18
N THR A 704 13.88 3.78 11.24
CA THR A 704 14.83 3.72 12.36
C THR A 704 14.64 2.46 13.22
N GLY A 705 13.39 1.98 13.36
CA GLY A 705 13.01 0.85 14.23
C GLY A 705 13.03 -0.55 13.60
N LEU A 706 13.10 -0.68 12.27
CA LEU A 706 13.23 -1.99 11.60
C LEU A 706 14.58 -2.68 11.91
N SER A 707 14.56 -4.00 12.02
CA SER A 707 15.74 -4.84 12.32
C SER A 707 16.78 -4.85 11.20
N ASP A 708 18.05 -5.11 11.52
CA ASP A 708 19.10 -5.28 10.51
C ASP A 708 18.85 -6.52 9.64
N LYS A 709 18.74 -7.71 10.28
CA LYS A 709 18.42 -8.98 9.60
C LYS A 709 16.91 -9.11 9.39
N ILE A 710 16.52 -9.50 8.18
CA ILE A 710 15.15 -9.88 7.84
C ILE A 710 15.05 -11.41 7.82
N PHE A 711 14.06 -11.96 8.52
CA PHE A 711 13.80 -13.39 8.64
C PHE A 711 12.50 -13.75 7.93
N TYR A 712 12.59 -14.68 6.98
CA TYR A 712 11.48 -15.30 6.26
C TYR A 712 11.23 -16.73 6.77
N GLY A 713 10.24 -17.43 6.21
CA GLY A 713 9.94 -18.82 6.56
C GLY A 713 9.06 -19.52 5.52
N LYS A 714 8.46 -20.66 5.89
CA LYS A 714 7.56 -21.44 5.02
C LYS A 714 6.36 -20.64 4.50
N GLU A 715 5.99 -19.53 5.14
CA GLU A 715 4.97 -18.60 4.65
C GLU A 715 5.38 -17.84 3.37
N ASN A 716 6.68 -17.73 3.03
CA ASN A 716 7.17 -17.11 1.78
C ASN A 716 7.82 -18.10 0.80
N GLU A 717 7.93 -19.39 1.14
CA GLU A 717 8.32 -20.46 0.21
C GLU A 717 7.21 -20.75 -0.82
N PHE A 718 7.57 -21.07 -2.06
CA PHE A 718 6.61 -21.67 -3.01
C PHE A 718 6.19 -23.08 -2.57
N ALA A 719 5.03 -23.54 -3.03
CA ALA A 719 4.49 -24.85 -2.66
C ALA A 719 5.46 -26.00 -3.04
N GLU A 720 5.75 -26.88 -2.09
CA GLU A 720 6.72 -27.98 -2.27
C GLU A 720 6.22 -29.09 -3.21
N ASN A 721 4.90 -29.24 -3.33
CA ASN A 721 4.20 -30.18 -4.20
C ASN A 721 2.88 -29.56 -4.73
N GLU A 722 2.35 -30.07 -5.85
CA GLU A 722 1.17 -29.48 -6.50
C GLU A 722 -0.17 -29.71 -5.78
N ALA A 723 -0.28 -30.68 -4.87
CA ALA A 723 -1.50 -30.86 -4.10
C ALA A 723 -1.65 -29.75 -3.03
N ASP A 724 -0.55 -29.34 -2.40
CA ASP A 724 -0.52 -28.15 -1.54
C ASP A 724 -0.63 -26.85 -2.35
N ARG A 725 -0.22 -26.85 -3.64
CA ARG A 725 -0.49 -25.76 -4.60
C ARG A 725 -1.97 -25.66 -4.99
N PHE A 726 -2.74 -26.75 -4.89
CA PHE A 726 -4.14 -26.75 -5.34
C PHE A 726 -5.09 -25.94 -4.43
N ASN A 727 -4.84 -25.95 -3.11
CA ASN A 727 -5.59 -25.22 -2.07
C ASN A 727 -4.75 -24.05 -1.49
N GLN A 728 -4.00 -23.37 -2.36
CA GLN A 728 -2.96 -22.41 -2.02
C GLN A 728 -3.52 -21.09 -1.42
N LEU A 729 -3.26 -20.86 -0.13
CA LEU A 729 -3.72 -19.70 0.62
C LEU A 729 -2.99 -18.41 0.17
N LEU A 730 -3.71 -17.40 -0.33
CA LEU A 730 -3.13 -16.13 -0.81
C LEU A 730 -2.51 -15.28 0.32
N SER A 731 -2.98 -15.44 1.55
CA SER A 731 -2.41 -14.81 2.75
C SER A 731 -2.30 -15.84 3.88
N LEU A 732 -1.24 -15.76 4.68
CA LEU A 732 -0.97 -16.68 5.78
C LEU A 732 -0.25 -15.97 6.93
N ASN A 733 -0.38 -16.54 8.12
CA ASN A 733 0.26 -16.04 9.33
C ASN A 733 1.80 -16.13 9.22
N PRO A 734 2.57 -15.04 9.42
CA PRO A 734 3.99 -15.15 9.68
C PRO A 734 4.24 -16.08 10.87
N ASN A 735 5.20 -17.01 10.77
CA ASN A 735 5.56 -17.89 11.88
C ASN A 735 6.27 -17.02 12.95
N PRO A 736 5.72 -16.76 14.16
CA PRO A 736 6.03 -15.55 14.95
C PRO A 736 7.49 -15.22 15.33
N ASN A 737 8.46 -16.10 15.10
CA ASN A 737 9.88 -15.75 15.13
C ASN A 737 10.33 -14.87 13.93
N THR A 738 9.62 -14.91 12.80
CA THR A 738 9.93 -14.15 11.57
C THR A 738 9.48 -12.68 11.67
N ASN A 739 10.09 -11.79 10.86
CA ASN A 739 9.86 -10.34 10.94
C ASN A 739 9.61 -9.65 9.58
N TRP A 740 9.61 -10.39 8.46
CA TRP A 740 9.48 -9.84 7.10
C TRP A 740 8.26 -8.92 6.89
N ALA A 741 7.13 -9.24 7.53
CA ALA A 741 5.90 -8.47 7.37
C ALA A 741 5.94 -7.08 8.03
N ARG A 742 6.89 -6.79 8.93
CA ARG A 742 7.05 -5.46 9.55
C ARG A 742 7.45 -4.37 8.55
N TYR A 743 8.21 -4.74 7.52
CA TYR A 743 8.85 -3.81 6.58
C TYR A 743 7.88 -3.09 5.63
N LEU A 744 6.65 -3.61 5.46
CA LEU A 744 5.63 -3.12 4.51
C LEU A 744 5.15 -1.67 4.78
N ASN A 745 5.34 -1.14 5.99
CA ASN A 745 4.79 0.14 6.45
C ASN A 745 5.77 1.33 6.38
N VAL A 746 6.86 1.24 5.61
CA VAL A 746 7.81 2.36 5.43
C VAL A 746 7.27 3.50 4.56
N VAL A 747 6.18 3.35 3.82
CA VAL A 747 5.56 4.42 3.02
C VAL A 747 4.27 4.92 3.68
N GLN A 748 4.13 6.23 3.87
CA GLN A 748 2.86 6.85 4.31
C GLN A 748 1.96 7.26 3.13
N ARG A 749 2.54 7.87 2.09
CA ARG A 749 1.85 8.43 0.91
C ARG A 749 2.75 8.31 -0.33
N PHE A 750 2.17 8.27 -1.53
CA PHE A 750 2.90 8.28 -2.80
C PHE A 750 2.19 9.10 -3.89
N THR A 751 2.94 9.50 -4.92
CA THR A 751 2.44 10.25 -6.07
C THR A 751 3.18 9.90 -7.37
N THR A 752 2.50 10.08 -8.50
CA THR A 752 2.86 9.47 -9.79
C THR A 752 2.65 10.42 -10.99
N GLY A 753 2.08 11.60 -10.76
CA GLY A 753 1.65 12.55 -11.78
C GLY A 753 0.53 13.47 -11.26
N PRO A 754 -0.17 14.21 -12.15
CA PRO A 754 -1.25 15.11 -11.76
C PRO A 754 -2.34 14.51 -10.87
N ASN A 755 -2.95 15.35 -10.01
CA ASN A 755 -4.14 15.04 -9.22
C ASN A 755 -5.42 15.07 -10.10
N LEU A 756 -5.45 14.22 -11.13
CA LEU A 756 -6.53 14.10 -12.13
C LEU A 756 -7.03 12.65 -12.20
N ASP A 757 -8.28 12.45 -12.66
CA ASP A 757 -8.92 11.15 -12.74
C ASP A 757 -9.65 10.91 -14.08
N SER A 758 -9.74 9.63 -14.49
CA SER A 758 -10.38 9.19 -15.73
C SER A 758 -9.81 9.88 -16.99
N SER A 759 -10.62 10.08 -18.03
CA SER A 759 -10.26 10.68 -19.34
C SER A 759 -9.55 12.03 -19.23
N THR A 760 -9.76 12.75 -18.12
CA THR A 760 -9.09 14.00 -17.77
C THR A 760 -7.56 13.90 -17.82
N PHE A 761 -6.98 12.75 -17.48
CA PHE A 761 -5.52 12.55 -17.51
C PHE A 761 -4.99 12.45 -18.96
N ASP A 762 -5.74 11.83 -19.87
CA ASP A 762 -5.44 11.86 -21.32
C ASP A 762 -5.56 13.29 -21.89
N GLN A 763 -6.51 14.08 -21.37
CA GLN A 763 -6.65 15.48 -21.76
C GLN A 763 -5.44 16.34 -21.33
N PHE A 764 -4.84 16.05 -20.16
CA PHE A 764 -3.58 16.67 -19.76
C PHE A 764 -2.39 16.25 -20.64
N LEU A 765 -2.31 14.97 -21.02
CA LEU A 765 -1.25 14.44 -21.90
C LEU A 765 -1.13 15.24 -23.22
N ASP A 766 -2.24 15.68 -23.80
CA ASP A 766 -2.24 16.51 -25.01
C ASP A 766 -1.78 17.96 -24.80
N PHE A 767 -1.78 18.49 -23.57
CA PHE A 767 -1.55 19.92 -23.32
C PHE A 767 -0.06 20.33 -23.33
N LEU A 768 0.85 19.45 -22.90
CA LEU A 768 2.27 19.75 -22.78
C LEU A 768 2.99 19.81 -24.16
N PRO A 769 3.99 20.69 -24.34
CA PRO A 769 4.74 20.80 -25.59
C PRO A 769 5.74 19.64 -25.79
N TRP A 770 5.84 19.11 -27.01
CA TRP A 770 6.87 18.14 -27.37
C TRP A 770 8.24 18.81 -27.48
N ILE A 771 9.23 18.36 -26.69
CA ILE A 771 10.54 19.04 -26.56
C ILE A 771 11.36 19.05 -27.85
N GLY A 772 11.04 18.19 -28.84
CA GLY A 772 11.69 18.22 -30.15
C GLY A 772 11.39 19.45 -31.02
N ASN A 773 10.31 20.21 -30.72
CA ASN A 773 9.91 21.38 -31.53
C ASN A 773 9.10 22.48 -30.78
N GLY A 774 8.70 22.25 -29.52
CA GLY A 774 7.94 23.20 -28.69
C GLY A 774 6.44 23.31 -28.98
N LYS A 775 5.91 22.56 -29.95
CA LYS A 775 4.48 22.51 -30.30
C LYS A 775 3.71 21.56 -29.37
N PRO A 776 2.47 21.87 -28.97
CA PRO A 776 1.64 21.00 -28.14
C PRO A 776 1.07 19.81 -28.91
N PHE A 777 0.88 18.67 -28.24
CA PHE A 777 0.22 17.48 -28.83
C PHE A 777 -1.27 17.68 -29.14
N SER A 778 -1.89 18.77 -28.64
CA SER A 778 -3.32 19.07 -28.77
C SER A 778 -3.83 19.30 -30.21
N ASN A 779 -2.96 19.65 -31.17
CA ASN A 779 -3.28 19.98 -32.58
C ASN A 779 -4.31 21.11 -32.83
N SER A 780 -5.02 21.62 -31.82
CA SER A 780 -6.02 22.69 -31.95
C SER A 780 -5.50 24.07 -32.40
N PRO A 781 -4.25 24.53 -32.07
CA PRO A 781 -3.69 25.73 -32.69
C PRO A 781 -3.16 25.43 -34.10
N SER A 782 -4.08 25.06 -35.01
CA SER A 782 -3.87 24.75 -36.44
C SER A 782 -2.57 23.98 -36.72
N SER A 789 -13.20 21.29 -42.31
CA SER A 789 -12.06 22.20 -42.48
C SER A 789 -10.74 21.51 -42.83
N SER A 790 -10.72 20.17 -42.88
CA SER A 790 -9.53 19.33 -43.16
C SER A 790 -8.35 19.52 -42.18
N THR A 791 -8.60 20.07 -40.99
CA THR A 791 -7.57 20.27 -39.95
C THR A 791 -7.19 18.97 -39.24
N PRO A 792 -5.94 18.85 -38.75
CA PRO A 792 -5.46 17.66 -38.04
C PRO A 792 -6.10 17.51 -36.64
N LEU A 793 -5.96 16.33 -36.05
CA LEU A 793 -6.59 15.93 -34.78
C LEU A 793 -5.56 15.48 -33.74
N PRO A 794 -5.83 15.65 -32.43
CA PRO A 794 -4.91 15.31 -31.34
C PRO A 794 -4.57 13.81 -31.27
N THR A 795 -3.46 13.46 -30.61
CA THR A 795 -3.02 12.05 -30.49
C THR A 795 -3.49 11.34 -29.21
N PHE A 796 -3.49 11.97 -28.03
CA PHE A 796 -3.80 11.28 -26.78
C PHE A 796 -5.28 11.32 -26.37
N SER A 797 -5.97 12.47 -26.39
CA SER A 797 -7.39 12.59 -26.02
C SER A 797 -8.36 12.29 -27.19
N ASN A 798 -9.67 12.19 -26.89
CA ASN A 798 -10.72 11.85 -27.86
C ASN A 798 -11.70 13.00 -28.14
N ILE A 799 -11.63 14.13 -27.41
CA ILE A 799 -12.57 15.25 -27.59
C ILE A 799 -12.39 15.89 -28.97
N ASN A 800 -13.50 16.14 -29.67
CA ASN A 800 -13.54 16.57 -31.08
C ASN A 800 -12.96 15.56 -32.11
N VAL A 801 -12.74 14.28 -31.74
CA VAL A 801 -12.22 13.24 -32.65
C VAL A 801 -13.34 12.30 -33.10
N GLY A 802 -13.44 12.06 -34.41
CA GLY A 802 -14.55 11.31 -35.01
C GLY A 802 -15.82 12.16 -35.12
N VAL A 803 -16.86 11.78 -34.38
CA VAL A 803 -18.17 12.48 -34.32
C VAL A 803 -18.77 12.37 -32.91
N LYS A 804 -19.64 13.32 -32.54
CA LYS A 804 -20.51 13.17 -31.36
C LYS A 804 -21.51 12.04 -31.62
N SER A 805 -21.39 10.97 -30.83
CA SER A 805 -22.27 9.80 -30.88
C SER A 805 -23.21 9.80 -29.67
N MET A 806 -24.51 9.61 -29.89
CA MET A 806 -25.43 9.31 -28.79
C MET A 806 -25.24 7.86 -28.38
N ILE A 807 -24.81 7.60 -27.13
CA ILE A 807 -24.65 6.22 -26.63
C ILE A 807 -26.00 5.56 -26.28
N THR A 808 -27.13 6.22 -26.55
CA THR A 808 -28.51 5.76 -26.24
C THR A 808 -28.89 4.44 -26.93
N GLN A 809 -28.13 3.99 -27.93
CA GLN A 809 -28.28 2.70 -28.62
C GLN A 809 -27.06 1.74 -28.43
N HIS A 810 -26.17 2.02 -27.47
CA HIS A 810 -25.10 1.09 -27.03
C HIS A 810 -25.65 -0.03 -26.13
N LEU A 811 -24.75 -0.83 -25.54
CA LEU A 811 -25.05 -2.03 -24.74
C LEU A 811 -25.82 -3.07 -25.61
N ASN A 812 -26.42 -4.09 -25.01
CA ASN A 812 -27.43 -4.97 -25.65
C ASN A 812 -28.76 -4.22 -25.97
N LYS A 813 -28.68 -2.90 -26.24
CA LYS A 813 -29.71 -1.85 -26.00
C LYS A 813 -30.08 -1.64 -24.52
N GLU A 814 -29.44 -2.38 -23.61
CA GLU A 814 -29.74 -2.34 -22.18
C GLU A 814 -29.29 -1.03 -21.53
N ASN A 815 -30.23 -0.12 -21.34
CA ASN A 815 -30.16 1.01 -20.40
C ASN A 815 -29.03 2.03 -20.65
N THR A 816 -29.33 3.16 -21.29
CA THR A 816 -28.29 4.14 -21.64
C THR A 816 -28.77 5.61 -21.80
N ARG A 817 -29.72 6.05 -20.97
CA ARG A 817 -30.03 7.49 -20.78
C ARG A 817 -29.06 8.14 -19.76
N TRP A 818 -29.53 8.54 -18.59
CA TRP A 818 -28.79 9.25 -17.53
C TRP A 818 -27.60 8.49 -16.89
N VAL A 819 -27.18 7.35 -17.45
CA VAL A 819 -26.21 6.45 -16.83
C VAL A 819 -24.80 7.05 -16.79
N PHE A 820 -24.24 7.49 -17.91
CA PHE A 820 -22.79 7.67 -18.05
C PHE A 820 -22.29 9.13 -18.11
N ILE A 821 -23.17 10.12 -18.30
CA ILE A 821 -22.79 11.53 -18.48
C ILE A 821 -23.60 12.44 -17.52
N PRO A 822 -22.98 13.46 -16.87
CA PRO A 822 -23.65 14.45 -16.01
C PRO A 822 -24.75 15.36 -16.63
N ASN A 823 -25.33 15.01 -17.78
CA ASN A 823 -26.25 15.85 -18.55
C ASN A 823 -27.36 15.01 -19.24
N PHE A 824 -28.48 15.66 -19.60
CA PHE A 824 -29.68 15.01 -20.17
C PHE A 824 -29.43 14.25 -21.48
N SER A 825 -28.51 14.74 -22.32
CA SER A 825 -28.13 14.15 -23.61
C SER A 825 -26.78 13.39 -23.52
N PRO A 826 -26.75 12.05 -23.61
CA PRO A 826 -25.55 11.21 -23.45
C PRO A 826 -24.57 11.24 -24.65
N ASP A 827 -24.15 12.42 -25.10
CA ASP A 827 -23.20 12.54 -26.20
C ASP A 827 -21.77 12.17 -25.79
N ILE A 828 -21.10 11.28 -26.54
CA ILE A 828 -19.68 10.95 -26.40
C ILE A 828 -18.98 11.00 -27.77
N TRP A 829 -17.79 11.60 -27.83
CA TRP A 829 -16.93 11.59 -29.01
C TRP A 829 -16.40 10.17 -29.27
N THR A 830 -16.79 9.55 -30.39
CA THR A 830 -16.52 8.11 -30.66
C THR A 830 -15.07 7.77 -31.03
N GLY A 831 -14.20 8.77 -31.22
CA GLY A 831 -12.79 8.56 -31.55
C GLY A 831 -12.51 8.18 -33.01
N ALA A 832 -11.22 8.02 -33.33
CA ALA A 832 -10.74 7.64 -34.66
C ALA A 832 -11.02 6.16 -34.98
N GLY A 833 -11.23 5.82 -36.26
CA GLY A 833 -11.38 4.43 -36.70
C GLY A 833 -12.68 3.76 -36.24
N TYR A 834 -13.77 4.52 -36.10
CA TYR A 834 -15.06 4.02 -35.61
C TYR A 834 -15.91 3.33 -36.70
N ARG A 835 -16.88 2.50 -36.28
CA ARG A 835 -17.79 1.72 -37.14
C ARG A 835 -19.25 2.17 -37.03
N VAL A 836 -19.88 2.39 -38.19
CA VAL A 836 -21.30 2.80 -38.39
C VAL A 836 -21.85 2.21 -39.69
N GLN A 837 -23.17 2.07 -39.83
CA GLN A 837 -23.81 1.77 -41.13
C GLN A 837 -23.81 3.00 -42.06
N SER A 838 -24.11 4.18 -41.52
CA SER A 838 -24.20 5.46 -42.23
C SER A 838 -24.16 6.64 -41.25
N ALA A 839 -23.92 7.86 -41.73
CA ALA A 839 -23.93 9.06 -40.90
C ALA A 839 -25.31 9.35 -40.26
N ASN A 840 -26.41 8.89 -40.87
CA ASN A 840 -27.76 8.97 -40.31
C ASN A 840 -27.97 7.99 -39.13
N GLN A 841 -27.17 6.91 -39.05
CA GLN A 841 -27.21 5.88 -38.01
C GLN A 841 -25.97 5.97 -37.09
N LYS A 842 -25.56 7.19 -36.72
CA LYS A 842 -24.36 7.47 -35.89
C LYS A 842 -24.46 7.02 -34.42
N ASN A 843 -25.63 6.57 -33.98
CA ASN A 843 -25.92 6.11 -32.63
C ASN A 843 -25.92 4.56 -32.54
N GLY A 844 -24.88 3.99 -31.93
CA GLY A 844 -24.69 2.53 -31.82
C GLY A 844 -24.40 1.84 -33.16
N ILE A 845 -24.33 0.51 -33.15
CA ILE A 845 -24.28 -0.34 -34.35
C ILE A 845 -25.03 -1.65 -34.06
N PRO A 846 -25.91 -2.15 -34.96
CA PRO A 846 -26.59 -3.45 -34.76
C PRO A 846 -25.61 -4.61 -34.98
N PHE A 847 -25.95 -5.81 -34.47
CA PHE A 847 -25.15 -7.01 -34.66
C PHE A 847 -25.27 -7.57 -36.10
N GLU A 848 -24.18 -7.49 -36.85
CA GLU A 848 -24.02 -7.98 -38.23
C GLU A 848 -22.56 -8.42 -38.56
N GLN A 849 -21.64 -8.26 -37.61
CA GLN A 849 -20.18 -8.37 -37.78
C GLN A 849 -19.65 -9.81 -37.64
N VAL A 850 -20.44 -10.81 -38.04
CA VAL A 850 -20.12 -12.24 -37.86
C VAL A 850 -18.82 -12.66 -38.55
N LYS A 851 -18.04 -13.56 -37.92
CA LYS A 851 -16.75 -14.04 -38.43
C LYS A 851 -16.79 -15.56 -38.69
N PRO A 852 -16.46 -16.04 -39.90
CA PRO A 852 -16.25 -17.46 -40.16
C PRO A 852 -14.84 -17.92 -39.69
N SER A 853 -14.61 -19.23 -39.56
CA SER A 853 -13.26 -19.78 -39.41
C SER A 853 -12.53 -19.87 -40.76
N ASN A 854 -13.22 -20.35 -41.79
CA ASN A 854 -12.75 -20.39 -43.19
C ASN A 854 -13.63 -19.44 -44.06
N ASN A 855 -14.20 -19.92 -45.17
CA ASN A 855 -15.38 -19.33 -45.82
C ASN A 855 -16.70 -19.88 -45.23
N SER A 856 -16.65 -20.38 -43.99
CA SER A 856 -17.61 -21.28 -43.35
C SER A 856 -18.92 -20.66 -42.82
N THR A 857 -19.40 -19.58 -43.46
CA THR A 857 -20.70 -18.90 -43.19
C THR A 857 -20.83 -18.29 -41.76
N PRO A 858 -21.94 -17.59 -41.40
CA PRO A 858 -22.08 -16.90 -40.11
C PRO A 858 -21.86 -17.71 -38.81
N PHE A 859 -21.77 -16.97 -37.70
CA PHE A 859 -21.70 -17.49 -36.31
C PHE A 859 -22.95 -18.25 -35.83
N ASP A 860 -24.03 -18.22 -36.63
CA ASP A 860 -25.28 -18.99 -36.48
C ASP A 860 -26.06 -18.70 -35.18
N PRO A 861 -26.61 -17.48 -35.02
CA PRO A 861 -27.53 -17.17 -33.92
C PRO A 861 -28.84 -17.98 -34.04
N ASN A 862 -29.52 -18.18 -32.92
CA ASN A 862 -30.65 -19.13 -32.76
C ASN A 862 -30.32 -20.63 -32.95
N SER A 863 -29.06 -21.00 -33.16
CA SER A 863 -28.60 -22.40 -33.08
C SER A 863 -28.53 -22.89 -31.62
N ASP A 864 -28.49 -24.21 -31.40
CA ASP A 864 -28.56 -24.81 -30.06
C ASP A 864 -27.33 -24.53 -29.17
N ASP A 865 -26.17 -24.23 -29.76
CA ASP A 865 -24.99 -23.73 -29.04
C ASP A 865 -25.13 -22.25 -28.58
N ASN A 866 -26.12 -21.53 -29.11
CA ASN A 866 -26.45 -20.13 -28.84
C ASN A 866 -27.86 -19.97 -28.19
N LYS A 867 -28.34 -21.00 -27.50
CA LYS A 867 -29.67 -21.09 -26.85
C LYS A 867 -29.59 -21.87 -25.53
N VAL A 868 -30.61 -21.70 -24.67
CA VAL A 868 -30.88 -22.53 -23.48
C VAL A 868 -32.38 -22.80 -23.34
N THR A 869 -32.77 -23.80 -22.53
CA THR A 869 -34.15 -23.98 -22.07
C THR A 869 -34.28 -23.58 -20.60
N PRO A 870 -34.99 -22.48 -20.27
CA PRO A 870 -35.21 -22.04 -18.90
C PRO A 870 -36.32 -22.86 -18.21
N SER A 871 -36.62 -22.54 -16.95
CA SER A 871 -37.84 -23.04 -16.28
C SER A 871 -39.08 -22.75 -17.12
N GLY A 872 -39.89 -23.78 -17.40
CA GLY A 872 -41.05 -23.69 -18.29
C GLY A 872 -40.74 -23.71 -19.80
N GLY A 873 -39.50 -24.01 -20.22
CA GLY A 873 -39.14 -24.32 -21.61
C GLY A 873 -39.19 -23.16 -22.62
N SER A 874 -39.35 -21.91 -22.16
CA SER A 874 -39.48 -20.71 -22.99
C SER A 874 -38.13 -20.20 -23.53
N SER A 875 -37.54 -20.93 -24.48
CA SER A 875 -36.19 -20.70 -25.00
C SER A 875 -36.01 -19.35 -25.72
N LYS A 876 -34.79 -18.77 -25.62
CA LYS A 876 -34.39 -17.48 -26.19
C LYS A 876 -32.88 -17.47 -26.53
N PRO A 877 -32.43 -16.67 -27.52
CA PRO A 877 -31.03 -16.64 -27.95
C PRO A 877 -30.10 -15.95 -26.94
N THR A 878 -28.87 -16.45 -26.81
CA THR A 878 -27.87 -15.97 -25.84
C THR A 878 -26.83 -15.03 -26.47
N THR A 879 -27.22 -14.05 -27.29
CA THR A 879 -26.29 -13.18 -28.03
C THR A 879 -26.77 -11.73 -28.18
N TYR A 880 -25.84 -10.80 -28.43
CA TYR A 880 -26.08 -9.35 -28.52
C TYR A 880 -26.86 -8.93 -29.78
N PRO A 881 -27.87 -8.04 -29.65
CA PRO A 881 -28.53 -7.41 -30.81
C PRO A 881 -27.81 -6.13 -31.31
N ALA A 882 -26.98 -5.49 -30.47
CA ALA A 882 -26.26 -4.25 -30.76
C ALA A 882 -24.93 -4.19 -29.99
N LEU A 883 -23.98 -3.40 -30.50
CA LEU A 883 -22.55 -3.40 -30.16
C LEU A 883 -21.97 -1.95 -30.05
N PRO A 884 -20.81 -1.73 -29.41
CA PRO A 884 -20.11 -0.44 -29.39
C PRO A 884 -19.56 0.01 -30.74
N ASN A 885 -19.45 1.33 -30.93
CA ASN A 885 -18.99 1.97 -32.18
C ASN A 885 -17.47 1.95 -32.43
N SER A 886 -16.59 1.58 -31.48
CA SER A 886 -15.15 1.58 -31.76
C SER A 886 -14.35 0.54 -30.97
N ILE A 887 -13.31 -0.01 -31.62
CA ILE A 887 -12.35 -1.00 -31.11
C ILE A 887 -10.89 -0.47 -31.18
N SER A 888 -10.65 0.67 -31.83
CA SER A 888 -9.30 1.19 -32.16
C SER A 888 -8.44 1.48 -30.89
N PRO A 889 -7.10 1.45 -30.97
CA PRO A 889 -6.23 1.61 -29.81
C PRO A 889 -6.33 2.98 -29.13
N THR A 890 -6.87 3.98 -29.82
CA THR A 890 -7.17 5.31 -29.27
C THR A 890 -8.44 5.32 -28.40
N SER A 891 -9.23 4.24 -28.35
CA SER A 891 -10.59 4.24 -27.80
C SER A 891 -10.65 4.65 -26.32
N ASP A 892 -11.58 5.57 -26.04
CA ASP A 892 -12.03 5.94 -24.70
C ASP A 892 -13.52 5.60 -24.60
N TRP A 893 -13.90 4.67 -23.74
CA TRP A 893 -15.30 4.30 -23.50
C TRP A 893 -15.60 4.25 -22.00
N ILE A 894 -16.19 5.33 -21.49
CA ILE A 894 -16.74 5.43 -20.13
C ILE A 894 -17.71 4.27 -19.85
N ASN A 895 -18.56 3.95 -20.82
CA ASN A 895 -19.58 2.91 -20.73
C ASN A 895 -19.10 1.48 -21.05
N ALA A 896 -17.85 1.29 -21.49
CA ALA A 896 -17.36 -0.02 -21.94
C ALA A 896 -15.88 -0.22 -21.60
N LEU A 897 -15.61 -0.56 -20.33
CA LEU A 897 -14.28 -0.88 -19.77
C LEU A 897 -13.55 -2.04 -20.48
N THR A 898 -14.25 -2.79 -21.32
CA THR A 898 -13.70 -3.91 -22.11
C THR A 898 -13.40 -3.58 -23.59
N PHE A 899 -13.96 -2.48 -24.11
CA PHE A 899 -13.70 -1.92 -25.45
C PHE A 899 -12.79 -0.68 -25.41
N THR A 900 -12.73 0.02 -24.28
CA THR A 900 -11.73 1.08 -24.05
C THR A 900 -10.32 0.47 -24.09
N ASN A 901 -9.36 1.17 -24.69
CA ASN A 901 -7.96 0.73 -24.78
C ASN A 901 -7.01 1.54 -23.89
N LYS A 902 -7.38 2.79 -23.59
CA LYS A 902 -6.74 3.61 -22.55
C LYS A 902 -6.85 2.94 -21.17
N ASN A 903 -5.83 3.09 -20.34
CA ASN A 903 -5.78 2.54 -18.98
C ASN A 903 -4.84 3.38 -18.08
N ASN A 904 -5.04 3.35 -16.76
CA ASN A 904 -4.26 4.17 -15.83
C ASN A 904 -2.74 3.89 -15.84
N PRO A 905 -2.26 2.64 -15.93
CA PRO A 905 -0.85 2.37 -16.20
C PRO A 905 -0.35 3.09 -17.46
N GLN A 906 -1.03 2.94 -18.60
CA GLN A 906 -0.65 3.58 -19.85
C GLN A 906 -0.66 5.12 -19.74
N ARG A 907 -1.62 5.71 -19.03
CA ARG A 907 -1.67 7.17 -18.76
C ARG A 907 -0.39 7.67 -18.09
N ASN A 908 0.14 6.92 -17.12
CA ASN A 908 1.41 7.25 -16.45
C ASN A 908 2.64 6.89 -17.31
N GLN A 909 2.61 5.79 -18.07
CA GLN A 909 3.69 5.44 -19.00
C GLN A 909 3.83 6.49 -20.12
N LEU A 910 2.70 6.90 -20.71
CA LEU A 910 2.66 7.98 -21.69
C LEU A 910 3.12 9.28 -21.09
N LEU A 911 2.71 9.63 -19.86
CA LEU A 911 3.19 10.84 -19.20
C LEU A 911 4.72 10.85 -19.14
N LEU A 912 5.34 9.78 -18.62
CA LEU A 912 6.80 9.72 -18.52
C LEU A 912 7.46 9.77 -19.90
N ARG A 913 7.08 8.88 -20.83
CA ARG A 913 7.78 8.75 -22.12
C ARG A 913 7.45 9.85 -23.12
N SER A 914 6.36 10.60 -22.95
CA SER A 914 6.13 11.86 -23.68
C SER A 914 6.91 13.05 -23.08
N LEU A 915 7.18 13.06 -21.76
CA LEU A 915 8.15 13.98 -21.16
C LEU A 915 9.56 13.69 -21.69
N LEU A 916 10.04 12.44 -21.60
CA LEU A 916 11.32 12.05 -22.20
C LEU A 916 11.32 12.19 -23.74
N GLY A 917 10.15 12.29 -24.38
CA GLY A 917 9.99 12.60 -25.80
C GLY A 917 10.25 11.44 -26.76
N THR A 918 10.21 10.19 -26.28
CA THR A 918 10.65 8.98 -27.02
C THR A 918 9.58 7.88 -27.12
N ILE A 919 8.31 8.26 -27.23
CA ILE A 919 7.25 7.37 -27.75
C ILE A 919 7.54 7.07 -29.25
N PRO A 920 7.54 5.80 -29.71
CA PRO A 920 7.76 5.49 -31.12
C PRO A 920 6.52 5.72 -32.01
N VAL A 921 6.73 5.72 -33.32
CA VAL A 921 5.69 5.84 -34.36
C VAL A 921 5.75 4.65 -35.32
N LEU A 922 4.61 4.27 -35.88
CA LEU A 922 4.45 3.10 -36.76
C LEU A 922 4.46 3.55 -38.23
N ILE A 923 5.25 2.86 -39.06
CA ILE A 923 5.63 3.31 -40.41
C ILE A 923 5.32 2.24 -41.47
N ASN A 924 4.85 2.65 -42.66
CA ASN A 924 4.91 1.87 -43.91
C ASN A 924 5.88 2.46 -44.95
N LYS A 925 6.14 3.78 -44.89
CA LYS A 925 6.77 4.57 -45.95
C LYS A 925 7.85 5.50 -45.40
N SER A 926 9.03 5.49 -46.02
CA SER A 926 10.12 6.45 -45.76
C SER A 926 10.11 7.61 -46.78
N GLY A 927 10.97 8.63 -46.57
CA GLY A 927 11.14 9.74 -47.50
C GLY A 927 11.90 9.43 -48.81
N ASP A 928 12.39 8.19 -48.98
CA ASP A 928 13.24 7.78 -50.11
C ASP A 928 12.50 7.72 -51.48
N SER A 929 13.27 7.63 -52.56
CA SER A 929 12.74 7.63 -53.94
C SER A 929 11.66 6.57 -54.17
N ASN A 930 10.51 7.00 -54.72
CA ASN A 930 9.26 6.24 -54.91
C ASN A 930 8.61 5.65 -53.64
N ASP A 931 9.17 5.86 -52.44
CA ASP A 931 8.63 5.33 -51.18
C ASP A 931 7.67 6.29 -50.44
N GLN A 932 7.70 7.57 -50.80
CA GLN A 932 7.17 8.72 -50.04
C GLN A 932 5.67 8.67 -49.64
N PHE A 933 5.36 9.25 -48.48
CA PHE A 933 4.01 9.53 -47.94
C PHE A 933 3.75 11.04 -47.85
N ASN A 934 2.54 11.50 -48.18
CA ASN A 934 2.26 12.93 -48.37
C ASN A 934 1.22 13.54 -47.40
N LYS A 935 1.37 14.85 -47.10
CA LYS A 935 0.41 15.67 -46.36
C LYS A 935 -0.90 15.90 -47.14
N ASP A 936 -0.80 16.17 -48.45
CA ASP A 936 -1.91 16.57 -49.33
C ASP A 936 -2.38 15.43 -50.23
N SER A 937 -3.71 15.29 -50.36
CA SER A 937 -4.40 14.29 -51.20
C SER A 937 -4.08 12.80 -50.87
N GLU A 938 -3.59 12.52 -49.66
CA GLU A 938 -3.25 11.17 -49.19
C GLU A 938 -3.66 10.90 -47.71
N GLN A 939 -4.14 11.92 -46.99
CA GLN A 939 -4.68 11.82 -45.63
C GLN A 939 -6.00 12.61 -45.52
N LYS A 940 -7.02 12.03 -44.88
CA LYS A 940 -8.35 12.64 -44.71
C LYS A 940 -8.83 12.57 -43.25
N TRP A 941 -8.42 13.54 -42.44
CA TRP A 941 -8.77 13.66 -41.01
C TRP A 941 -10.28 13.70 -40.74
N ASP A 942 -11.07 14.22 -41.69
CA ASP A 942 -12.53 14.33 -41.64
C ASP A 942 -13.28 13.01 -41.95
N LYS A 943 -12.58 11.98 -42.46
CA LYS A 943 -13.18 10.70 -42.93
C LYS A 943 -12.59 9.47 -42.21
N THR A 944 -12.46 9.57 -40.89
CA THR A 944 -11.87 8.52 -40.03
C THR A 944 -12.69 7.21 -39.96
N GLU A 945 -13.85 7.13 -40.61
CA GLU A 945 -14.62 5.90 -40.82
C GLU A 945 -14.01 4.97 -41.88
N THR A 946 -13.08 5.46 -42.72
CA THR A 946 -12.52 4.69 -43.85
C THR A 946 -10.98 4.71 -43.88
N ASN A 947 -10.40 3.89 -44.76
CA ASN A 947 -8.95 3.75 -44.91
C ASN A 947 -8.24 5.07 -45.30
N GLU A 948 -8.94 6.03 -45.91
CA GLU A 948 -8.38 7.35 -46.27
C GLU A 948 -7.98 8.19 -45.03
N GLY A 949 -8.46 7.85 -43.83
CA GLY A 949 -8.00 8.43 -42.56
C GLY A 949 -6.72 7.79 -41.99
N ASN A 950 -6.23 6.72 -42.60
CA ASN A 950 -4.96 6.05 -42.31
C ASN A 950 -4.70 5.61 -40.86
N LEU A 951 -5.74 5.29 -40.07
CA LEU A 951 -5.57 4.65 -38.75
C LEU A 951 -5.02 3.22 -38.92
N PRO A 952 -3.88 2.85 -38.32
CA PRO A 952 -3.34 1.50 -38.42
C PRO A 952 -4.27 0.42 -37.86
N GLY A 953 -4.68 0.52 -36.58
CA GLY A 953 -5.49 -0.52 -35.93
C GLY A 953 -4.79 -1.87 -35.72
N PHE A 954 -3.48 -1.96 -35.97
CA PHE A 954 -2.66 -3.18 -35.77
C PHE A 954 -1.18 -2.82 -35.65
N GLY A 955 -0.49 -3.32 -34.61
CA GLY A 955 0.91 -3.01 -34.30
C GLY A 955 1.16 -1.61 -33.70
N GLU A 956 0.10 -0.84 -33.44
CA GLU A 956 0.15 0.56 -33.00
C GLU A 956 0.41 0.72 -31.49
N VAL A 957 1.03 1.82 -31.05
CA VAL A 957 1.22 2.11 -29.62
C VAL A 957 -0.12 2.39 -28.94
N ASN A 958 -0.37 1.78 -27.78
CA ASN A 958 -1.68 1.81 -27.13
C ASN A 958 -2.08 3.21 -26.59
N GLY A 959 -3.38 3.48 -26.56
CA GLY A 959 -3.99 4.70 -26.00
C GLY A 959 -3.97 5.93 -26.92
N LEU A 960 -2.92 6.08 -27.74
CA LEU A 960 -2.70 7.24 -28.62
C LEU A 960 -3.23 7.03 -30.06
N TYR A 961 -2.89 7.93 -30.99
CA TYR A 961 -3.21 7.83 -32.43
C TYR A 961 -1.98 8.11 -33.30
N ASN A 962 -1.55 7.14 -34.12
CA ASN A 962 -0.27 7.19 -34.83
C ASN A 962 -0.13 8.36 -35.84
N ALA A 963 -1.14 8.60 -36.69
CA ALA A 963 -1.06 9.66 -37.69
C ALA A 963 -0.93 11.05 -37.04
N ALA A 964 -1.64 11.27 -35.94
CA ALA A 964 -1.50 12.47 -35.12
C ALA A 964 -0.11 12.55 -34.46
N LEU A 965 0.41 11.44 -33.92
CA LEU A 965 1.76 11.45 -33.35
C LEU A 965 2.83 11.78 -34.41
N LEU A 966 2.77 11.15 -35.59
CA LEU A 966 3.61 11.47 -36.74
C LEU A 966 3.51 12.96 -37.14
N HIS A 967 2.30 13.53 -37.14
CA HIS A 967 2.10 14.95 -37.40
C HIS A 967 2.72 15.85 -36.32
N THR A 968 2.53 15.54 -35.03
CA THR A 968 3.13 16.31 -33.92
C THR A 968 4.65 16.22 -33.91
N TYR A 969 5.23 15.09 -34.30
CA TYR A 969 6.66 14.95 -34.54
C TYR A 969 7.14 15.64 -35.83
N GLY A 970 6.24 15.84 -36.81
CA GLY A 970 6.54 16.43 -38.10
C GLY A 970 7.24 15.48 -39.08
N PHE A 971 6.94 14.18 -39.02
CA PHE A 971 7.48 13.18 -39.97
C PHE A 971 6.93 13.40 -41.41
N PHE A 972 5.79 14.08 -41.53
CA PHE A 972 5.27 14.63 -42.78
C PHE A 972 4.77 16.06 -42.56
N GLY A 973 4.84 16.90 -43.59
CA GLY A 973 4.58 18.34 -43.51
C GLY A 973 5.72 19.17 -42.92
N THR A 974 5.65 20.49 -43.04
CA THR A 974 6.70 21.46 -42.65
C THR A 974 6.67 21.86 -41.16
N ASN A 975 6.14 21.00 -40.29
CA ASN A 975 5.96 21.29 -38.86
C ASN A 975 7.31 21.41 -38.10
N THR A 976 8.25 20.47 -38.34
CA THR A 976 9.52 20.33 -37.60
C THR A 976 10.77 20.63 -38.45
N ASN A 977 10.62 20.80 -39.77
CA ASN A 977 11.70 21.04 -40.73
C ASN A 977 11.26 21.98 -41.87
N SER A 978 12.21 22.68 -42.50
CA SER A 978 11.96 23.66 -43.56
C SER A 978 11.41 23.06 -44.88
N THR A 979 11.43 21.73 -45.02
CA THR A 979 10.79 21.00 -46.13
C THR A 979 10.23 19.65 -45.63
N ASP A 980 9.19 19.16 -46.30
CA ASP A 980 8.41 17.97 -45.95
C ASP A 980 9.26 16.67 -45.98
N PRO A 981 9.50 15.98 -44.85
CA PRO A 981 10.30 14.74 -44.83
C PRO A 981 9.60 13.51 -45.45
N LYS A 982 8.28 13.55 -45.64
CA LYS A 982 7.47 12.51 -46.33
C LYS A 982 7.57 11.08 -45.75
N ILE A 983 7.75 10.94 -44.44
CA ILE A 983 7.76 9.65 -43.72
C ILE A 983 6.39 9.41 -43.07
N GLY A 984 5.83 8.19 -43.14
CA GLY A 984 4.57 7.89 -42.45
C GLY A 984 3.93 6.53 -42.75
N PHE A 985 2.60 6.51 -42.62
CA PHE A 985 1.76 5.30 -42.68
C PHE A 985 0.56 5.52 -43.62
N LYS A 986 0.23 4.54 -44.46
CA LYS A 986 -0.96 4.58 -45.34
C LYS A 986 -1.71 3.24 -45.34
N ALA A 987 -3.02 3.27 -45.17
CA ALA A 987 -3.89 2.10 -45.23
C ALA A 987 -4.36 1.80 -46.67
N ASP A 988 -3.60 1.00 -47.42
CA ASP A 988 -3.96 0.56 -48.78
C ASP A 988 -5.02 -0.56 -48.79
N SER A 989 -5.89 -0.55 -49.82
CA SER A 989 -6.95 -1.55 -50.04
C SER A 989 -6.73 -2.45 -51.28
N SER A 990 -5.67 -2.25 -52.05
CA SER A 990 -5.38 -3.01 -53.27
C SER A 990 -4.52 -4.28 -53.04
N SER A 991 -3.77 -4.37 -51.94
CA SER A 991 -2.84 -5.48 -51.66
C SER A 991 -2.46 -5.59 -50.18
N SER A 992 -1.90 -6.73 -49.78
CA SER A 992 -1.29 -6.93 -48.45
C SER A 992 -0.13 -5.95 -48.19
N SER A 993 0.08 -5.56 -46.93
CA SER A 993 1.03 -4.51 -46.55
C SER A 993 1.87 -4.88 -45.32
N SER A 994 3.02 -4.22 -45.16
CA SER A 994 4.04 -4.46 -44.12
C SER A 994 4.31 -3.20 -43.31
N SER A 995 4.67 -3.36 -42.03
CA SER A 995 4.86 -2.26 -41.08
C SER A 995 5.90 -2.56 -40.01
N THR A 996 6.51 -1.53 -39.42
CA THR A 996 7.31 -1.62 -38.19
C THR A 996 7.36 -0.26 -37.47
N LEU A 997 7.71 -0.25 -36.18
CA LEU A 997 7.92 0.96 -35.38
C LEU A 997 9.29 1.59 -35.64
N VAL A 998 9.41 2.90 -35.39
CA VAL A 998 10.67 3.64 -35.30
C VAL A 998 10.57 4.69 -34.18
N GLY A 999 11.71 5.14 -33.65
CA GLY A 999 11.75 6.16 -32.59
C GLY A 999 11.34 7.56 -33.05
N SER A 1000 11.19 8.50 -32.11
CA SER A 1000 10.84 9.90 -32.40
C SER A 1000 11.99 10.74 -33.01
N GLY A 1001 13.21 10.21 -33.02
CA GLY A 1001 14.44 10.93 -33.36
C GLY A 1001 15.23 11.48 -32.15
N LEU A 1002 14.61 11.57 -30.96
CA LEU A 1002 15.26 12.00 -29.72
C LEU A 1002 15.90 10.82 -28.95
N ASN A 1003 16.87 11.12 -28.09
CA ASN A 1003 17.74 10.12 -27.44
C ASN A 1003 17.69 10.06 -25.89
N TRP A 1004 16.83 10.84 -25.23
CA TRP A 1004 16.64 10.73 -23.77
C TRP A 1004 16.02 9.37 -23.38
N THR A 1005 16.26 8.91 -22.15
CA THR A 1005 15.72 7.65 -21.62
C THR A 1005 15.33 7.78 -20.14
N SER A 1006 14.42 6.93 -19.64
CA SER A 1006 13.77 7.12 -18.33
C SER A 1006 14.68 7.02 -17.10
N GLN A 1007 15.92 6.55 -17.24
CA GLN A 1007 16.95 6.61 -16.20
C GLN A 1007 17.62 8.00 -16.07
N ASP A 1008 17.41 8.92 -17.01
CA ASP A 1008 17.99 10.28 -17.06
C ASP A 1008 17.39 11.24 -16.00
N VAL A 1009 17.46 10.87 -14.72
CA VAL A 1009 16.90 11.64 -13.59
C VAL A 1009 17.99 12.20 -12.69
N GLY A 1010 17.90 13.49 -12.39
CA GLY A 1010 18.87 14.28 -11.63
C GLY A 1010 18.46 14.53 -10.17
N ASN A 1011 19.10 15.51 -9.54
CA ASN A 1011 18.96 15.82 -8.11
C ASN A 1011 17.51 16.09 -7.67
N LEU A 1012 17.06 15.42 -6.61
CA LEU A 1012 15.95 15.89 -5.80
C LEU A 1012 16.38 17.19 -5.08
N VAL A 1013 15.65 18.27 -5.31
CA VAL A 1013 15.83 19.56 -4.61
C VAL A 1013 14.54 19.99 -3.93
N VAL A 1014 14.65 20.38 -2.66
CA VAL A 1014 13.52 20.83 -1.84
C VAL A 1014 13.49 22.35 -1.86
N ILE A 1015 12.37 22.93 -2.31
CA ILE A 1015 12.23 24.36 -2.58
C ILE A 1015 11.86 25.14 -1.31
N ASN A 1016 10.94 24.59 -0.50
CA ASN A 1016 10.48 25.13 0.78
C ASN A 1016 9.90 24.00 1.67
N ASP A 1017 9.13 24.35 2.71
CA ASP A 1017 8.58 23.39 3.68
C ASP A 1017 7.57 22.37 3.10
N THR A 1018 7.06 22.55 1.88
CA THR A 1018 6.10 21.61 1.24
C THR A 1018 6.37 21.31 -0.23
N SER A 1019 7.15 22.13 -0.95
CA SER A 1019 7.42 21.99 -2.39
C SER A 1019 8.82 21.43 -2.68
N PHE A 1020 8.91 20.48 -3.61
CA PHE A 1020 10.16 19.86 -4.09
C PHE A 1020 10.05 19.48 -5.58
N GLY A 1021 11.19 19.27 -6.24
CA GLY A 1021 11.25 18.90 -7.66
C GLY A 1021 12.60 18.29 -8.07
N PHE A 1022 12.73 17.90 -9.34
CA PHE A 1022 13.96 17.34 -9.89
C PHE A 1022 14.11 17.53 -11.41
N GLN A 1023 15.34 17.45 -11.91
CA GLN A 1023 15.63 17.37 -13.34
C GLN A 1023 15.32 15.97 -13.89
N LEU A 1024 14.70 15.87 -15.06
CA LEU A 1024 14.37 14.63 -15.76
C LEU A 1024 14.60 14.83 -17.27
N GLY A 1025 15.78 14.45 -17.76
CA GLY A 1025 16.21 14.73 -19.14
C GLY A 1025 16.05 16.21 -19.51
N GLY A 1026 15.34 16.47 -20.60
CA GLY A 1026 14.98 17.80 -21.07
C GLY A 1026 13.92 18.56 -20.26
N TRP A 1027 13.54 18.11 -19.05
CA TRP A 1027 12.56 18.79 -18.18
C TRP A 1027 13.10 19.03 -16.76
N PHE A 1028 12.61 20.09 -16.12
CA PHE A 1028 12.52 20.14 -14.66
C PHE A 1028 11.05 19.93 -14.24
N ILE A 1029 10.80 19.02 -13.28
CA ILE A 1029 9.46 18.68 -12.77
C ILE A 1029 9.35 19.00 -11.27
N THR A 1030 8.21 19.56 -10.85
CA THR A 1030 7.96 19.96 -9.46
C THR A 1030 6.66 19.33 -8.95
N PHE A 1031 6.69 18.79 -7.73
CA PHE A 1031 5.57 18.13 -7.05
C PHE A 1031 4.98 19.05 -5.96
N THR A 1032 4.59 20.26 -6.38
CA THR A 1032 4.36 21.44 -5.52
C THR A 1032 3.37 21.21 -4.36
N ASP A 1033 2.35 20.37 -4.56
CA ASP A 1033 1.21 20.21 -3.63
C ASP A 1033 1.13 18.83 -2.94
N PHE A 1034 2.12 17.95 -3.11
CA PHE A 1034 2.03 16.55 -2.62
C PHE A 1034 1.91 16.41 -1.09
N ILE A 1035 2.61 17.25 -0.33
CA ILE A 1035 2.64 17.19 1.15
C ILE A 1035 1.35 17.76 1.77
N ARG A 1036 0.74 18.77 1.13
CA ARG A 1036 -0.51 19.43 1.57
C ARG A 1036 -1.44 19.72 0.37
N PRO A 1037 -2.20 18.72 -0.12
CA PRO A 1037 -3.07 18.84 -1.29
C PRO A 1037 -4.19 19.90 -1.18
N ARG A 1038 -4.70 20.33 -2.33
CA ARG A 1038 -5.87 21.22 -2.49
C ARG A 1038 -6.77 20.77 -3.64
N THR A 1039 -8.06 21.05 -3.57
CA THR A 1039 -9.01 20.84 -4.68
C THR A 1039 -8.78 21.84 -5.82
N GLY A 1040 -9.02 21.44 -7.06
CA GLY A 1040 -8.89 22.31 -8.25
C GLY A 1040 -7.46 22.62 -8.71
N TYR A 1041 -6.43 22.09 -8.06
CA TYR A 1041 -5.02 22.22 -8.47
C TYR A 1041 -4.49 20.90 -9.04
N LEU A 1042 -3.76 20.95 -10.16
CA LEU A 1042 -3.24 19.73 -10.80
C LEU A 1042 -2.04 19.07 -10.06
N GLY A 1043 -1.37 19.77 -9.15
CA GLY A 1043 -0.32 19.22 -8.28
C GLY A 1043 1.09 19.06 -8.88
N ILE A 1044 1.27 19.27 -10.19
CA ILE A 1044 2.55 19.17 -10.91
C ILE A 1044 2.83 20.46 -11.70
N THR A 1045 4.08 20.92 -11.74
CA THR A 1045 4.55 21.96 -12.69
C THR A 1045 5.83 21.54 -13.42
N LEU A 1046 5.98 21.99 -14.66
CA LEU A 1046 6.99 21.51 -15.61
C LEU A 1046 7.65 22.66 -16.40
N SER A 1047 8.99 22.63 -16.54
CA SER A 1047 9.75 23.54 -17.42
C SER A 1047 10.64 22.78 -18.43
N SER A 1048 10.47 23.03 -19.73
CA SER A 1048 11.24 22.40 -20.81
C SER A 1048 12.60 23.06 -21.04
N LEU A 1049 13.63 22.28 -21.39
CA LEU A 1049 14.86 22.75 -22.01
C LEU A 1049 14.57 23.35 -23.41
N GLN A 1050 15.35 24.34 -23.85
CA GLN A 1050 15.22 24.98 -25.17
C GLN A 1050 16.35 24.64 -26.17
N ASP A 1051 17.55 24.27 -25.70
CA ASP A 1051 18.73 24.15 -26.56
C ASP A 1051 18.70 22.92 -27.48
N GLN A 1052 18.48 23.14 -28.78
CA GLN A 1052 18.43 22.09 -29.80
C GLN A 1052 19.75 21.32 -29.91
N THR A 1053 20.90 21.94 -29.60
CA THR A 1053 22.21 21.29 -29.66
C THR A 1053 22.40 20.24 -28.56
N ILE A 1054 21.66 20.36 -27.46
CA ILE A 1054 21.55 19.31 -26.44
C ILE A 1054 20.49 18.27 -26.85
N ILE A 1055 19.28 18.74 -27.18
CA ILE A 1055 18.10 17.90 -27.40
C ILE A 1055 18.30 16.86 -28.53
N TRP A 1056 19.04 17.22 -29.58
CA TRP A 1056 19.36 16.34 -30.72
C TRP A 1056 20.74 15.68 -30.64
N ALA A 1057 21.41 15.66 -29.47
CA ALA A 1057 22.63 14.86 -29.26
C ALA A 1057 22.32 13.35 -29.13
N ASP A 1058 23.30 12.48 -29.42
CA ASP A 1058 23.11 11.02 -29.43
C ASP A 1058 23.18 10.33 -28.05
N GLN A 1059 23.73 10.99 -27.02
CA GLN A 1059 23.68 10.55 -25.61
C GLN A 1059 23.48 11.77 -24.68
N PRO A 1060 22.29 12.42 -24.73
CA PRO A 1060 22.14 13.84 -24.37
C PRO A 1060 22.30 14.14 -22.87
N TRP A 1061 21.95 13.19 -21.99
CA TRP A 1061 22.06 13.38 -20.53
C TRP A 1061 23.49 13.60 -20.04
N THR A 1062 24.51 13.16 -20.80
CA THR A 1062 25.93 13.42 -20.48
C THR A 1062 26.30 14.90 -20.47
N SER A 1063 25.47 15.79 -21.03
CA SER A 1063 25.65 17.25 -20.97
C SER A 1063 25.11 17.93 -19.69
N PHE A 1064 24.25 17.27 -18.90
CA PHE A 1064 23.75 17.79 -17.63
C PHE A 1064 24.83 17.69 -16.53
N LYS A 1065 25.12 18.79 -15.84
CA LYS A 1065 26.21 18.89 -14.85
C LYS A 1065 25.73 19.10 -13.40
N GLY A 1066 24.44 18.89 -13.12
CA GLY A 1066 23.86 18.93 -11.76
C GLY A 1066 22.85 20.06 -11.56
N SER A 1067 22.01 19.92 -10.52
CA SER A 1067 20.90 20.84 -10.20
C SER A 1067 20.83 21.19 -8.71
N TYR A 1068 20.41 22.43 -8.39
CA TYR A 1068 20.50 23.04 -7.06
C TYR A 1068 19.40 24.10 -6.83
N LEU A 1069 19.03 24.35 -5.56
CA LEU A 1069 18.21 25.51 -5.18
C LEU A 1069 19.08 26.77 -5.07
N ASP A 1070 18.63 27.89 -5.62
CA ASP A 1070 19.39 29.15 -5.68
C ASP A 1070 18.83 30.27 -4.78
N SER A 1071 19.67 31.24 -4.42
CA SER A 1071 19.38 32.26 -3.38
C SER A 1071 18.28 33.26 -3.72
N ASP A 1072 17.90 33.39 -5.00
CA ASP A 1072 16.74 34.14 -5.50
C ASP A 1072 15.41 33.36 -5.39
N GLY A 1073 15.43 32.12 -4.89
CA GLY A 1073 14.24 31.31 -4.61
C GLY A 1073 13.82 30.35 -5.73
N THR A 1074 14.65 30.11 -6.73
CA THR A 1074 14.38 29.21 -7.86
C THR A 1074 15.35 28.02 -7.91
N PRO A 1075 14.90 26.81 -8.28
CA PRO A 1075 15.81 25.74 -8.65
C PRO A 1075 16.44 25.99 -10.02
N LYS A 1076 17.71 25.63 -10.17
CA LYS A 1076 18.53 25.85 -11.37
C LYS A 1076 19.35 24.59 -11.72
N SER A 1077 19.81 24.50 -12.97
CA SER A 1077 20.53 23.33 -13.53
C SER A 1077 21.68 23.73 -14.46
N LEU A 1078 22.79 23.01 -14.43
CA LEU A 1078 23.97 23.30 -15.26
C LEU A 1078 24.01 22.46 -16.55
N TRP A 1079 24.41 23.06 -17.67
CA TRP A 1079 24.50 22.41 -18.98
C TRP A 1079 25.82 22.72 -19.71
N ASP A 1080 26.42 21.73 -20.36
CA ASP A 1080 27.65 21.89 -21.15
C ASP A 1080 27.59 21.16 -22.52
N PRO A 1081 27.29 21.87 -23.61
CA PRO A 1081 27.36 21.37 -24.99
C PRO A 1081 28.73 20.82 -25.45
N THR A 1082 29.80 20.98 -24.67
CA THR A 1082 31.11 20.37 -24.97
C THR A 1082 31.30 18.98 -24.32
N ALA A 1083 30.42 18.58 -23.39
CA ALA A 1083 30.53 17.33 -22.63
C ALA A 1083 29.93 16.09 -23.32
N LEU A 1084 29.24 16.26 -24.46
CA LEU A 1084 28.67 15.14 -25.22
C LEU A 1084 29.76 14.20 -25.77
N LYS A 1085 29.39 12.93 -25.99
CA LYS A 1085 30.25 11.88 -26.52
C LYS A 1085 29.59 11.15 -27.70
N SER A 1086 30.38 10.80 -28.70
CA SER A 1086 29.98 10.01 -29.86
C SER A 1086 29.72 8.54 -29.50
N LEU A 1087 29.21 7.76 -30.46
CA LEU A 1087 29.11 6.30 -30.32
C LEU A 1087 30.51 5.65 -30.19
N PRO A 1088 30.64 4.44 -29.60
CA PRO A 1088 31.92 3.78 -29.31
C PRO A 1088 32.87 3.60 -30.51
N ASN A 1089 32.34 3.57 -31.75
CA ASN A 1089 33.11 3.66 -32.98
C ASN A 1089 32.31 4.38 -34.10
N SER A 1090 33.01 4.88 -35.11
CA SER A 1090 32.47 5.59 -36.27
C SER A 1090 31.86 4.67 -37.36
N SER A 1091 31.38 3.47 -36.97
CA SER A 1091 31.01 2.33 -37.82
C SER A 1091 32.15 1.74 -38.69
N THR A 1092 33.39 2.16 -38.39
CA THR A 1092 34.71 1.69 -38.88
C THR A 1092 34.93 1.67 -40.39
N THR A 1093 34.13 0.93 -41.15
CA THR A 1093 34.28 0.69 -42.59
C THR A 1093 32.95 0.36 -43.30
N TYR A 1094 31.83 0.26 -42.58
CA TYR A 1094 30.54 -0.19 -43.14
C TYR A 1094 29.32 0.55 -42.54
N ASP A 1095 28.18 0.49 -43.22
CA ASP A 1095 26.93 1.07 -42.74
C ASP A 1095 26.24 0.13 -41.71
N THR A 1096 26.29 0.48 -40.42
CA THR A 1096 25.66 -0.28 -39.33
C THR A 1096 24.14 -0.04 -39.30
N ASN A 1097 23.41 -0.76 -40.16
CA ASN A 1097 21.95 -0.71 -40.21
C ASN A 1097 21.29 -0.87 -38.82
N PRO A 1098 21.68 -1.85 -37.98
CA PRO A 1098 21.51 -1.76 -36.53
C PRO A 1098 22.65 -0.97 -35.88
N THR A 1099 22.35 0.11 -35.16
CA THR A 1099 23.32 0.90 -34.38
C THR A 1099 22.83 1.04 -32.93
N LEU A 1100 23.42 0.26 -32.02
CA LEU A 1100 23.06 0.28 -30.61
C LEU A 1100 23.32 1.68 -30.02
N SER A 1101 22.28 2.26 -29.44
CA SER A 1101 22.21 3.66 -28.98
C SER A 1101 21.04 3.79 -27.99
N PRO A 1102 20.98 4.83 -27.13
CA PRO A 1102 20.04 4.88 -26.00
C PRO A 1102 18.54 5.07 -26.36
N SER A 1103 18.20 5.07 -27.65
CA SER A 1103 16.83 5.13 -28.18
C SER A 1103 16.59 4.13 -29.33
N PHE A 1104 17.45 3.11 -29.46
CA PHE A 1104 17.31 2.00 -30.43
C PHE A 1104 16.50 0.84 -29.84
N GLN A 1105 15.75 0.13 -30.69
CA GLN A 1105 15.07 -1.12 -30.38
C GLN A 1105 14.99 -2.03 -31.62
N LEU A 1106 14.98 -3.35 -31.42
CA LEU A 1106 14.77 -4.34 -32.49
C LEU A 1106 13.28 -4.56 -32.81
N TYR A 1107 12.61 -3.49 -33.25
CA TYR A 1107 11.22 -3.53 -33.68
C TYR A 1107 11.03 -4.47 -34.90
N GLN A 1108 10.15 -5.45 -34.77
CA GLN A 1108 9.94 -6.53 -35.73
C GLN A 1108 8.89 -6.15 -36.81
N PRO A 1109 8.89 -6.81 -37.99
CA PRO A 1109 7.79 -6.71 -38.95
C PRO A 1109 6.43 -7.15 -38.37
N ASN A 1110 5.39 -6.35 -38.63
CA ASN A 1110 3.99 -6.80 -38.62
C ASN A 1110 3.44 -6.73 -40.06
N LYS A 1111 2.80 -7.81 -40.55
CA LYS A 1111 2.24 -7.92 -41.91
C LYS A 1111 0.73 -8.21 -41.87
N VAL A 1112 -0.01 -7.63 -42.81
CA VAL A 1112 -1.48 -7.54 -42.75
C VAL A 1112 -2.13 -7.68 -44.13
N LYS A 1113 -3.37 -8.17 -44.19
CA LYS A 1113 -4.22 -8.18 -45.41
C LYS A 1113 -4.70 -6.78 -45.77
N ALA A 1114 -5.17 -6.60 -47.01
CA ALA A 1114 -5.69 -5.32 -47.49
C ALA A 1114 -6.84 -4.77 -46.62
N TYR A 1115 -6.84 -3.47 -46.37
CA TYR A 1115 -7.94 -2.77 -45.68
C TYR A 1115 -9.17 -2.73 -46.59
N GLN A 1116 -10.39 -2.80 -46.05
CA GLN A 1116 -11.60 -2.59 -46.86
C GLN A 1116 -11.74 -1.10 -47.22
N THR A 1117 -12.13 -0.79 -48.47
CA THR A 1117 -12.25 0.59 -48.99
C THR A 1117 -13.40 1.38 -48.32
N THR A 1118 -14.43 0.68 -47.85
CA THR A 1118 -15.55 1.23 -47.05
C THR A 1118 -15.85 0.28 -45.88
N ASN A 1119 -16.52 0.77 -44.83
CA ASN A 1119 -16.74 0.02 -43.58
C ASN A 1119 -15.42 -0.51 -42.98
N THR A 1120 -14.34 0.26 -43.10
CA THR A 1120 -12.95 -0.21 -42.98
C THR A 1120 -12.63 -0.84 -41.62
N TYR A 1121 -13.20 -0.30 -40.54
CA TYR A 1121 -12.89 -0.69 -39.16
C TYR A 1121 -14.03 -1.48 -38.49
N ASN A 1122 -15.04 -1.93 -39.25
CA ASN A 1122 -16.19 -2.69 -38.73
C ASN A 1122 -15.76 -4.06 -38.15
N LYS A 1123 -14.66 -4.61 -38.66
CA LYS A 1123 -13.90 -5.75 -38.12
C LYS A 1123 -12.43 -5.35 -37.93
N LEU A 1124 -11.71 -6.01 -37.03
CA LEU A 1124 -10.25 -5.85 -36.88
C LEU A 1124 -9.51 -6.27 -38.15
N ILE A 1125 -8.42 -5.57 -38.47
CA ILE A 1125 -7.65 -5.77 -39.71
C ILE A 1125 -6.82 -7.06 -39.61
N GLU A 1126 -6.98 -7.99 -40.56
CA GLU A 1126 -6.50 -9.37 -40.41
C GLU A 1126 -4.99 -9.56 -40.68
N PRO A 1127 -4.20 -10.10 -39.74
CA PRO A 1127 -2.76 -10.33 -39.89
C PRO A 1127 -2.43 -11.58 -40.74
N VAL A 1128 -1.21 -11.61 -41.29
CA VAL A 1128 -0.65 -12.71 -42.11
C VAL A 1128 0.83 -12.95 -41.79
N ASP A 1129 1.36 -14.11 -42.20
CA ASP A 1129 2.74 -14.54 -41.95
C ASP A 1129 3.79 -13.43 -42.22
N ALA A 1130 4.49 -13.02 -41.16
CA ALA A 1130 5.50 -11.96 -41.19
C ALA A 1130 6.94 -12.50 -41.19
N THR A 1131 7.14 -13.83 -41.09
CA THR A 1131 8.47 -14.43 -40.92
C THR A 1131 9.41 -14.23 -42.12
N SER A 1132 8.87 -13.96 -43.31
CA SER A 1132 9.62 -13.65 -44.54
C SER A 1132 9.61 -12.16 -44.93
N ALA A 1133 8.92 -11.29 -44.18
CA ALA A 1133 8.56 -9.93 -44.62
C ALA A 1133 9.75 -8.95 -44.78
N ALA A 1134 10.88 -9.18 -44.09
CA ALA A 1134 11.98 -8.21 -43.97
C ALA A 1134 12.61 -7.80 -45.32
N THR A 1135 12.61 -8.68 -46.33
CA THR A 1135 13.14 -8.38 -47.67
C THR A 1135 12.30 -7.34 -48.45
N ASN A 1136 11.02 -7.16 -48.09
CA ASN A 1136 10.10 -6.24 -48.78
C ASN A 1136 10.11 -4.79 -48.22
N MET A 1137 10.92 -4.50 -47.19
CA MET A 1137 10.77 -3.29 -46.35
C MET A 1137 12.10 -2.64 -45.95
N THR A 1138 13.16 -2.79 -46.75
CA THR A 1138 14.54 -2.35 -46.44
C THR A 1138 14.65 -0.88 -46.06
N SER A 1139 13.89 0.01 -46.70
CA SER A 1139 13.90 1.46 -46.37
C SER A 1139 13.44 1.72 -44.93
N LEU A 1140 12.56 0.89 -44.37
CA LEU A 1140 12.12 1.01 -42.97
C LEU A 1140 13.15 0.44 -42.02
N LEU A 1141 13.76 -0.70 -42.36
CA LEU A 1141 14.78 -1.33 -41.51
C LEU A 1141 16.03 -0.45 -41.34
N LYS A 1142 16.42 0.35 -42.34
CA LYS A 1142 17.48 1.36 -42.20
C LYS A 1142 17.10 2.50 -41.22
N LEU A 1143 15.82 2.85 -41.15
CA LEU A 1143 15.28 3.88 -40.24
C LEU A 1143 15.11 3.39 -38.78
N LEU A 1144 15.37 2.11 -38.48
CA LEU A 1144 15.48 1.62 -37.09
C LEU A 1144 16.65 2.28 -36.33
N THR A 1145 17.76 2.59 -37.02
CA THR A 1145 18.86 3.40 -36.48
C THR A 1145 18.47 4.88 -36.42
N THR A 1146 18.40 5.45 -35.20
CA THR A 1146 17.86 6.79 -34.93
C THR A 1146 18.67 7.91 -35.60
N LYS A 1147 19.96 7.70 -35.86
CA LYS A 1147 20.82 8.62 -36.65
C LYS A 1147 20.27 8.87 -38.06
N ASN A 1148 19.68 7.86 -38.71
CA ASN A 1148 19.04 8.01 -40.02
C ASN A 1148 17.70 8.78 -39.92
N ILE A 1149 16.97 8.66 -38.81
CA ILE A 1149 15.80 9.51 -38.53
C ILE A 1149 16.24 10.97 -38.43
N LYS A 1150 17.29 11.27 -37.65
CA LYS A 1150 17.85 12.63 -37.57
C LYS A 1150 18.30 13.14 -38.94
N ALA A 1151 18.97 12.31 -39.75
CA ALA A 1151 19.42 12.70 -41.09
C ALA A 1151 18.25 13.09 -42.01
N LYS A 1152 17.18 12.29 -42.05
CA LYS A 1152 15.99 12.56 -42.89
C LYS A 1152 15.11 13.70 -42.38
N LEU A 1153 15.07 13.95 -41.07
CA LEU A 1153 14.47 15.15 -40.46
C LEU A 1153 15.37 16.41 -40.54
N GLY A 1154 16.59 16.31 -41.09
CA GLY A 1154 17.51 17.43 -41.27
C GLY A 1154 18.31 17.86 -40.02
N LYS A 1155 18.30 17.04 -38.96
CA LYS A 1155 18.91 17.30 -37.64
C LYS A 1155 20.27 16.60 -37.42
N GLY A 1156 20.72 15.76 -38.35
CA GLY A 1156 21.80 14.78 -38.12
C GLY A 1156 23.23 15.31 -38.05
N THR A 1157 23.47 16.57 -38.41
CA THR A 1157 24.81 17.20 -38.45
C THR A 1157 24.75 18.67 -37.96
N ALA A 1158 25.73 19.50 -38.29
CA ALA A 1158 25.75 20.94 -38.00
C ALA A 1158 24.58 21.74 -38.63
N SER A 1159 23.76 21.13 -39.49
CA SER A 1159 22.55 21.69 -40.10
C SER A 1159 21.50 22.23 -39.11
N SER A 1160 21.59 21.87 -37.82
CA SER A 1160 20.77 22.45 -36.75
C SER A 1160 21.09 23.94 -36.49
N GLN A 1161 22.33 24.37 -36.76
CA GLN A 1161 22.84 25.74 -36.56
C GLN A 1161 22.61 26.29 -35.13
N GLY A 1162 22.53 27.61 -34.95
CA GLY A 1162 22.39 28.25 -33.64
C GLY A 1162 23.73 28.39 -32.91
N ASN A 1163 23.72 28.11 -31.61
CA ASN A 1163 24.91 28.20 -30.74
C ASN A 1163 26.02 27.21 -31.17
N ASN A 1164 27.24 27.70 -31.33
CA ASN A 1164 28.44 26.90 -31.59
C ASN A 1164 28.91 26.13 -30.34
N ASN A 1165 28.85 26.77 -29.17
CA ASN A 1165 28.99 26.18 -27.84
C ASN A 1165 27.79 26.63 -26.98
N GLY A 1166 27.95 27.66 -26.14
CA GLY A 1166 26.83 28.28 -25.41
C GLY A 1166 26.34 27.51 -24.17
N GLY A 1167 27.24 26.81 -23.48
CA GLY A 1167 26.95 26.22 -22.16
C GLY A 1167 26.62 27.25 -21.09
N GLY A 1168 26.12 26.81 -19.93
CA GLY A 1168 25.70 27.70 -18.85
C GLY A 1168 24.64 27.09 -17.92
N VAL A 1169 23.60 27.86 -17.62
CA VAL A 1169 22.61 27.58 -16.57
C VAL A 1169 21.17 27.65 -17.10
N SER A 1170 20.30 26.79 -16.59
CA SER A 1170 18.84 26.74 -16.84
C SER A 1170 18.05 26.93 -15.55
N GLN A 1171 16.85 27.53 -15.62
CA GLN A 1171 16.01 27.91 -14.48
C GLN A 1171 14.51 27.64 -14.75
N THR A 1172 13.77 27.10 -13.77
CA THR A 1172 12.32 26.84 -13.89
C THR A 1172 11.47 28.13 -13.98
N ILE A 1173 10.27 28.07 -14.56
CA ILE A 1173 9.34 29.22 -14.66
C ILE A 1173 8.97 29.80 -13.27
N ASN A 1174 8.71 31.11 -13.21
CA ASN A 1174 8.24 31.77 -12.00
C ASN A 1174 6.88 31.24 -11.52
N THR A 1175 6.63 31.27 -10.21
CA THR A 1175 5.47 30.63 -9.58
C THR A 1175 4.89 31.46 -8.42
N ILE A 1176 3.57 31.37 -8.24
CA ILE A 1176 2.75 32.09 -7.24
C ILE A 1176 1.59 31.20 -6.77
N THR A 1177 0.83 31.60 -5.74
CA THR A 1177 -0.31 30.83 -5.22
C THR A 1177 -1.36 30.44 -6.28
N THR A 1178 -1.53 31.25 -7.33
CA THR A 1178 -2.42 30.97 -8.47
C THR A 1178 -1.88 29.89 -9.43
N THR A 1179 -0.57 29.65 -9.48
CA THR A 1179 0.05 28.76 -10.49
C THR A 1179 -0.42 27.31 -10.31
N GLY A 1180 -0.89 26.71 -11.40
CA GLY A 1180 -1.45 25.34 -11.40
C GLY A 1180 -2.90 25.24 -10.93
N ASN A 1181 -3.58 26.36 -10.64
CA ASN A 1181 -5.01 26.39 -10.42
C ASN A 1181 -5.74 26.15 -11.76
N ILE A 1182 -6.57 25.10 -11.80
CA ILE A 1182 -7.38 24.70 -12.95
C ILE A 1182 -8.83 24.40 -12.53
N SER A 1183 -9.32 25.08 -11.49
CA SER A 1183 -10.63 24.84 -10.86
C SER A 1183 -11.84 24.95 -11.79
N GLU A 1184 -11.72 25.71 -12.88
CA GLU A 1184 -12.75 25.81 -13.94
C GLU A 1184 -12.72 24.64 -14.94
N GLY A 1185 -11.58 23.95 -15.07
CA GLY A 1185 -11.44 22.71 -15.86
C GLY A 1185 -11.77 21.43 -15.07
N LEU A 1186 -11.63 21.47 -13.74
CA LEU A 1186 -12.18 20.45 -12.81
C LEU A 1186 -13.69 20.63 -12.62
N LYS A 1187 -14.32 19.64 -11.94
CA LYS A 1187 -15.78 19.47 -11.72
C LYS A 1187 -16.62 19.41 -13.00
N GLU A 1188 -17.92 19.16 -12.85
CA GLU A 1188 -18.90 19.23 -13.95
C GLU A 1188 -20.29 19.68 -13.48
N GLU A 1189 -21.04 20.23 -14.45
CA GLU A 1189 -22.39 20.79 -14.32
C GLU A 1189 -23.14 20.90 -15.67
N THR A 1190 -22.48 20.68 -16.83
CA THR A 1190 -23.09 20.77 -18.18
C THR A 1190 -22.58 19.77 -19.22
N SER A 1191 -21.50 19.01 -18.96
CA SER A 1191 -20.89 18.05 -19.91
C SER A 1191 -20.09 16.97 -19.14
N ILE A 1192 -18.93 16.50 -19.66
CA ILE A 1192 -18.03 15.53 -19.00
C ILE A 1192 -16.65 16.15 -18.77
N GLN A 1193 -15.97 15.78 -17.67
CA GLN A 1193 -14.82 16.54 -17.13
C GLN A 1193 -13.67 16.76 -18.13
N ALA A 1194 -13.33 15.77 -18.96
CA ALA A 1194 -12.33 15.94 -20.01
C ALA A 1194 -12.75 16.98 -21.07
N GLU A 1195 -14.02 17.00 -21.46
CA GLU A 1195 -14.53 17.93 -22.47
C GLU A 1195 -14.49 19.39 -22.00
N THR A 1196 -14.89 19.65 -20.75
CA THR A 1196 -14.76 21.02 -20.19
C THR A 1196 -13.30 21.39 -19.89
N LEU A 1197 -12.44 20.44 -19.51
CA LEU A 1197 -11.01 20.70 -19.43
C LEU A 1197 -10.41 21.05 -20.80
N LYS A 1198 -10.88 20.41 -21.88
CA LYS A 1198 -10.48 20.74 -23.26
C LYS A 1198 -10.91 22.16 -23.65
N LYS A 1199 -12.15 22.56 -23.31
CA LYS A 1199 -12.62 23.96 -23.48
C LYS A 1199 -11.76 24.95 -22.67
N PHE A 1200 -11.42 24.60 -21.43
CA PHE A 1200 -10.57 25.42 -20.55
C PHE A 1200 -9.13 25.56 -21.07
N PHE A 1201 -8.56 24.51 -21.68
CA PHE A 1201 -7.24 24.54 -22.31
C PHE A 1201 -7.21 25.29 -23.65
N ASP A 1202 -8.22 25.19 -24.50
CA ASP A 1202 -8.17 25.76 -25.86
C ASP A 1202 -8.18 27.30 -25.91
N SER A 1203 -8.68 28.00 -24.89
CA SER A 1203 -8.49 29.46 -24.77
C SER A 1203 -7.11 29.83 -24.18
N LYS A 1204 -6.32 28.86 -23.69
CA LYS A 1204 -5.06 29.06 -22.97
C LYS A 1204 -3.81 28.49 -23.67
N GLN A 1205 -3.93 28.00 -24.91
CA GLN A 1205 -2.79 27.41 -25.65
C GLN A 1205 -1.62 28.40 -25.85
N ASN A 1206 -1.91 29.71 -25.89
CA ASN A 1206 -0.92 30.79 -26.00
C ASN A 1206 -0.39 31.31 -24.64
N ASN A 1207 -0.88 30.80 -23.51
CA ASN A 1207 -0.64 31.37 -22.17
C ASN A 1207 -0.51 30.27 -21.10
N LYS A 1208 0.35 29.27 -21.37
CA LYS A 1208 0.47 28.05 -20.54
C LYS A 1208 1.09 28.25 -19.15
N SER A 1209 1.77 29.37 -18.90
CA SER A 1209 2.53 29.58 -17.66
C SER A 1209 1.66 29.59 -16.39
N GLU A 1210 0.41 30.06 -16.43
CA GLU A 1210 -0.49 29.98 -15.25
C GLU A 1210 -0.95 28.54 -14.94
N ILE A 1211 -0.91 27.63 -15.92
CA ILE A 1211 -1.13 26.19 -15.73
C ILE A 1211 0.11 25.51 -15.10
N GLY A 1212 1.25 26.21 -15.03
CA GLY A 1212 2.53 25.66 -14.57
C GLY A 1212 3.25 24.82 -15.64
N ILE A 1213 3.00 25.11 -16.92
CA ILE A 1213 3.62 24.43 -18.08
C ILE A 1213 4.33 25.47 -18.96
N GLY A 1214 5.52 25.17 -19.47
CA GLY A 1214 6.24 26.06 -20.39
C GLY A 1214 7.72 25.72 -20.58
N ASP A 1215 8.46 26.66 -21.17
CA ASP A 1215 9.92 26.57 -21.32
C ASP A 1215 10.66 27.17 -20.11
N SER A 1216 11.82 26.61 -19.76
CA SER A 1216 12.77 27.19 -18.82
C SER A 1216 13.40 28.50 -19.33
N THR A 1217 13.84 29.35 -18.41
CA THR A 1217 14.78 30.45 -18.74
C THR A 1217 16.22 29.94 -18.70
N PHE A 1218 17.14 30.58 -19.43
CA PHE A 1218 18.51 30.11 -19.62
C PHE A 1218 19.50 31.29 -19.71
N THR A 1219 20.73 31.12 -19.21
CA THR A 1219 21.83 32.09 -19.35
C THR A 1219 23.16 31.40 -19.70
N LYS A 1220 23.92 31.99 -20.62
CA LYS A 1220 25.21 31.47 -21.11
C LYS A 1220 26.37 31.82 -20.16
N MET A 1221 27.41 30.99 -20.16
CA MET A 1221 28.69 31.21 -19.47
C MET A 1221 29.86 30.76 -20.36
N ASP A 1222 31.02 31.41 -20.24
CA ASP A 1222 32.23 31.04 -21.00
C ASP A 1222 32.99 29.86 -20.36
N GLY A 1223 33.78 29.14 -21.17
CA GLY A 1223 34.59 28.00 -20.72
C GLY A 1223 33.77 26.74 -20.39
N LYS A 1224 34.34 25.87 -19.56
CA LYS A 1224 33.73 24.61 -19.11
C LYS A 1224 32.70 24.82 -17.99
N LEU A 1225 31.65 24.00 -17.93
CA LEU A 1225 30.82 23.85 -16.72
C LEU A 1225 31.08 22.44 -16.14
N THR A 1226 31.56 22.35 -14.91
CA THR A 1226 31.98 21.06 -14.30
C THR A 1226 31.17 20.70 -13.05
N GLY A 1227 30.76 21.68 -12.24
CA GLY A 1227 29.81 21.50 -11.13
C GLY A 1227 29.70 22.73 -10.21
N VAL A 1228 28.57 22.88 -9.49
CA VAL A 1228 28.45 23.86 -8.39
C VAL A 1228 29.10 23.36 -7.10
N VAL A 1229 29.53 24.28 -6.24
CA VAL A 1229 29.64 24.06 -4.79
C VAL A 1229 28.69 25.01 -4.04
N SER A 1230 27.92 24.50 -3.08
CA SER A 1230 26.79 25.17 -2.45
C SER A 1230 26.91 25.27 -0.92
N THR A 1231 26.47 26.38 -0.35
CA THR A 1231 26.48 26.69 1.10
C THR A 1231 25.30 27.60 1.45
N PRO A 1232 24.78 27.65 2.71
CA PRO A 1232 23.54 28.40 3.00
C PRO A 1232 23.45 29.86 2.54
N LEU A 1233 24.56 30.60 2.37
CA LEU A 1233 24.54 31.96 1.80
C LEU A 1233 24.64 32.03 0.26
N VAL A 1234 25.33 31.11 -0.42
CA VAL A 1234 25.75 31.30 -1.83
C VAL A 1234 26.00 29.98 -2.59
N ASN A 1235 25.86 30.00 -3.92
CA ASN A 1235 26.25 28.93 -4.84
C ASN A 1235 27.36 29.39 -5.79
N LEU A 1236 28.46 28.64 -5.90
CA LEU A 1236 29.62 28.96 -6.73
C LEU A 1236 29.76 27.95 -7.88
N ILE A 1237 29.67 28.41 -9.13
CA ILE A 1237 29.87 27.57 -10.31
C ILE A 1237 31.38 27.35 -10.53
N ASN A 1238 31.79 26.08 -10.68
CA ASN A 1238 33.19 25.62 -10.70
C ASN A 1238 34.01 26.02 -9.45
N GLY A 1239 33.38 26.50 -8.37
CA GLY A 1239 34.04 27.11 -7.22
C GLY A 1239 34.57 28.55 -7.45
N GLN A 1240 34.39 29.12 -8.65
CA GLN A 1240 34.70 30.53 -8.91
C GLN A 1240 33.53 31.46 -8.50
N GLY A 1241 33.82 32.76 -8.34
CA GLY A 1241 32.84 33.77 -7.93
C GLY A 1241 32.75 34.01 -6.41
N ALA A 1242 33.70 33.52 -5.61
CA ALA A 1242 33.77 33.76 -4.18
C ALA A 1242 33.92 35.26 -3.83
N THR A 1243 33.58 35.65 -2.60
CA THR A 1243 33.40 37.05 -2.18
C THR A 1243 34.08 37.39 -0.84
N SER A 1244 34.23 38.69 -0.57
CA SER A 1244 34.88 39.25 0.63
C SER A 1244 33.98 39.32 1.87
N ASP A 1245 32.77 38.73 1.83
CA ASP A 1245 31.73 38.86 2.87
C ASP A 1245 31.30 40.33 3.09
N SER A 1246 30.87 40.98 2.01
CA SER A 1246 30.67 42.44 1.91
C SER A 1246 29.69 43.04 2.92
N ASP A 1247 28.75 42.26 3.45
CA ASP A 1247 27.83 42.68 4.52
C ASP A 1247 28.50 42.81 5.89
N THR A 1248 29.68 42.22 6.11
CA THR A 1248 30.32 42.06 7.43
C THR A 1248 31.77 42.57 7.51
N GLU A 1249 32.26 43.27 6.49
CA GLU A 1249 33.65 43.79 6.41
C GLU A 1249 34.12 44.54 7.67
N LYS A 1250 33.21 45.25 8.35
CA LYS A 1250 33.49 46.17 9.47
C LYS A 1250 33.53 45.46 10.84
N ILE A 1251 33.31 44.13 10.89
CA ILE A 1251 33.19 43.33 12.12
C ILE A 1251 34.49 42.52 12.34
N SER A 1252 35.14 42.63 13.51
CA SER A 1252 36.40 41.94 13.79
C SER A 1252 36.68 41.76 15.29
N PHE A 1253 37.35 40.69 15.72
CA PHE A 1253 37.81 40.54 17.11
C PHE A 1253 38.96 41.51 17.46
N LYS A 1254 38.99 42.02 18.69
CA LYS A 1254 40.10 42.84 19.20
C LYS A 1254 41.39 42.02 19.36
N PRO A 1255 42.57 42.54 18.98
CA PRO A 1255 43.86 41.86 19.16
C PRO A 1255 44.32 41.92 20.63
N GLY A 1256 45.24 41.02 21.01
CA GLY A 1256 45.65 40.84 22.42
C GLY A 1256 46.26 42.07 23.10
N ASN A 1257 46.90 42.98 22.35
CA ASN A 1257 47.46 44.23 22.89
C ASN A 1257 46.41 45.31 23.21
N GLN A 1258 45.17 45.19 22.70
CA GLN A 1258 44.06 46.12 22.96
C GLN A 1258 43.19 45.74 24.18
N ILE A 1259 43.43 44.59 24.80
CA ILE A 1259 42.68 44.10 25.98
C ILE A 1259 43.51 44.31 27.25
N ASP A 1260 42.93 44.97 28.26
CA ASP A 1260 43.52 45.10 29.60
C ASP A 1260 43.05 43.95 30.49
N PHE A 1261 43.82 42.86 30.55
CA PHE A 1261 43.31 41.55 31.01
C PHE A 1261 42.65 41.55 32.39
N ASN A 1262 43.20 42.24 33.38
CA ASN A 1262 42.62 42.25 34.73
C ASN A 1262 41.24 42.95 34.80
N ARG A 1263 40.90 43.82 33.84
CA ARG A 1263 39.56 44.44 33.73
C ARG A 1263 38.47 43.41 33.40
N LEU A 1264 38.83 42.38 32.62
CA LEU A 1264 37.94 41.27 32.25
C LEU A 1264 38.02 40.13 33.27
N PHE A 1265 39.25 39.71 33.63
CA PHE A 1265 39.50 38.42 34.28
C PHE A 1265 39.87 38.52 35.77
N THR A 1266 39.55 39.63 36.45
CA THR A 1266 39.49 39.67 37.92
C THR A 1266 38.37 38.76 38.45
N LEU A 1267 37.22 38.76 37.79
CA LEU A 1267 36.16 37.76 37.99
C LEU A 1267 36.57 36.43 37.32
N PRO A 1268 36.27 35.27 37.92
CA PRO A 1268 36.38 33.98 37.24
C PRO A 1268 35.55 33.97 35.94
N VAL A 1269 36.02 33.24 34.91
CA VAL A 1269 35.29 33.13 33.62
C VAL A 1269 33.92 32.43 33.74
N THR A 1270 33.64 31.79 34.87
CA THR A 1270 32.41 31.03 35.19
C THR A 1270 31.11 31.86 35.08
N GLU A 1271 31.19 33.19 35.10
CA GLU A 1271 30.02 34.09 35.14
C GLU A 1271 30.06 35.23 34.09
N LEU A 1272 30.87 35.11 33.03
CA LEU A 1272 30.86 35.99 31.86
C LEU A 1272 29.75 35.63 30.83
N PHE A 1273 29.11 34.47 30.99
CA PHE A 1273 28.09 33.91 30.09
C PHE A 1273 26.92 33.31 30.89
N ASP A 1274 25.77 33.10 30.24
CA ASP A 1274 24.61 32.40 30.82
C ASP A 1274 24.80 30.87 30.76
N PRO A 1275 24.96 30.15 31.89
CA PRO A 1275 25.18 28.70 31.90
C PRO A 1275 24.10 27.86 31.18
N ASN A 1276 22.89 28.37 31.01
CA ASN A 1276 21.80 27.64 30.34
C ASN A 1276 21.91 27.66 28.80
N THR A 1277 22.79 28.46 28.20
CA THR A 1277 22.88 28.63 26.73
C THR A 1277 24.30 28.97 26.21
N MET A 1278 25.25 29.29 27.10
CA MET A 1278 26.67 29.56 26.82
C MET A 1278 26.97 30.79 25.94
N PHE A 1279 26.00 31.70 25.75
CA PHE A 1279 26.27 33.03 25.18
C PHE A 1279 26.84 33.98 26.24
N VAL A 1280 27.88 34.73 25.87
CA VAL A 1280 28.49 35.81 26.67
C VAL A 1280 27.48 36.96 26.83
N TYR A 1281 27.43 37.58 28.02
CA TYR A 1281 26.48 38.66 28.28
C TYR A 1281 26.71 39.91 27.39
N ASP A 1282 25.61 40.54 26.98
CA ASP A 1282 25.55 41.54 25.89
C ASP A 1282 26.57 42.68 26.03
N GLN A 1283 26.78 43.18 27.24
CA GLN A 1283 27.68 44.29 27.55
C GLN A 1283 29.16 43.99 27.25
N TYR A 1284 29.56 42.70 27.25
CA TYR A 1284 30.93 42.27 26.98
C TYR A 1284 31.20 41.99 25.49
N VAL A 1285 30.19 42.03 24.61
CA VAL A 1285 30.39 41.89 23.16
C VAL A 1285 31.24 43.03 22.57
N PRO A 1286 30.93 44.34 22.77
CA PRO A 1286 31.79 45.42 22.27
C PRO A 1286 33.13 45.53 23.02
N LEU A 1287 33.27 44.89 24.19
CA LEU A 1287 34.53 44.76 24.91
C LEU A 1287 35.51 43.77 24.26
N LEU A 1288 35.03 42.92 23.33
CA LEU A 1288 35.82 41.89 22.63
C LEU A 1288 35.77 42.00 21.10
N VAL A 1289 34.71 42.57 20.52
CA VAL A 1289 34.50 42.73 19.07
C VAL A 1289 34.45 44.21 18.67
N ASN A 1290 35.27 44.61 17.68
CA ASN A 1290 35.16 45.90 16.99
C ASN A 1290 33.95 45.92 16.04
N LEU A 1291 33.18 47.00 16.08
CA LEU A 1291 31.95 47.22 15.31
C LEU A 1291 31.89 48.67 14.80
N PRO A 1292 31.21 48.96 13.67
CA PRO A 1292 31.10 50.31 13.12
C PRO A 1292 30.19 51.22 13.95
N SER A 1293 30.24 52.53 13.72
CA SER A 1293 29.37 53.51 14.38
C SER A 1293 27.89 53.33 14.00
N GLY A 1294 26.99 53.56 14.95
CA GLY A 1294 25.54 53.41 14.76
C GLY A 1294 25.02 51.97 14.57
N PHE A 1295 25.87 50.96 14.77
CA PHE A 1295 25.53 49.54 14.61
C PHE A 1295 24.50 49.03 15.64
N ASP A 1296 23.62 48.12 15.24
CA ASP A 1296 22.64 47.47 16.13
C ASP A 1296 23.30 46.41 17.03
N GLN A 1297 23.61 46.77 18.28
CA GLN A 1297 24.29 45.90 19.25
C GLN A 1297 23.51 44.62 19.62
N ALA A 1298 22.21 44.53 19.32
CA ALA A 1298 21.42 43.30 19.50
C ALA A 1298 21.59 42.29 18.35
N SER A 1299 22.15 42.71 17.20
CA SER A 1299 22.26 41.87 16.00
C SER A 1299 23.40 40.83 16.03
N ILE A 1300 24.28 40.90 17.04
CA ILE A 1300 25.49 40.06 17.17
C ILE A 1300 25.76 39.66 18.64
N ARG A 1301 26.28 38.44 18.88
CA ARG A 1301 26.82 38.02 20.20
C ARG A 1301 27.87 36.91 20.10
N LEU A 1302 28.57 36.65 21.20
CA LEU A 1302 29.61 35.62 21.31
C LEU A 1302 29.08 34.36 22.03
N LYS A 1303 29.38 33.20 21.45
CA LYS A 1303 29.12 31.86 22.00
C LYS A 1303 30.43 31.28 22.54
N VAL A 1304 30.44 30.82 23.80
CA VAL A 1304 31.56 30.06 24.36
C VAL A 1304 31.58 28.65 23.76
N ILE A 1305 32.76 28.19 23.32
CA ILE A 1305 32.95 26.87 22.68
C ILE A 1305 33.88 25.95 23.48
N SER A 1306 34.85 26.48 24.24
CA SER A 1306 35.52 25.79 25.35
C SER A 1306 36.17 26.79 26.32
N TYR A 1307 36.44 26.34 27.55
CA TYR A 1307 37.02 27.16 28.62
C TYR A 1307 37.66 26.27 29.70
N SER A 1308 38.49 26.85 30.56
CA SER A 1308 38.94 26.21 31.81
C SER A 1308 39.19 27.26 32.91
N VAL A 1309 38.45 27.14 34.02
CA VAL A 1309 38.42 28.15 35.09
C VAL A 1309 39.74 28.23 35.86
N GLU A 1310 40.45 27.11 36.00
CA GLU A 1310 41.77 27.02 36.65
C GLU A 1310 42.89 27.70 35.86
N ASN A 1311 42.66 28.00 34.58
CA ASN A 1311 43.56 28.78 33.71
C ASN A 1311 42.99 30.16 33.33
N GLN A 1312 41.76 30.48 33.77
CA GLN A 1312 41.03 31.71 33.42
C GLN A 1312 40.98 32.00 31.89
N THR A 1313 40.91 30.95 31.07
CA THR A 1313 40.91 31.04 29.60
C THR A 1313 39.50 30.81 29.02
N LEU A 1314 39.10 31.65 28.07
CA LEU A 1314 37.78 31.64 27.44
C LEU A 1314 37.90 31.59 25.91
N GLY A 1315 37.37 30.53 25.29
CA GLY A 1315 37.35 30.34 23.84
C GLY A 1315 35.95 30.56 23.24
N VAL A 1316 35.87 31.36 22.18
CA VAL A 1316 34.61 31.92 21.66
C VAL A 1316 34.49 31.86 20.14
N ARG A 1317 33.24 31.86 19.67
CA ARG A 1317 32.81 32.02 18.27
C ARG A 1317 31.71 33.08 18.19
N LEU A 1318 31.67 33.90 17.15
CA LEU A 1318 30.67 34.98 17.00
C LEU A 1318 29.51 34.61 16.07
N GLU A 1319 28.29 35.05 16.40
CA GLU A 1319 27.09 34.84 15.58
C GLU A 1319 26.30 36.14 15.37
N PHE A 1320 25.87 36.36 14.12
CA PHE A 1320 25.30 37.62 13.61
C PHE A 1320 24.03 37.38 12.76
N LYS A 1321 23.08 38.32 12.75
CA LYS A 1321 21.88 38.30 11.90
C LYS A 1321 22.24 38.48 10.41
N ASP A 1322 22.05 37.46 9.59
CA ASP A 1322 22.15 37.57 8.12
C ASP A 1322 21.10 38.56 7.56
N PRO A 1323 21.48 39.60 6.79
CA PRO A 1323 20.50 40.46 6.10
C PRO A 1323 19.55 39.71 5.15
N GLN A 1324 19.95 38.57 4.57
CA GLN A 1324 19.15 37.83 3.59
C GLN A 1324 18.16 36.83 4.23
N THR A 1325 18.57 36.12 5.29
CA THR A 1325 17.83 34.98 5.88
C THR A 1325 17.42 35.25 7.33
N GLN A 1326 16.26 34.74 7.76
CA GLN A 1326 15.74 34.84 9.13
C GLN A 1326 16.47 33.90 10.14
N GLN A 1327 17.80 33.78 10.04
CA GLN A 1327 18.65 32.86 10.81
C GLN A 1327 20.06 33.45 11.05
N PHE A 1328 20.72 33.05 12.13
CA PHE A 1328 22.07 33.54 12.46
C PHE A 1328 23.18 32.86 11.64
N ILE A 1329 24.28 33.58 11.40
CA ILE A 1329 25.47 33.12 10.69
C ILE A 1329 26.77 33.48 11.45
N PRO A 1330 27.86 32.71 11.30
CA PRO A 1330 29.18 33.14 11.73
C PRO A 1330 29.72 34.27 10.83
N VAL A 1331 30.61 35.12 11.36
CA VAL A 1331 31.31 36.15 10.59
C VAL A 1331 32.72 35.66 10.24
N LEU A 1332 32.91 35.15 9.02
CA LEU A 1332 34.08 34.36 8.65
C LEU A 1332 35.41 35.15 8.72
N ASN A 1333 35.41 36.43 8.36
CA ASN A 1333 36.60 37.30 8.33
C ASN A 1333 36.99 37.89 9.70
N ALA A 1334 36.35 37.50 10.81
CA ALA A 1334 36.51 38.14 12.11
C ALA A 1334 37.92 38.05 12.74
N SER A 1335 38.79 37.18 12.23
CA SER A 1335 40.21 37.10 12.63
C SER A 1335 41.07 36.44 11.54
N SER A 1336 42.39 36.53 11.65
CA SER A 1336 43.34 35.77 10.80
C SER A 1336 43.20 34.25 10.95
N THR A 1337 42.50 33.76 11.98
CA THR A 1337 42.13 32.35 12.21
C THR A 1337 40.63 32.07 12.04
N GLY A 1338 39.89 32.96 11.36
CA GLY A 1338 38.46 32.79 11.06
C GLY A 1338 37.51 33.27 12.16
N PRO A 1339 36.29 32.68 12.28
CA PRO A 1339 35.25 33.10 13.23
C PRO A 1339 35.48 32.67 14.69
N GLN A 1340 36.54 31.92 14.99
CA GLN A 1340 36.86 31.41 16.33
C GLN A 1340 38.14 32.06 16.90
N THR A 1341 38.12 32.48 18.18
CA THR A 1341 39.27 33.07 18.90
C THR A 1341 39.27 32.74 20.40
N VAL A 1342 40.40 32.95 21.09
CA VAL A 1342 40.56 32.76 22.54
C VAL A 1342 41.04 34.02 23.25
N PHE A 1343 40.60 34.23 24.49
CA PHE A 1343 41.05 35.31 25.38
C PHE A 1343 41.46 34.75 26.76
N GLN A 1344 42.62 35.17 27.25
CA GLN A 1344 43.22 34.68 28.51
C GLN A 1344 44.17 35.73 29.14
N PRO A 1345 44.34 35.78 30.47
CA PRO A 1345 45.19 36.79 31.14
C PRO A 1345 46.70 36.49 31.04
N PHE A 1346 47.29 36.80 29.87
CA PHE A 1346 48.74 36.79 29.60
C PHE A 1346 49.46 35.43 29.86
N ASN A 1347 48.70 34.32 29.86
CA ASN A 1347 49.15 32.98 30.26
C ASN A 1347 48.97 31.91 29.16
N GLN A 1348 49.04 32.31 27.88
CA GLN A 1348 48.78 31.43 26.74
C GLN A 1348 49.80 30.27 26.59
N TRP A 1349 51.03 30.45 27.06
CA TRP A 1349 52.11 29.46 26.94
C TRP A 1349 51.83 28.19 27.75
N THR B 27 1.19 1.43 40.09
CA THR B 27 -0.24 1.84 40.17
C THR B 27 -1.01 1.33 38.96
N PHE B 28 -0.53 0.25 38.35
CA PHE B 28 -1.15 -0.35 37.18
C PHE B 28 -1.96 -1.56 37.62
N LEU B 29 -3.28 -1.42 37.64
CA LEU B 29 -4.16 -2.51 38.02
C LEU B 29 -4.25 -3.51 36.88
N VAL B 30 -3.87 -4.76 37.15
CA VAL B 30 -3.81 -5.80 36.14
C VAL B 30 -4.64 -7.00 36.62
N LYS B 31 -5.42 -7.57 35.71
CA LYS B 31 -6.26 -8.73 36.02
C LYS B 31 -5.37 -9.95 36.22
N GLU B 32 -5.10 -10.30 37.47
CA GLU B 32 -4.26 -11.45 37.74
C GLU B 32 -4.90 -12.73 37.23
N ASP B 33 -6.19 -12.91 37.48
CA ASP B 33 -6.92 -14.05 36.97
C ASP B 33 -8.39 -13.62 36.80
N SER B 34 -9.28 -14.59 36.67
CA SER B 34 -10.69 -14.30 36.47
C SER B 34 -11.34 -13.67 37.69
N LYS B 35 -10.64 -13.57 38.82
CA LYS B 35 -11.22 -13.03 40.04
C LYS B 35 -10.33 -12.04 40.78
N ASN B 36 -9.04 -11.96 40.46
CA ASN B 36 -8.09 -11.13 41.21
C ASN B 36 -7.54 -10.04 40.31
N VAL B 37 -7.54 -8.81 40.83
CA VAL B 37 -6.88 -7.67 40.18
C VAL B 37 -5.93 -7.06 41.19
N THR B 38 -4.70 -6.78 40.74
CA THR B 38 -3.67 -6.27 41.62
C THR B 38 -2.98 -5.08 40.97
N ALA B 39 -2.60 -4.10 41.78
CA ALA B 39 -1.87 -2.95 41.26
C ALA B 39 -0.39 -3.28 41.16
N TYR B 40 0.20 -3.00 40.00
CA TYR B 40 1.62 -3.21 39.77
C TYR B 40 2.33 -1.86 39.78
N THR B 41 3.48 -1.81 40.45
CA THR B 41 4.28 -0.60 40.43
C THR B 41 4.90 -0.40 39.05
N PRO B 42 5.30 0.83 38.74
CA PRO B 42 5.92 1.07 37.42
C PRO B 42 7.15 0.21 37.19
N PHE B 43 7.75 -0.32 38.25
CA PHE B 43 8.88 -1.22 38.11
C PHE B 43 8.47 -2.64 37.71
N ALA B 44 7.21 -2.83 37.32
CA ALA B 44 6.72 -4.14 36.88
C ALA B 44 6.80 -5.17 38.00
N THR B 45 6.60 -4.71 39.24
CA THR B 45 6.66 -5.56 40.40
C THR B 45 5.35 -5.47 41.19
N PRO B 46 4.74 -6.59 41.57
CA PRO B 46 3.48 -6.53 42.32
C PRO B 46 3.68 -5.85 43.67
N ILE B 47 2.63 -5.18 44.12
CA ILE B 47 2.65 -4.51 45.43
C ILE B 47 2.41 -5.54 46.51
N THR B 48 3.06 -5.35 47.66
CA THR B 48 2.85 -6.22 48.80
C THR B 48 1.40 -6.11 49.28
N ASP B 49 0.86 -7.24 49.74
CA ASP B 49 -0.50 -7.36 50.26
C ASP B 49 -1.48 -6.52 49.46
N SER B 50 -1.34 -6.50 48.13
CA SER B 50 -2.23 -5.77 47.26
C SER B 50 -3.15 -6.68 46.45
N LYS B 51 -2.82 -7.96 46.31
CA LYS B 51 -3.71 -8.90 45.63
C LYS B 51 -5.06 -8.89 46.32
N SER B 52 -6.13 -8.75 45.54
CA SER B 52 -7.47 -8.58 46.07
C SER B 52 -8.44 -9.50 45.34
N ASP B 53 -9.29 -10.18 46.10
CA ASP B 53 -10.34 -11.04 45.54
C ASP B 53 -11.62 -10.21 45.46
N LEU B 54 -11.83 -9.58 44.31
CA LEU B 54 -12.95 -8.65 44.16
C LEU B 54 -14.30 -9.37 44.24
N VAL B 55 -14.38 -10.59 43.72
CA VAL B 55 -15.65 -11.32 43.77
C VAL B 55 -16.08 -11.54 45.21
N SER B 56 -15.16 -11.94 46.08
CA SER B 56 -15.47 -12.06 47.49
C SER B 56 -15.58 -10.70 48.15
N LEU B 57 -14.78 -9.73 47.73
CA LEU B 57 -14.86 -8.39 48.30
C LEU B 57 -16.26 -7.80 48.13
N ALA B 58 -16.93 -8.14 47.04
CA ALA B 58 -18.30 -7.68 46.79
C ALA B 58 -19.34 -8.62 47.39
N GLN B 59 -18.92 -9.60 48.19
CA GLN B 59 -19.85 -10.53 48.82
C GLN B 59 -20.66 -11.30 47.78
N LEU B 60 -19.98 -11.69 46.70
CA LEU B 60 -20.57 -12.50 45.65
C LEU B 60 -19.91 -13.87 45.64
N ASP B 61 -20.72 -14.90 45.49
CA ASP B 61 -20.21 -16.26 45.57
C ASP B 61 -19.15 -16.49 44.50
N SER B 62 -18.30 -17.50 44.75
CA SER B 62 -17.17 -17.77 43.88
C SER B 62 -17.59 -18.06 42.45
N SER B 63 -18.83 -18.48 42.22
CA SER B 63 -19.28 -18.76 40.87
C SER B 63 -19.26 -17.52 39.99
N TYR B 64 -19.17 -16.33 40.59
CA TYR B 64 -19.11 -15.10 39.82
C TYR B 64 -17.70 -14.88 39.29
N GLN B 65 -17.59 -14.02 38.28
CA GLN B 65 -16.31 -13.64 37.72
C GLN B 65 -16.44 -12.27 37.09
N ILE B 66 -15.30 -11.62 36.85
CA ILE B 66 -15.27 -10.26 36.36
C ILE B 66 -15.17 -10.27 34.85
N ALA B 67 -16.00 -9.47 34.20
CA ALA B 67 -16.09 -9.41 32.74
C ALA B 67 -15.22 -8.30 32.17
N ASP B 68 -15.46 -7.06 32.60
CA ASP B 68 -14.66 -5.93 32.15
C ASP B 68 -14.60 -4.91 33.26
N GLN B 69 -13.50 -4.16 33.29
CA GLN B 69 -13.23 -3.19 34.34
C GLN B 69 -12.78 -1.88 33.71
N THR B 70 -13.21 -0.78 34.30
CA THR B 70 -12.86 0.56 33.83
C THR B 70 -12.47 1.43 34.99
N ILE B 71 -11.62 2.42 34.71
CA ILE B 71 -11.18 3.40 35.69
C ILE B 71 -11.73 4.75 35.29
N HIS B 72 -12.38 5.43 36.24
CA HIS B 72 -13.02 6.71 35.95
C HIS B 72 -12.97 7.55 37.20
N ASN B 73 -12.16 8.60 37.18
CA ASN B 73 -11.90 9.42 38.37
C ASN B 73 -11.25 8.56 39.46
N THR B 74 -10.14 7.92 39.08
CA THR B 74 -9.41 6.99 39.94
C THR B 74 -10.35 6.12 40.76
N ASN B 75 -11.41 5.62 40.12
CA ASN B 75 -12.32 4.66 40.74
C ASN B 75 -12.48 3.48 39.80
N LEU B 76 -12.28 2.28 40.32
CA LEU B 76 -12.30 1.06 39.52
C LEU B 76 -13.70 0.45 39.57
N PHE B 77 -14.33 0.34 38.41
CA PHE B 77 -15.60 -0.37 38.30
C PHE B 77 -15.34 -1.75 37.72
N VAL B 78 -16.27 -2.67 37.96
CA VAL B 78 -16.14 -4.04 37.52
C VAL B 78 -17.50 -4.54 37.06
N LEU B 79 -17.49 -5.41 36.06
CA LEU B 79 -18.71 -6.05 35.57
C LEU B 79 -18.66 -7.52 35.96
N PHE B 80 -19.58 -7.95 36.81
CA PHE B 80 -19.61 -9.31 37.33
C PHE B 80 -20.69 -10.10 36.60
N LYS B 81 -20.28 -11.18 35.94
CA LYS B 81 -21.19 -12.12 35.31
C LYS B 81 -20.90 -13.51 35.84
N SER B 82 -21.96 -14.19 36.28
CA SER B 82 -21.83 -15.50 36.91
C SER B 82 -22.19 -16.59 35.91
N ARG B 83 -21.49 -17.71 36.03
CA ARG B 83 -21.78 -18.87 35.20
C ARG B 83 -22.94 -19.70 35.73
N ASP B 84 -23.46 -19.35 36.90
CA ASP B 84 -24.58 -20.08 37.49
C ASP B 84 -25.93 -19.49 37.09
N VAL B 85 -25.95 -18.33 36.42
CA VAL B 85 -27.21 -17.69 36.09
C VAL B 85 -28.04 -18.58 35.18
N LYS B 86 -29.35 -18.58 35.40
CA LYS B 86 -30.28 -19.34 34.58
C LYS B 86 -31.54 -18.51 34.40
N VAL B 87 -31.78 -18.05 33.18
CA VAL B 87 -32.94 -17.24 32.83
C VAL B 87 -33.93 -18.11 32.09
N LYS B 88 -35.21 -17.97 32.42
CA LYS B 88 -36.28 -18.71 31.79
C LYS B 88 -37.22 -17.77 31.08
N TYR B 89 -37.78 -18.21 29.96
CA TYR B 89 -38.74 -17.44 29.19
C TYR B 89 -40.06 -18.18 29.15
N GLU B 90 -41.16 -17.45 29.36
CA GLU B 90 -42.50 -18.02 29.32
C GLU B 90 -43.36 -17.23 28.34
N SER B 91 -43.95 -17.93 27.38
CA SER B 91 -44.79 -17.25 26.39
C SER B 91 -45.97 -16.57 27.06
N SER B 92 -46.61 -17.24 28.00
CA SER B 92 -47.74 -16.68 28.72
C SER B 92 -47.27 -15.98 30.00
N GLY B 93 -48.12 -15.09 30.50
CA GLY B 93 -47.84 -14.37 31.73
C GLY B 93 -47.24 -13.00 31.47
N SER B 94 -46.91 -12.33 32.57
CA SER B 94 -46.35 -10.97 32.52
C SER B 94 -44.83 -11.00 32.68
N ASN B 95 -44.34 -11.60 33.77
CA ASN B 95 -42.91 -11.70 34.03
C ASN B 95 -42.35 -12.75 33.07
N ASN B 96 -42.24 -12.36 31.81
CA ASN B 96 -41.88 -13.32 30.77
C ASN B 96 -40.41 -13.71 30.85
N ILE B 97 -39.52 -12.73 31.03
CA ILE B 97 -38.09 -12.97 31.17
C ILE B 97 -37.76 -12.77 32.64
N SER B 98 -37.39 -13.85 33.32
CA SER B 98 -37.11 -13.80 34.75
C SER B 98 -36.11 -14.89 35.08
N PHE B 99 -35.40 -14.68 36.18
CA PHE B 99 -34.38 -15.62 36.60
C PHE B 99 -35.01 -16.88 37.17
N ASP B 100 -34.35 -18.02 36.93
CA ASP B 100 -34.84 -19.32 37.36
C ASP B 100 -34.30 -19.56 38.77
N SER B 101 -35.08 -19.13 39.77
CA SER B 101 -34.71 -19.28 41.16
C SER B 101 -35.04 -20.65 41.73
N THR B 102 -35.67 -21.52 40.94
CA THR B 102 -36.03 -22.84 41.44
C THR B 102 -34.79 -23.65 41.83
N SER B 103 -33.72 -23.50 41.05
CA SER B 103 -32.48 -24.25 41.26
C SER B 103 -31.34 -23.31 41.64
N GLN B 104 -31.62 -22.40 42.58
CA GLN B 104 -30.66 -21.40 43.06
C GLN B 104 -29.83 -20.84 41.91
N GLY B 105 -30.48 -20.53 40.79
CA GLY B 105 -29.84 -19.92 39.65
C GLY B 105 -30.07 -18.44 39.50
N GLU B 106 -30.66 -17.78 40.51
CA GLU B 106 -30.92 -16.34 40.45
C GLU B 106 -29.65 -15.60 40.85
N LYS B 107 -28.76 -15.45 39.87
CA LYS B 107 -27.45 -14.81 40.06
C LYS B 107 -27.31 -13.71 39.02
N PRO B 108 -28.02 -12.60 39.19
CA PRO B 108 -27.93 -11.52 38.21
C PRO B 108 -26.55 -10.90 38.21
N SER B 109 -26.25 -10.19 37.13
CA SER B 109 -24.95 -9.58 36.95
C SER B 109 -24.91 -8.21 37.60
N TYR B 110 -23.74 -7.85 38.13
CA TYR B 110 -23.57 -6.65 38.93
C TYR B 110 -22.47 -5.78 38.34
N VAL B 111 -22.62 -4.47 38.50
CA VAL B 111 -21.53 -3.51 38.29
C VAL B 111 -21.29 -2.80 39.61
N VAL B 112 -20.05 -2.85 40.08
CA VAL B 112 -19.71 -2.42 41.43
C VAL B 112 -18.62 -1.36 41.34
N GLU B 113 -18.89 -0.20 41.95
CA GLU B 113 -17.89 0.85 42.03
C GLU B 113 -16.95 0.59 43.19
N PHE B 114 -15.64 0.58 42.91
CA PHE B 114 -14.62 0.34 43.91
C PHE B 114 -13.72 1.56 44.02
N THR B 115 -13.53 2.05 45.24
CA THR B 115 -12.70 3.21 45.50
C THR B 115 -11.59 2.85 46.47
N ASN B 116 -10.40 3.37 46.22
CA ASN B 116 -9.27 3.22 47.13
C ASN B 116 -9.45 4.20 48.27
N SER B 117 -9.87 3.71 49.43
CA SER B 117 -10.19 4.54 50.59
C SER B 117 -9.31 4.10 51.75
N THR B 118 -8.13 4.68 51.85
CA THR B 118 -7.19 4.39 52.93
C THR B 118 -6.10 5.44 52.90
N ASN B 119 -5.01 5.17 53.62
CA ASN B 119 -3.90 6.11 53.81
C ASN B 119 -2.88 6.05 52.68
N ILE B 120 -3.33 5.69 51.48
CA ILE B 120 -2.48 5.52 50.30
C ILE B 120 -1.82 4.15 50.39
N GLY B 121 -2.61 3.11 50.22
CA GLY B 121 -2.13 1.76 50.02
C GLY B 121 -3.22 0.98 49.32
N ILE B 122 -2.90 0.30 48.22
CA ILE B 122 -3.94 -0.20 47.34
C ILE B 122 -4.73 -1.30 48.05
N LYS B 123 -5.96 -0.99 48.44
CA LYS B 123 -6.92 -1.99 48.90
C LYS B 123 -8.30 -1.42 48.60
N TRP B 124 -9.04 -2.12 47.75
CA TRP B 124 -10.31 -1.60 47.25
C TRP B 124 -11.42 -1.86 48.26
N THR B 125 -12.52 -1.11 48.12
CA THR B 125 -13.62 -1.18 49.05
C THR B 125 -14.95 -0.99 48.32
N MET B 126 -15.99 -1.61 48.87
CA MET B 126 -17.34 -1.41 48.37
C MET B 126 -17.74 0.06 48.52
N VAL B 127 -18.31 0.62 47.46
CA VAL B 127 -18.86 1.97 47.50
C VAL B 127 -20.31 1.91 47.05
N LYS B 128 -20.55 1.31 45.90
CA LYS B 128 -21.90 1.07 45.41
C LYS B 128 -21.90 -0.21 44.59
N LYS B 129 -23.06 -0.86 44.54
CA LYS B 129 -23.20 -2.16 43.88
C LYS B 129 -24.54 -2.17 43.16
N TYR B 130 -24.51 -2.13 41.84
CA TYR B 130 -25.71 -2.05 41.02
C TYR B 130 -25.96 -3.40 40.37
N GLN B 131 -27.13 -3.99 40.63
CA GLN B 131 -27.47 -5.29 40.07
C GLN B 131 -28.30 -5.09 38.80
N LEU B 132 -27.91 -5.79 37.74
CA LEU B 132 -28.51 -5.63 36.43
C LEU B 132 -29.56 -6.73 36.25
N ASP B 133 -30.81 -6.33 36.05
CA ASP B 133 -31.94 -7.24 36.00
C ASP B 133 -32.38 -7.46 34.55
N VAL B 134 -33.09 -8.55 34.34
CA VAL B 134 -33.56 -8.93 33.01
C VAL B 134 -34.66 -7.96 32.57
N PRO B 135 -34.83 -7.74 31.27
CA PRO B 135 -35.81 -6.75 30.82
C PRO B 135 -37.23 -7.14 31.16
N ASN B 136 -38.07 -6.13 31.32
CA ASN B 136 -39.52 -6.34 31.39
C ASN B 136 -40.07 -6.31 29.97
N VAL B 137 -40.81 -7.37 29.60
CA VAL B 137 -41.27 -7.55 28.24
C VAL B 137 -42.69 -7.00 28.14
N SER B 138 -42.88 -5.98 27.32
CA SER B 138 -44.19 -5.41 27.09
C SER B 138 -45.04 -6.40 26.29
N SER B 139 -46.29 -6.01 26.03
CA SER B 139 -47.17 -6.89 25.27
C SER B 139 -46.66 -7.10 23.85
N ASP B 140 -46.22 -6.02 23.20
CA ASP B 140 -45.76 -6.14 21.81
C ASP B 140 -44.48 -6.95 21.72
N MET B 141 -43.50 -6.63 22.56
CA MET B 141 -42.27 -7.40 22.59
C MET B 141 -42.56 -8.85 22.94
N ASN B 142 -43.55 -9.10 23.80
CA ASN B 142 -43.94 -10.47 24.09
C ASN B 142 -44.46 -11.18 22.86
N GLN B 143 -45.38 -10.55 22.14
CA GLN B 143 -45.90 -11.15 20.92
C GLN B 143 -44.78 -11.46 19.95
N VAL B 144 -43.80 -10.56 19.84
CA VAL B 144 -42.70 -10.78 18.91
C VAL B 144 -41.82 -11.93 19.38
N LEU B 145 -41.51 -11.99 20.67
CA LEU B 145 -40.59 -13.00 21.20
C LEU B 145 -41.22 -14.38 21.30
N LYS B 146 -42.54 -14.47 21.36
CA LYS B 146 -43.17 -15.78 21.51
C LYS B 146 -42.82 -16.70 20.35
N ASN B 147 -42.84 -16.17 19.13
CA ASN B 147 -42.49 -16.92 17.93
C ASN B 147 -41.09 -16.62 17.43
N LEU B 148 -40.32 -15.83 18.17
CA LEU B 148 -38.99 -15.45 17.72
C LEU B 148 -38.02 -16.62 17.86
N ILE B 149 -37.04 -16.66 16.96
CA ILE B 149 -36.04 -17.73 16.93
C ILE B 149 -34.68 -17.10 16.65
N LEU B 150 -33.66 -17.60 17.33
CA LEU B 150 -32.31 -17.06 17.22
C LEU B 150 -31.39 -18.08 16.58
N GLU B 151 -30.67 -17.67 15.54
CA GLU B 151 -29.67 -18.52 14.93
C GLU B 151 -28.54 -18.80 15.92
N GLN B 152 -28.01 -20.02 15.86
CA GLN B 152 -26.97 -20.39 16.80
C GLN B 152 -25.74 -19.51 16.57
N PRO B 153 -24.98 -19.20 17.62
CA PRO B 153 -23.93 -18.19 17.49
C PRO B 153 -22.85 -18.62 16.52
N LEU B 154 -22.25 -17.71 15.83
CA LEU B 154 -21.07 -17.86 15.07
C LEU B 154 -19.98 -18.46 15.91
N THR B 155 -19.23 -19.40 15.45
CA THR B 155 -18.19 -20.12 16.05
C THR B 155 -16.86 -19.92 15.39
N LYS B 156 -15.78 -19.89 16.09
CA LYS B 156 -14.47 -19.74 15.61
C LYS B 156 -14.16 -20.72 14.51
N TYR B 157 -14.67 -21.90 14.56
CA TYR B 157 -14.54 -23.02 13.71
C TYR B 157 -15.69 -23.22 12.76
N THR B 158 -16.38 -22.20 12.36
CA THR B 158 -17.51 -22.12 11.53
C THR B 158 -17.15 -22.00 10.07
N LEU B 159 -17.80 -22.65 9.17
CA LEU B 159 -17.60 -22.76 7.78
C LEU B 159 -18.55 -21.92 6.96
N ASN B 160 -18.16 -21.44 5.83
CA ASN B 160 -18.96 -20.82 4.86
C ASN B 160 -20.16 -21.66 4.51
N SER B 161 -19.96 -22.89 4.17
CA SER B 161 -20.94 -23.86 3.91
C SER B 161 -21.91 -24.00 5.05
N SER B 162 -21.44 -23.95 6.25
CA SER B 162 -22.20 -23.93 7.45
C SER B 162 -23.15 -22.78 7.49
N LEU B 163 -22.70 -21.61 7.19
CA LEU B 163 -23.47 -20.42 7.09
C LEU B 163 -24.54 -20.54 6.03
N ALA B 164 -24.22 -21.07 4.90
CA ALA B 164 -25.01 -21.13 3.72
C ALA B 164 -26.33 -21.79 3.96
N LYS B 165 -27.40 -21.29 3.46
CA LYS B 165 -28.74 -21.75 3.48
C LYS B 165 -29.28 -21.96 2.11
N GLU B 166 -29.97 -23.08 1.84
CA GLU B 166 -30.46 -23.36 0.48
C GLU B 166 -31.36 -22.23 -0.03
N LYS B 167 -31.27 -21.94 -1.34
CA LYS B 167 -32.05 -20.86 -1.95
C LYS B 167 -33.54 -21.12 -1.72
N GLY B 168 -34.26 -20.08 -1.35
CA GLY B 168 -35.63 -20.06 -1.24
C GLY B 168 -36.41 -19.91 -2.47
N LYS B 169 -37.71 -19.89 -2.43
CA LYS B 169 -38.59 -19.66 -3.50
C LYS B 169 -38.29 -18.36 -4.17
N THR B 170 -38.14 -18.29 -5.45
CA THR B 170 -37.93 -17.13 -6.23
C THR B 170 -39.13 -16.22 -6.18
N GLN B 171 -39.02 -15.01 -6.61
CA GLN B 171 -40.06 -14.04 -6.67
C GLN B 171 -41.24 -14.55 -7.43
N ARG B 172 -41.02 -15.08 -8.65
CA ARG B 172 -42.09 -15.62 -9.50
C ARG B 172 -42.76 -16.82 -8.84
N GLU B 173 -41.99 -17.72 -8.23
CA GLU B 173 -42.52 -18.89 -7.52
C GLU B 173 -43.45 -18.49 -6.36
N VAL B 174 -43.10 -17.44 -5.60
CA VAL B 174 -43.83 -16.93 -4.51
C VAL B 174 -45.08 -16.21 -4.93
N HIS B 175 -45.04 -15.42 -5.95
CA HIS B 175 -46.04 -14.55 -6.44
C HIS B 175 -47.04 -15.21 -7.36
N LEU B 176 -46.61 -15.63 -8.51
CA LEU B 176 -47.33 -16.26 -9.54
C LEU B 176 -47.52 -17.74 -9.38
N GLY B 177 -46.81 -18.38 -8.51
CA GLY B 177 -46.74 -19.75 -8.35
C GLY B 177 -45.91 -20.48 -9.32
N SER B 178 -45.84 -21.76 -9.25
CA SER B 178 -45.18 -22.64 -10.15
C SER B 178 -45.94 -22.80 -11.44
N GLY B 179 -45.31 -23.15 -12.51
CA GLY B 179 -45.88 -23.30 -13.75
C GLY B 179 -46.58 -22.14 -14.34
N GLN B 180 -46.08 -20.96 -14.15
CA GLN B 180 -46.51 -19.70 -14.61
C GLN B 180 -45.47 -18.93 -15.37
N ALA B 181 -44.49 -19.64 -15.97
CA ALA B 181 -43.38 -19.02 -16.72
C ALA B 181 -43.88 -18.24 -17.94
N ASN B 182 -43.08 -17.26 -18.39
CA ASN B 182 -43.37 -16.33 -19.50
C ASN B 182 -44.64 -15.47 -19.32
N GLN B 183 -45.29 -15.49 -18.14
CA GLN B 183 -46.38 -14.70 -17.71
C GLN B 183 -46.02 -13.60 -16.75
N TRP B 184 -44.80 -13.44 -16.38
CA TRP B 184 -44.27 -12.44 -15.54
C TRP B 184 -44.71 -11.06 -15.97
N THR B 185 -44.43 -10.71 -17.17
CA THR B 185 -44.68 -9.46 -17.78
C THR B 185 -46.12 -9.06 -17.63
N SER B 186 -47.03 -9.95 -17.91
CA SER B 186 -48.43 -9.78 -17.86
C SER B 186 -48.96 -9.64 -16.45
N GLN B 187 -48.57 -10.50 -15.57
CA GLN B 187 -49.07 -10.70 -14.26
C GLN B 187 -48.47 -9.83 -13.18
N ARG B 188 -47.37 -9.18 -13.41
CA ARG B 188 -46.66 -8.37 -12.51
C ARG B 188 -47.37 -7.09 -12.13
N ASN B 189 -48.26 -6.62 -13.00
CA ASN B 189 -48.91 -5.33 -12.76
C ASN B 189 -49.82 -5.38 -11.53
N GLN B 190 -50.67 -6.41 -11.44
CA GLN B 190 -51.62 -6.48 -10.34
C GLN B 190 -50.95 -6.76 -9.01
N HIS B 191 -49.78 -7.30 -8.96
CA HIS B 191 -48.97 -7.63 -7.86
C HIS B 191 -48.13 -6.48 -7.33
N ASP B 192 -48.40 -5.27 -7.70
CA ASP B 192 -47.67 -4.11 -7.35
C ASP B 192 -46.19 -4.33 -7.47
N LEU B 193 -45.70 -4.87 -8.53
CA LEU B 193 -44.36 -5.16 -8.93
C LEU B 193 -44.04 -4.68 -10.32
N ASN B 194 -44.62 -3.62 -10.77
CA ASN B 194 -44.55 -3.10 -12.07
C ASN B 194 -43.12 -2.94 -12.53
N ASN B 195 -42.77 -3.34 -13.71
CA ASN B 195 -41.50 -3.15 -14.30
C ASN B 195 -40.40 -3.95 -13.65
N ASN B 196 -40.69 -4.79 -12.72
CA ASN B 196 -39.79 -5.62 -12.02
C ASN B 196 -38.99 -6.45 -12.98
N PRO B 197 -37.66 -6.31 -13.11
CA PRO B 197 -36.86 -7.00 -14.12
C PRO B 197 -36.26 -8.36 -13.69
N SER B 198 -36.48 -8.83 -12.46
CA SER B 198 -35.92 -10.09 -11.97
C SER B 198 -36.98 -11.01 -11.33
N PRO B 199 -37.75 -11.71 -12.16
CA PRO B 199 -38.63 -12.73 -11.62
C PRO B 199 -37.95 -13.86 -10.91
N ASN B 200 -36.68 -14.14 -11.23
CA ASN B 200 -35.89 -15.22 -10.60
C ASN B 200 -35.10 -14.73 -9.37
N ALA B 201 -35.51 -13.63 -8.74
CA ALA B 201 -34.94 -13.06 -7.59
C ALA B 201 -35.25 -13.87 -6.36
N SER B 202 -34.30 -14.28 -5.58
CA SER B 202 -34.43 -14.99 -4.38
C SER B 202 -35.27 -14.24 -3.39
N THR B 203 -36.16 -14.85 -2.68
CA THR B 203 -36.97 -14.38 -1.63
C THR B 203 -36.43 -14.62 -0.25
N GLY B 204 -35.38 -15.34 -0.10
CA GLY B 204 -34.75 -15.74 1.06
C GLY B 204 -34.10 -17.06 1.06
N PHE B 205 -34.08 -17.76 2.15
CA PHE B 205 -33.50 -19.01 2.42
C PHE B 205 -34.37 -19.93 3.21
N LYS B 206 -34.56 -21.15 2.84
CA LYS B 206 -35.29 -22.15 3.52
C LYS B 206 -34.69 -22.45 4.86
N LEU B 207 -35.43 -22.57 5.91
CA LEU B 207 -35.10 -22.89 7.23
C LEU B 207 -35.10 -24.37 7.55
N THR B 208 -35.38 -25.23 6.63
CA THR B 208 -35.46 -26.63 6.76
C THR B 208 -34.14 -27.29 7.09
N THR B 209 -33.04 -26.64 6.92
CA THR B 209 -31.70 -27.03 7.15
C THR B 209 -30.81 -25.90 7.59
N GLY B 210 -29.57 -26.13 7.84
CA GLY B 210 -28.61 -25.23 8.24
C GLY B 210 -28.36 -25.05 9.68
N ASN B 211 -27.87 -23.95 10.12
CA ASN B 211 -27.64 -23.57 11.44
C ASN B 211 -28.90 -23.72 12.26
N ALA B 212 -28.77 -24.05 13.53
CA ALA B 212 -29.93 -24.27 14.38
C ALA B 212 -30.58 -22.95 14.76
N TYR B 213 -31.85 -22.79 14.40
CA TYR B 213 -32.65 -21.64 14.78
C TYR B 213 -33.56 -22.08 15.92
N ARG B 214 -33.38 -21.50 17.09
CA ARG B 214 -34.09 -21.92 18.29
C ARG B 214 -34.83 -20.75 18.91
N LYS B 215 -35.98 -21.05 19.50
CA LYS B 215 -36.73 -20.05 20.24
C LYS B 215 -35.95 -19.65 21.50
N LEU B 216 -36.37 -18.54 22.10
CA LEU B 216 -35.72 -18.09 23.32
C LEU B 216 -35.84 -19.13 24.42
N SER B 217 -37.02 -19.77 24.53
CA SER B 217 -37.22 -20.81 25.52
C SER B 217 -36.50 -22.11 25.17
N GLU B 218 -35.96 -22.24 23.97
CA GLU B 218 -35.31 -23.46 23.53
C GLU B 218 -33.81 -23.39 23.85
N SER B 219 -33.07 -24.39 23.38
CA SER B 219 -31.64 -24.49 23.64
C SER B 219 -30.90 -24.81 22.34
N TRP B 220 -29.78 -24.13 22.14
CA TRP B 220 -28.99 -24.36 20.94
C TRP B 220 -28.32 -25.73 21.00
N PRO B 221 -27.91 -26.26 19.86
CA PRO B 221 -27.09 -27.48 19.85
C PRO B 221 -25.61 -27.14 19.85
N ILE B 222 -24.79 -28.15 20.15
CA ILE B 222 -23.35 -28.00 20.07
C ILE B 222 -22.79 -28.40 18.72
N TYR B 223 -23.64 -28.88 17.81
CA TYR B 223 -23.22 -29.35 16.50
C TYR B 223 -23.61 -28.34 15.45
N GLU B 224 -22.64 -27.96 14.62
CA GLU B 224 -22.86 -27.06 13.51
C GLU B 224 -22.74 -27.84 12.21
N PRO B 225 -23.72 -27.76 11.31
CA PRO B 225 -23.62 -28.51 10.05
C PRO B 225 -22.48 -27.96 9.19
N ILE B 226 -21.66 -28.79 8.65
CA ILE B 226 -20.61 -28.49 7.74
C ILE B 226 -21.14 -27.74 6.56
N ASP B 227 -22.15 -28.25 5.94
CA ASP B 227 -22.93 -27.77 4.85
C ASP B 227 -24.30 -27.37 5.29
N GLY B 228 -24.70 -26.14 5.19
CA GLY B 228 -25.95 -25.66 5.49
C GLY B 228 -27.03 -25.73 4.52
N THR B 229 -26.80 -26.35 3.41
CA THR B 229 -27.69 -26.71 2.37
C THR B 229 -28.27 -28.09 2.46
N LYS B 230 -27.61 -29.01 3.11
CA LYS B 230 -27.90 -30.37 3.30
C LYS B 230 -28.13 -30.80 4.73
N GLN B 231 -27.27 -30.47 5.62
CA GLN B 231 -27.19 -30.87 6.97
C GLN B 231 -27.89 -29.91 7.91
N GLY B 232 -28.04 -30.30 9.17
CA GLY B 232 -28.73 -29.49 10.15
C GLY B 232 -30.22 -29.49 9.87
N LYS B 233 -31.03 -29.30 10.91
CA LYS B 233 -32.48 -29.30 10.77
C LYS B 233 -33.09 -27.91 10.94
N GLY B 234 -32.27 -26.88 11.06
CA GLY B 234 -32.79 -25.53 11.10
C GLY B 234 -33.76 -25.32 12.24
N LYS B 235 -34.85 -24.60 11.95
CA LYS B 235 -35.78 -24.17 12.99
C LYS B 235 -36.62 -25.31 13.54
N ASP B 236 -36.70 -26.45 12.87
CA ASP B 236 -37.51 -27.57 13.33
C ASP B 236 -36.80 -28.23 14.49
N SER B 237 -37.05 -27.72 15.70
CA SER B 237 -36.44 -28.31 16.88
C SER B 237 -36.90 -29.76 17.09
N SER B 238 -38.18 -30.02 16.87
CA SER B 238 -38.67 -31.39 17.00
C SER B 238 -37.96 -32.32 16.02
N GLY B 239 -37.81 -31.89 14.77
CA GLY B 239 -37.10 -32.71 13.80
C GLY B 239 -35.65 -32.93 14.19
N TRP B 240 -34.97 -31.87 14.64
CA TRP B 240 -33.57 -32.02 15.02
C TRP B 240 -33.42 -32.99 16.18
N SER B 241 -34.27 -32.86 17.20
CA SER B 241 -34.15 -33.69 18.38
C SER B 241 -34.61 -35.12 18.16
N SER B 242 -35.52 -35.34 17.20
CA SER B 242 -36.02 -36.70 16.95
C SER B 242 -34.88 -37.63 16.55
N THR B 243 -34.30 -37.40 15.38
CA THR B 243 -33.21 -38.26 14.88
C THR B 243 -31.99 -37.49 14.40
N GLU B 244 -32.13 -36.27 13.88
CA GLU B 244 -30.97 -35.58 13.32
C GLU B 244 -29.94 -35.27 14.39
N GLU B 245 -30.39 -34.94 15.61
CA GLU B 245 -29.44 -34.71 16.69
C GLU B 245 -28.62 -35.96 16.96
N ASN B 246 -29.27 -37.13 16.99
CA ASN B 246 -28.54 -38.38 17.21
C ASN B 246 -27.57 -38.67 16.07
N GLU B 247 -28.00 -38.44 14.83
CA GLU B 247 -27.11 -38.68 13.70
C GLU B 247 -25.90 -37.75 13.75
N ALA B 248 -26.12 -36.48 14.08
CA ALA B 248 -25.00 -35.54 14.20
C ALA B 248 -24.10 -35.93 15.34
N LYS B 249 -24.66 -36.43 16.45
CA LYS B 249 -23.84 -36.91 17.55
C LYS B 249 -22.97 -38.09 17.11
N ASN B 250 -23.54 -39.01 16.34
CA ASN B 250 -22.77 -40.12 15.84
C ASN B 250 -21.63 -39.65 14.94
N ASP B 251 -21.92 -38.69 14.06
CA ASP B 251 -20.89 -38.20 13.14
C ASP B 251 -19.82 -37.40 13.86
N ALA B 252 -20.18 -36.71 14.93
CA ALA B 252 -19.28 -35.80 15.65
C ALA B 252 -19.34 -36.10 17.14
N PRO B 253 -18.43 -36.91 17.65
CA PRO B 253 -18.41 -37.20 19.08
C PRO B 253 -17.72 -36.10 19.88
N SER B 254 -17.81 -36.23 21.20
CA SER B 254 -17.13 -35.32 22.12
C SER B 254 -16.00 -36.07 22.82
N VAL B 255 -14.80 -35.52 22.75
CA VAL B 255 -13.63 -36.15 23.36
C VAL B 255 -13.86 -36.37 24.85
N SER B 261 -9.98 -37.76 16.37
CA SER B 261 -10.73 -38.57 17.33
C SER B 261 -11.46 -39.70 16.60
N SER B 262 -12.49 -40.25 17.25
CA SER B 262 -13.24 -41.37 16.69
C SER B 262 -14.28 -40.94 15.65
N GLY B 263 -14.50 -39.64 15.49
CA GLY B 263 -15.55 -39.17 14.59
C GLY B 263 -15.04 -38.99 13.16
N THR B 264 -15.91 -39.35 12.21
CA THR B 264 -15.59 -39.16 10.81
C THR B 264 -15.66 -37.69 10.41
N PHE B 265 -16.57 -36.93 11.00
CA PHE B 265 -16.72 -35.50 10.73
C PHE B 265 -16.93 -35.26 9.24
N ASN B 266 -18.04 -35.79 8.73
CA ASN B 266 -18.41 -35.64 7.34
C ASN B 266 -19.66 -34.79 7.13
N LYS B 267 -20.43 -34.52 8.18
CA LYS B 267 -21.64 -33.74 8.04
C LYS B 267 -21.74 -32.64 9.09
N TYR B 268 -21.07 -32.82 10.23
CA TYR B 268 -21.22 -31.92 11.36
C TYR B 268 -19.87 -31.70 12.03
N LEU B 269 -19.82 -30.66 12.87
CA LEU B 269 -18.67 -30.37 13.71
C LEU B 269 -19.15 -30.24 15.14
N ASN B 270 -18.38 -30.81 16.07
CA ASN B 270 -18.71 -30.71 17.50
C ASN B 270 -17.97 -29.49 18.06
N THR B 271 -18.67 -28.37 18.15
CA THR B 271 -18.09 -27.10 18.56
C THR B 271 -18.39 -26.77 20.02
N LYS B 272 -18.48 -27.79 20.87
CA LYS B 272 -18.77 -27.54 22.28
C LYS B 272 -17.69 -26.67 22.91
N GLN B 273 -16.42 -26.97 22.62
CA GLN B 273 -15.33 -26.22 23.22
C GLN B 273 -15.38 -24.75 22.80
N ALA B 274 -15.62 -24.48 21.51
CA ALA B 274 -15.67 -23.09 21.06
C ALA B 274 -16.89 -22.37 21.62
N LEU B 275 -18.04 -23.05 21.68
CA LEU B 275 -19.21 -22.46 22.31
C LEU B 275 -18.92 -22.07 23.76
N GLU B 276 -18.23 -22.95 24.49
CA GLU B 276 -17.82 -22.61 25.85
C GLU B 276 -16.88 -21.42 25.85
N SER B 277 -15.94 -21.38 24.90
CA SER B 277 -14.91 -20.35 24.89
C SER B 277 -15.52 -18.96 24.71
N ILE B 278 -16.43 -18.82 23.75
CA ILE B 278 -16.93 -17.48 23.43
C ILE B 278 -18.08 -17.11 24.35
N GLY B 279 -18.32 -17.93 25.38
CA GLY B 279 -19.22 -17.53 26.45
C GLY B 279 -20.65 -18.01 26.33
N ILE B 280 -20.84 -19.31 26.12
CA ILE B 280 -22.15 -19.95 26.20
C ILE B 280 -22.14 -20.90 27.37
N LEU B 281 -23.18 -20.84 28.20
CA LEU B 281 -23.25 -21.63 29.40
C LEU B 281 -23.77 -23.03 29.12
N PHE B 282 -23.25 -24.00 29.88
CA PHE B 282 -23.47 -25.41 29.61
C PHE B 282 -23.99 -26.11 30.87
N ASP B 283 -25.05 -26.90 30.68
CA ASP B 283 -25.50 -27.87 31.68
C ASP B 283 -24.96 -29.22 31.24
N ASP B 284 -23.92 -29.70 31.94
CA ASP B 284 -23.21 -30.89 31.50
C ASP B 284 -22.67 -30.66 30.10
N GLN B 285 -23.42 -31.07 29.08
CA GLN B 285 -23.02 -30.89 27.68
C GLN B 285 -23.96 -29.97 26.91
N THR B 286 -25.26 -30.02 27.18
CA THR B 286 -26.20 -29.22 26.40
C THR B 286 -26.21 -27.77 26.90
N PRO B 287 -26.00 -26.80 26.01
CA PRO B 287 -26.09 -25.40 26.44
C PRO B 287 -27.43 -25.08 27.05
N ARG B 288 -27.44 -24.07 27.91
CA ARG B 288 -28.66 -23.61 28.55
C ARG B 288 -29.54 -22.89 27.52
N ASN B 289 -30.69 -22.41 27.99
CA ASN B 289 -31.68 -21.86 27.07
C ASN B 289 -31.18 -20.55 26.46
N VAL B 290 -31.79 -20.20 25.33
CA VAL B 290 -31.30 -19.09 24.52
C VAL B 290 -31.42 -17.77 25.27
N ILE B 291 -32.48 -17.61 26.07
CA ILE B 291 -32.61 -16.37 26.82
C ILE B 291 -31.46 -16.23 27.81
N THR B 292 -31.12 -17.32 28.50
CA THR B 292 -29.99 -17.27 29.42
C THR B 292 -28.70 -16.95 28.69
N GLN B 293 -28.48 -17.58 27.53
CA GLN B 293 -27.26 -17.31 26.78
C GLN B 293 -27.20 -15.85 26.35
N LEU B 294 -28.32 -15.31 25.85
CA LEU B 294 -28.35 -13.93 25.41
C LEU B 294 -28.09 -12.97 26.55
N TYR B 295 -28.68 -13.21 27.71
CA TYR B 295 -28.43 -12.34 28.86
C TYR B 295 -26.96 -12.39 29.28
N TYR B 296 -26.43 -13.59 29.49
CA TYR B 296 -25.05 -13.73 29.92
C TYR B 296 -24.09 -13.16 28.88
N ALA B 297 -24.48 -13.13 27.61
CA ALA B 297 -23.67 -12.47 26.59
C ALA B 297 -23.82 -10.95 26.67
N SER B 298 -25.02 -10.47 26.99
CA SER B 298 -25.25 -9.05 27.11
C SER B 298 -24.44 -8.44 28.24
N THR B 299 -24.17 -9.20 29.30
CA THR B 299 -23.25 -8.73 30.35
C THR B 299 -21.82 -8.96 29.86
N SER B 300 -21.32 -8.02 29.08
CA SER B 300 -20.01 -8.20 28.46
C SER B 300 -19.03 -7.07 28.71
N LYS B 301 -19.48 -5.82 28.64
CA LYS B 301 -18.58 -4.68 28.62
C LYS B 301 -19.13 -3.59 29.53
N LEU B 302 -18.39 -2.50 29.64
CA LEU B 302 -18.74 -1.46 30.60
C LEU B 302 -18.14 -0.13 30.16
N ALA B 303 -18.99 0.87 29.95
CA ALA B 303 -18.56 2.25 29.76
C ALA B 303 -19.26 3.11 30.79
N VAL B 304 -18.59 4.17 31.22
CA VAL B 304 -19.00 4.93 32.38
C VAL B 304 -19.07 6.41 32.03
N THR B 305 -19.85 7.14 32.82
CA THR B 305 -20.00 8.58 32.70
C THR B 305 -20.20 9.15 34.09
N ASN B 306 -20.01 10.47 34.23
CA ASN B 306 -20.15 11.08 35.53
C ASN B 306 -21.55 10.91 36.11
N ASN B 307 -22.55 10.59 35.27
CA ASN B 307 -23.91 10.37 35.73
C ASN B 307 -24.50 9.03 35.34
N HIS B 308 -23.96 8.34 34.35
CA HIS B 308 -24.55 7.11 33.84
C HIS B 308 -23.48 6.04 33.68
N ILE B 309 -23.93 4.79 33.73
CA ILE B 309 -23.09 3.62 33.45
C ILE B 309 -23.87 2.72 32.51
N VAL B 310 -23.28 2.40 31.36
CA VAL B 310 -23.95 1.64 30.31
C VAL B 310 -23.25 0.30 30.16
N VAL B 311 -24.05 -0.76 30.02
CA VAL B 311 -23.54 -2.10 29.80
C VAL B 311 -24.18 -2.65 28.53
N MET B 312 -23.36 -3.15 27.62
CA MET B 312 -23.83 -3.74 26.37
C MET B 312 -23.20 -5.13 26.20
N GLY B 313 -23.66 -5.83 25.17
CA GLY B 313 -23.22 -7.20 24.95
C GLY B 313 -21.92 -7.30 24.20
N ASN B 314 -21.38 -8.52 24.17
CA ASN B 314 -20.09 -8.77 23.54
C ASN B 314 -20.28 -8.76 22.02
N SER B 315 -19.20 -9.10 21.29
CA SER B 315 -19.21 -9.07 19.84
C SER B 315 -19.54 -10.41 19.21
N PHE B 316 -19.43 -11.52 19.89
CA PHE B 316 -19.53 -12.84 19.40
C PHE B 316 -20.92 -13.22 18.98
N LEU B 317 -21.90 -12.87 19.81
CA LEU B 317 -23.29 -13.17 19.52
C LEU B 317 -24.15 -11.96 19.88
N PRO B 318 -25.29 -11.80 19.21
CA PRO B 318 -26.07 -10.56 19.39
C PRO B 318 -26.53 -10.38 20.81
N SER B 319 -27.09 -9.20 21.06
CA SER B 319 -27.63 -8.87 22.38
C SER B 319 -28.69 -7.79 22.17
N MET B 320 -29.95 -8.17 22.34
CA MET B 320 -31.06 -7.28 22.03
C MET B 320 -31.21 -6.15 23.03
N TRP B 321 -30.80 -6.36 24.29
CA TRP B 321 -31.04 -5.40 25.35
C TRP B 321 -29.73 -4.97 25.98
N TYR B 322 -29.66 -3.70 26.35
CA TYR B 322 -28.50 -3.15 27.05
C TYR B 322 -28.96 -2.38 28.27
N TRP B 323 -28.33 -2.65 29.41
CA TRP B 323 -28.60 -1.95 30.66
C TRP B 323 -27.96 -0.57 30.70
N VAL B 324 -28.73 0.40 31.16
CA VAL B 324 -28.25 1.73 31.48
C VAL B 324 -28.43 1.93 32.97
N VAL B 325 -27.35 2.26 33.66
CA VAL B 325 -27.32 2.32 35.12
C VAL B 325 -27.22 3.78 35.54
N GLU B 326 -28.16 4.22 36.37
CA GLU B 326 -28.11 5.55 36.95
C GLU B 326 -27.24 5.50 38.20
N ARG B 327 -26.12 6.22 38.19
CA ARG B 327 -25.18 6.16 39.31
C ARG B 327 -25.81 6.65 40.61
N SER B 328 -26.90 7.40 40.56
CA SER B 328 -27.60 7.84 41.76
C SER B 328 -28.67 6.86 42.21
N ALA B 329 -28.88 5.78 41.47
CA ALA B 329 -29.92 4.82 41.83
C ALA B 329 -29.60 4.15 43.16
N GLN B 330 -30.66 3.72 43.84
CA GLN B 330 -30.50 3.09 45.15
C GLN B 330 -29.70 1.80 45.04
N GLU B 331 -28.99 1.47 46.11
CA GLU B 331 -28.15 0.28 46.12
C GLU B 331 -28.99 -0.99 45.95
N ASN B 332 -30.14 -1.06 46.61
CA ASN B 332 -30.98 -2.24 46.58
C ASN B 332 -32.06 -2.19 45.52
N ALA B 333 -32.09 -1.14 44.69
CA ALA B 333 -33.09 -1.04 43.64
C ALA B 333 -32.70 -1.92 42.45
N SER B 334 -33.59 -1.97 41.46
CA SER B 334 -33.42 -2.81 40.29
C SER B 334 -33.11 -1.95 39.06
N ASN B 335 -32.16 -2.42 38.26
CA ASN B 335 -31.78 -1.77 37.01
C ASN B 335 -32.24 -2.63 35.84
N LYS B 336 -33.02 -2.04 34.94
CA LYS B 336 -33.55 -2.75 33.80
C LYS B 336 -33.01 -2.13 32.50
N PRO B 337 -32.81 -2.93 31.47
CA PRO B 337 -32.26 -2.41 30.22
C PRO B 337 -33.31 -1.80 29.32
N THR B 338 -32.87 -1.40 28.13
CA THR B 338 -33.73 -0.97 27.05
C THR B 338 -33.57 -1.92 25.88
N TRP B 339 -34.68 -2.35 25.32
CA TRP B 339 -34.64 -3.12 24.09
C TRP B 339 -33.96 -2.31 23.00
N PHE B 340 -33.00 -2.91 22.31
CA PHE B 340 -32.48 -2.26 21.10
C PHE B 340 -33.61 -1.99 20.12
N ALA B 341 -34.64 -2.85 20.13
CA ALA B 341 -35.82 -2.61 19.32
C ALA B 341 -36.51 -1.31 19.66
N ASN B 342 -36.27 -0.77 20.86
CA ASN B 342 -36.82 0.51 21.28
C ASN B 342 -35.86 1.66 21.07
N THR B 343 -34.72 1.43 20.42
CA THR B 343 -33.71 2.45 20.20
C THR B 343 -33.71 2.81 18.71
N ASN B 344 -34.48 3.84 18.36
CA ASN B 344 -34.59 4.29 16.98
C ASN B 344 -33.31 5.01 16.60
N LEU B 345 -32.30 4.23 16.21
CA LEU B 345 -31.05 4.83 15.78
C LEU B 345 -31.25 5.63 14.50
N ASP B 346 -30.39 6.62 14.31
CA ASP B 346 -30.33 7.38 13.07
C ASP B 346 -29.24 6.75 12.21
N TRP B 347 -29.65 6.01 11.18
CA TRP B 347 -28.72 5.34 10.29
C TRP B 347 -28.05 6.29 9.31
N GLY B 348 -28.32 7.58 9.42
CA GLY B 348 -27.71 8.58 8.55
C GLY B 348 -28.73 9.17 7.59
N GLU B 349 -29.58 8.30 7.04
CA GLU B 349 -30.63 8.71 6.13
C GLU B 349 -31.91 7.97 6.51
N ASP B 350 -33.03 8.69 6.46
CA ASP B 350 -34.31 8.04 6.65
C ASP B 350 -34.49 6.89 5.68
N LYS B 351 -33.94 7.02 4.47
CA LYS B 351 -34.03 5.95 3.48
C LYS B 351 -33.30 4.70 3.97
N GLN B 352 -32.09 4.87 4.53
CA GLN B 352 -31.36 3.73 5.08
C GLN B 352 -32.13 3.12 6.24
N LYS B 353 -32.69 3.96 7.12
CA LYS B 353 -33.46 3.44 8.24
C LYS B 353 -34.61 2.59 7.76
N GLN B 354 -35.31 3.04 6.71
CA GLN B 354 -36.45 2.26 6.23
C GLN B 354 -36.01 1.01 5.46
N PHE B 355 -34.89 0.98 4.80
CA PHE B 355 -34.27 -0.21 4.35
C PHE B 355 -34.14 -1.22 5.45
N VAL B 356 -33.53 -0.79 6.56
CA VAL B 356 -33.34 -1.72 7.67
C VAL B 356 -34.67 -2.18 8.21
N GLU B 357 -35.62 -1.26 8.34
CA GLU B 357 -36.92 -1.59 8.94
C GLU B 357 -37.71 -2.57 8.07
N ASN B 358 -37.63 -2.44 6.75
CA ASN B 358 -38.55 -3.15 5.87
C ASN B 358 -38.23 -4.63 5.73
N GLN B 359 -37.07 -5.10 6.00
CA GLN B 359 -36.66 -6.45 6.00
C GLN B 359 -36.98 -7.22 7.25
N LEU B 360 -37.42 -6.54 8.30
CA LEU B 360 -37.76 -7.26 9.52
C LEU B 360 -38.89 -8.24 9.25
N GLY B 361 -39.91 -7.83 8.52
CA GLY B 361 -40.95 -8.76 8.14
C GLY B 361 -42.15 -8.00 7.58
N TYR B 362 -43.21 -8.76 7.32
CA TYR B 362 -44.44 -8.20 6.78
C TYR B 362 -45.08 -7.26 7.81
N LYS B 363 -45.90 -6.34 7.32
CA LYS B 363 -46.47 -5.30 8.14
C LYS B 363 -47.88 -5.61 8.64
N GLU B 364 -48.82 -5.87 7.73
CA GLU B 364 -50.23 -6.10 8.09
C GLU B 364 -50.44 -7.60 8.18
N THR B 365 -49.93 -8.20 9.26
CA THR B 365 -49.97 -9.64 9.44
C THR B 365 -51.39 -10.17 9.51
N THR B 366 -52.10 -9.81 10.57
CA THR B 366 -53.53 -10.05 10.71
C THR B 366 -53.91 -11.52 10.53
N SER B 367 -53.05 -12.47 10.89
CA SER B 367 -53.46 -13.86 10.73
C SER B 367 -54.31 -14.31 11.91
N THR B 368 -53.69 -14.51 13.07
CA THR B 368 -54.40 -14.42 14.34
C THR B 368 -53.53 -13.70 15.37
N ASN B 369 -52.24 -14.05 15.39
CA ASN B 369 -51.29 -13.42 16.30
C ASN B 369 -49.91 -13.29 15.66
N SER B 370 -49.78 -13.59 14.36
CA SER B 370 -48.47 -13.73 13.74
C SER B 370 -47.80 -12.37 13.60
N HIS B 371 -47.40 -11.83 14.75
CA HIS B 371 -46.76 -10.53 14.82
C HIS B 371 -45.24 -10.67 14.77
N ASN B 372 -44.59 -9.70 14.14
CA ASN B 372 -43.15 -9.70 13.99
C ASN B 372 -42.60 -8.31 14.25
N PHE B 373 -41.28 -8.15 14.16
CA PHE B 373 -40.66 -6.90 14.60
C PHE B 373 -41.22 -5.71 13.83
N HIS B 374 -41.34 -5.83 12.51
CA HIS B 374 -41.85 -4.71 11.72
C HIS B 374 -43.32 -4.46 12.00
N SER B 375 -44.11 -5.52 12.16
CA SER B 375 -45.55 -5.35 12.34
C SER B 375 -45.85 -4.55 13.60
N LYS B 376 -45.14 -4.83 14.69
CA LYS B 376 -45.32 -4.09 15.93
C LYS B 376 -44.52 -2.79 15.95
N SER B 377 -44.02 -2.34 14.81
CA SER B 377 -43.35 -1.05 14.69
C SER B 377 -42.16 -0.96 15.64
N PHE B 378 -41.18 -1.84 15.40
CA PHE B 378 -39.92 -1.83 16.11
C PHE B 378 -38.77 -1.79 15.12
N THR B 379 -37.66 -1.20 15.54
CA THR B 379 -36.50 -1.03 14.68
C THR B 379 -35.57 -2.23 14.82
N GLN B 380 -34.35 -2.10 14.31
CA GLN B 380 -33.42 -3.21 14.29
C GLN B 380 -33.24 -3.76 15.69
N PRO B 381 -33.48 -5.05 15.93
CA PRO B 381 -33.52 -5.54 17.32
C PRO B 381 -32.19 -6.07 17.85
N ALA B 382 -31.23 -6.35 16.97
CA ALA B 382 -30.00 -7.02 17.39
C ALA B 382 -28.80 -6.35 16.74
N TYR B 383 -27.80 -6.02 17.57
CA TYR B 383 -26.52 -5.52 17.10
C TYR B 383 -25.42 -6.37 17.70
N LEU B 384 -24.42 -6.71 16.89
CA LEU B 384 -23.22 -7.36 17.39
C LEU B 384 -22.31 -6.25 17.91
N ILE B 385 -22.57 -5.82 19.13
CA ILE B 385 -21.93 -4.63 19.69
C ILE B 385 -20.43 -4.86 19.76
N SER B 386 -19.69 -4.11 18.94
CA SER B 386 -18.23 -4.27 18.92
C SER B 386 -17.62 -3.91 20.26
N GLY B 387 -18.07 -2.81 20.85
CA GLY B 387 -17.55 -2.37 22.12
C GLY B 387 -18.29 -1.12 22.54
N ILE B 388 -18.05 -0.73 23.78
CA ILE B 388 -18.69 0.44 24.37
C ILE B 388 -17.63 1.20 25.16
N ASP B 389 -17.62 2.52 24.99
CA ASP B 389 -16.63 3.34 25.66
C ASP B 389 -17.18 4.75 25.82
N SER B 390 -16.54 5.51 26.71
CA SER B 390 -16.96 6.87 27.00
C SER B 390 -15.75 7.78 26.98
N VAL B 391 -16.00 9.06 26.73
CA VAL B 391 -14.95 10.08 26.77
C VAL B 391 -15.61 11.44 26.85
N ASN B 392 -15.05 12.31 27.68
CA ASN B 392 -15.58 13.66 27.87
C ASN B 392 -17.07 13.61 28.19
N ASP B 393 -17.44 12.72 29.11
CA ASP B 393 -18.80 12.54 29.56
C ASP B 393 -19.74 12.04 28.47
N GLN B 394 -19.18 11.64 27.32
CA GLN B 394 -19.96 11.13 26.20
C GLN B 394 -19.66 9.64 26.02
N ILE B 395 -20.69 8.89 25.67
CA ILE B 395 -20.59 7.45 25.47
C ILE B 395 -20.60 7.16 23.98
N ILE B 396 -19.65 6.35 23.52
CA ILE B 396 -19.52 5.99 22.11
C ILE B 396 -19.69 4.49 21.98
N PHE B 397 -20.56 4.07 21.07
CA PHE B 397 -20.85 2.67 20.85
C PHE B 397 -20.69 2.34 19.37
N SER B 398 -20.29 1.10 19.09
CA SER B 398 -20.12 0.65 17.72
C SER B 398 -20.41 -0.83 17.65
N GLY B 399 -20.81 -1.27 16.47
CA GLY B 399 -21.09 -2.67 16.26
C GLY B 399 -21.79 -2.91 14.94
N PHE B 400 -21.72 -4.10 14.45
CA PHE B 400 -22.33 -4.60 13.27
C PHE B 400 -23.80 -4.81 13.46
N LYS B 401 -24.62 -4.43 12.48
CA LYS B 401 -26.04 -4.69 12.54
C LYS B 401 -26.29 -6.18 12.39
N ALA B 402 -26.86 -6.81 13.42
CA ALA B 402 -27.17 -8.23 13.36
C ALA B 402 -28.46 -8.42 12.56
N GLY B 403 -28.38 -9.24 11.53
CA GLY B 403 -29.51 -9.44 10.64
C GLY B 403 -30.73 -10.03 11.31
N SER B 404 -31.88 -9.41 11.07
CA SER B 404 -33.16 -9.92 11.57
C SER B 404 -34.19 -9.76 10.47
N VAL B 405 -34.88 -10.84 10.14
CA VAL B 405 -35.82 -10.86 9.02
C VAL B 405 -37.00 -11.76 9.36
N GLY B 406 -38.07 -11.61 8.59
CA GLY B 406 -39.25 -12.42 8.80
C GLY B 406 -39.06 -13.84 8.31
N TYR B 407 -39.92 -14.72 8.80
CA TYR B 407 -39.97 -16.09 8.32
C TYR B 407 -41.37 -16.62 8.49
N ASP B 408 -41.70 -17.66 7.73
CA ASP B 408 -43.02 -18.24 7.71
C ASP B 408 -43.09 -19.45 8.65
N SER B 409 -44.21 -19.57 9.36
CA SER B 409 -44.44 -20.70 10.26
C SER B 409 -45.86 -21.21 10.09
N SER B 410 -46.32 -21.32 8.85
CA SER B 410 -47.72 -21.68 8.59
C SER B 410 -48.00 -23.12 9.00
N SER B 411 -47.11 -24.04 8.66
CA SER B 411 -47.32 -25.46 8.90
C SER B 411 -48.63 -25.93 8.27
N SER B 412 -48.94 -25.40 7.09
CA SER B 412 -50.16 -25.75 6.37
C SER B 412 -51.39 -25.44 7.22
N SER B 417 -53.17 -27.85 1.65
CA SER B 417 -52.16 -26.98 1.04
C SER B 417 -51.44 -26.17 2.12
N SER B 418 -50.44 -25.40 1.71
CA SER B 418 -49.63 -24.61 2.63
C SER B 418 -49.14 -23.36 1.91
N SER B 419 -48.56 -22.45 2.70
CA SER B 419 -48.05 -21.21 2.13
C SER B 419 -46.90 -21.50 1.18
N SER B 420 -46.78 -20.74 0.13
CA SER B 420 -45.76 -20.82 -0.85
C SER B 420 -44.39 -20.64 -0.27
N THR B 421 -44.24 -19.80 0.70
CA THR B 421 -43.08 -19.41 1.42
C THR B 421 -42.87 -20.17 2.71
N LYS B 422 -43.57 -21.30 2.87
CA LYS B 422 -43.54 -22.03 4.12
C LYS B 422 -42.12 -22.45 4.49
N ASP B 423 -41.75 -22.38 5.73
CA ASP B 423 -40.52 -22.85 6.25
C ASP B 423 -39.34 -22.09 5.72
N GLN B 424 -39.51 -20.90 5.23
CA GLN B 424 -38.61 -20.08 4.52
C GLN B 424 -38.39 -18.74 5.15
N ALA B 425 -37.18 -18.27 5.26
CA ALA B 425 -36.80 -16.96 5.61
C ALA B 425 -37.17 -15.98 4.54
N LEU B 426 -37.60 -14.79 4.91
CA LEU B 426 -37.99 -13.76 3.95
C LEU B 426 -36.93 -12.66 4.01
N ALA B 427 -35.87 -12.84 3.24
CA ALA B 427 -34.76 -11.91 3.21
C ALA B 427 -34.30 -11.76 1.76
N TRP B 428 -33.62 -10.71 1.44
CA TRP B 428 -33.13 -10.35 0.18
C TRP B 428 -32.06 -9.30 0.21
N SER B 429 -31.04 -9.40 -0.58
CA SER B 429 -30.01 -8.47 -0.78
C SER B 429 -30.53 -7.19 -1.38
N THR B 430 -30.14 -6.05 -0.96
CA THR B 430 -30.53 -4.74 -1.31
C THR B 430 -29.43 -3.86 -1.83
N THR B 431 -28.52 -4.35 -2.60
CA THR B 431 -27.47 -3.66 -3.23
C THR B 431 -28.02 -2.60 -4.15
N THR B 432 -27.47 -1.44 -4.23
CA THR B 432 -27.82 -0.38 -5.10
C THR B 432 -27.59 -0.75 -6.54
N SER B 433 -28.45 -0.34 -7.47
CA SER B 433 -28.30 -0.67 -8.91
C SER B 433 -27.05 -0.05 -9.57
N LEU B 434 -26.72 -0.52 -10.78
CA LEU B 434 -25.53 -0.07 -11.53
C LEU B 434 -25.63 1.39 -12.00
N ASP B 435 -26.79 1.83 -12.48
CA ASP B 435 -26.95 3.21 -12.99
C ASP B 435 -27.32 4.28 -11.95
N SER B 436 -27.29 3.97 -10.65
CA SER B 436 -27.62 4.97 -9.63
C SER B 436 -26.67 6.18 -9.73
N LYS B 437 -27.15 7.39 -9.44
CA LYS B 437 -26.34 8.62 -9.52
C LYS B 437 -25.08 8.46 -8.67
N THR B 438 -23.93 8.89 -9.19
CA THR B 438 -22.67 8.81 -8.45
C THR B 438 -22.80 9.64 -7.18
N GLY B 439 -22.19 9.21 -6.07
CA GLY B 439 -22.22 9.76 -4.82
C GLY B 439 -22.77 8.96 -3.72
N TYR B 440 -22.25 8.98 -2.54
CA TYR B 440 -22.60 8.17 -1.44
C TYR B 440 -24.05 8.32 -1.07
N LYS B 441 -24.54 9.51 -0.94
CA LYS B 441 -25.87 9.84 -0.62
C LYS B 441 -26.84 9.22 -1.58
N ASP B 442 -26.64 9.42 -2.85
CA ASP B 442 -27.39 8.89 -3.92
C ASP B 442 -27.41 7.38 -3.91
N LEU B 443 -26.28 6.77 -3.75
CA LEU B 443 -26.08 5.37 -3.62
C LEU B 443 -26.97 4.79 -2.57
N VAL B 444 -26.88 5.26 -1.37
CA VAL B 444 -27.59 4.82 -0.23
C VAL B 444 -29.06 5.12 -0.27
N THR B 445 -29.48 6.14 -0.94
CA THR B 445 -30.81 6.57 -1.15
C THR B 445 -31.51 5.96 -2.33
N ASN B 446 -30.84 5.23 -3.16
CA ASN B 446 -31.34 4.53 -4.28
C ASN B 446 -32.44 3.59 -3.87
N ASP B 447 -33.58 3.59 -4.49
CA ASP B 447 -34.76 2.87 -4.23
C ASP B 447 -34.63 1.38 -4.42
N THR B 448 -33.56 0.88 -4.92
CA THR B 448 -33.28 -0.48 -5.21
C THR B 448 -33.51 -1.33 -4.00
N GLY B 449 -34.46 -2.20 -3.97
CA GLY B 449 -34.83 -2.97 -2.88
C GLY B 449 -35.38 -2.28 -1.69
N LEU B 450 -36.19 -1.29 -1.88
CA LEU B 450 -36.92 -0.58 -0.89
C LEU B 450 -37.73 -1.52 -0.03
N ASN B 451 -38.57 -2.31 -0.62
CA ASN B 451 -39.54 -3.17 -0.09
C ASN B 451 -39.34 -4.65 -0.30
N GLY B 452 -38.74 -5.08 -1.34
CA GLY B 452 -38.57 -6.38 -1.79
C GLY B 452 -37.37 -6.78 -2.52
N PRO B 453 -37.33 -7.98 -3.10
CA PRO B 453 -36.20 -8.46 -3.85
C PRO B 453 -36.16 -8.05 -5.30
N ILE B 454 -35.08 -7.55 -5.80
CA ILE B 454 -34.78 -7.24 -7.15
C ILE B 454 -33.50 -7.78 -7.70
N ASN B 455 -32.51 -8.15 -6.89
CA ASN B 455 -31.22 -8.62 -7.42
C ASN B 455 -31.25 -10.12 -7.82
N GLY B 456 -30.28 -10.52 -8.64
CA GLY B 456 -30.17 -11.88 -9.17
C GLY B 456 -28.98 -12.01 -10.11
N SER B 457 -29.14 -12.61 -11.30
CA SER B 457 -28.07 -12.72 -12.30
C SER B 457 -28.37 -11.90 -13.58
N PHE B 458 -27.37 -11.17 -14.09
CA PHE B 458 -27.50 -10.33 -15.29
C PHE B 458 -26.17 -10.31 -16.09
N SER B 459 -26.24 -9.92 -17.37
CA SER B 459 -25.09 -9.82 -18.28
C SER B 459 -24.85 -8.40 -18.78
N ILE B 460 -23.62 -7.91 -18.65
CA ILE B 460 -23.21 -6.57 -19.07
C ILE B 460 -21.99 -6.67 -19.98
N GLN B 461 -22.18 -6.41 -21.27
CA GLN B 461 -21.11 -6.46 -22.28
C GLN B 461 -20.32 -7.79 -22.22
N ASP B 462 -19.07 -7.75 -21.78
CA ASP B 462 -18.17 -8.91 -21.70
C ASP B 462 -17.99 -9.44 -20.25
N THR B 463 -18.88 -9.02 -19.35
CA THR B 463 -18.88 -9.38 -17.93
C THR B 463 -20.29 -9.52 -17.36
N PHE B 464 -20.39 -9.84 -16.07
CA PHE B 464 -21.65 -10.01 -15.36
C PHE B 464 -21.76 -9.10 -14.14
N SER B 465 -22.99 -8.67 -13.84
CA SER B 465 -23.30 -7.83 -12.68
C SER B 465 -24.44 -8.46 -11.89
N PHE B 466 -24.19 -9.13 -10.76
CA PHE B 466 -25.28 -9.72 -9.95
C PHE B 466 -26.28 -8.63 -9.47
N VAL B 467 -25.83 -7.39 -9.29
CA VAL B 467 -26.62 -6.26 -9.00
C VAL B 467 -27.59 -6.01 -10.11
N VAL B 468 -28.83 -5.62 -9.85
CA VAL B 468 -29.75 -5.29 -10.94
C VAL B 468 -29.23 -4.05 -11.71
N PRO B 469 -29.07 -4.10 -13.04
CA PRO B 469 -28.53 -2.96 -13.79
C PRO B 469 -29.36 -1.69 -13.76
N TYR B 470 -30.65 -1.77 -13.39
CA TYR B 470 -31.56 -0.63 -13.50
C TYR B 470 -32.23 -0.31 -12.15
N SER B 471 -32.70 0.92 -11.99
CA SER B 471 -33.48 1.35 -10.83
C SER B 471 -34.35 2.53 -11.26
N GLY B 472 -35.36 2.85 -10.46
CA GLY B 472 -36.28 3.82 -10.76
C GLY B 472 -37.13 3.53 -11.93
N ASN B 473 -36.95 4.15 -13.04
CA ASN B 473 -37.64 4.01 -14.26
C ASN B 473 -36.75 3.84 -15.47
N HIS B 474 -35.70 2.99 -15.43
CA HIS B 474 -34.74 2.75 -16.56
C HIS B 474 -34.86 1.34 -17.18
N THR B 475 -34.85 1.23 -18.53
CA THR B 475 -35.03 -0.05 -19.28
C THR B 475 -34.31 -0.20 -20.64
N ASN B 476 -34.34 -1.42 -21.22
CA ASN B 476 -33.79 -1.79 -22.54
C ASN B 476 -34.44 -1.10 -23.77
N ASN B 477 -35.49 -0.29 -23.59
CA ASN B 477 -36.17 0.44 -24.67
C ASN B 477 -36.43 1.92 -24.30
N GLY B 478 -35.94 2.41 -23.15
CA GLY B 478 -36.19 3.78 -22.70
C GLY B 478 -36.57 3.83 -21.20
N THR B 479 -37.61 4.62 -20.91
CA THR B 479 -38.37 4.78 -19.74
C THR B 479 -39.71 4.12 -19.84
N THR B 480 -40.10 3.24 -18.98
CA THR B 480 -41.30 2.52 -18.89
C THR B 480 -42.11 2.69 -17.63
N GLY B 481 -41.69 3.45 -16.69
CA GLY B 481 -42.22 3.66 -15.44
C GLY B 481 -41.47 3.22 -14.26
N PRO B 482 -41.82 3.65 -13.06
CA PRO B 482 -41.07 3.28 -11.88
C PRO B 482 -40.97 1.79 -11.68
N ILE B 483 -39.89 1.26 -11.12
CA ILE B 483 -39.66 -0.13 -10.78
C ILE B 483 -40.17 -0.22 -9.36
N LYS B 484 -41.11 -1.12 -9.16
CA LYS B 484 -41.75 -1.46 -7.95
C LYS B 484 -41.20 -2.73 -7.35
N THR B 485 -41.15 -2.85 -6.07
CA THR B 485 -40.80 -3.96 -5.27
C THR B 485 -41.74 -4.16 -4.12
N ALA B 486 -42.05 -5.35 -3.73
CA ALA B 486 -42.97 -5.76 -2.74
C ALA B 486 -42.46 -6.87 -1.87
N TYR B 487 -42.97 -6.96 -0.65
CA TYR B 487 -42.56 -8.03 0.24
C TYR B 487 -42.96 -9.38 -0.36
N PRO B 488 -42.07 -10.37 -0.36
CA PRO B 488 -42.41 -11.67 -0.93
C PRO B 488 -43.46 -12.44 -0.19
N VAL B 489 -44.72 -12.03 -0.26
CA VAL B 489 -45.82 -12.73 0.37
C VAL B 489 -47.07 -12.52 -0.47
N LYS B 490 -47.70 -13.53 -0.96
CA LYS B 490 -48.87 -13.52 -1.73
C LYS B 490 -50.01 -12.85 -1.01
N LYS B 491 -50.73 -11.96 -1.69
CA LYS B 491 -51.79 -11.20 -1.01
C LYS B 491 -53.03 -12.04 -0.77
N ASP B 492 -53.38 -12.92 -1.70
CA ASP B 492 -54.58 -13.73 -1.52
C ASP B 492 -54.54 -14.51 -0.21
N GLN B 493 -53.41 -14.87 0.29
CA GLN B 493 -53.10 -15.47 1.53
C GLN B 493 -52.65 -14.50 2.60
N LYS B 494 -53.07 -13.24 2.50
CA LYS B 494 -52.67 -12.25 3.50
C LYS B 494 -53.11 -12.65 4.89
N SER B 495 -54.28 -13.29 5.00
CA SER B 495 -54.81 -13.70 6.29
C SER B 495 -54.39 -15.10 6.70
N THR B 496 -53.71 -15.85 5.82
CA THR B 496 -53.35 -17.23 6.10
C THR B 496 -51.84 -17.45 6.10
N VAL B 497 -51.04 -16.40 6.17
CA VAL B 497 -49.59 -16.50 6.22
C VAL B 497 -49.11 -16.02 7.59
N LYS B 498 -48.43 -16.90 8.30
CA LYS B 498 -47.95 -16.62 9.65
C LYS B 498 -46.48 -16.23 9.55
N ILE B 499 -46.21 -14.93 9.67
CA ILE B 499 -44.87 -14.38 9.51
C ILE B 499 -44.35 -13.97 10.88
N ASN B 500 -43.12 -14.38 11.19
CA ASN B 500 -42.49 -14.05 12.47
C ASN B 500 -41.02 -13.75 12.22
N SER B 501 -40.41 -13.07 13.18
CA SER B 501 -39.04 -12.59 13.04
C SER B 501 -38.04 -13.64 13.52
N LEU B 502 -36.79 -13.44 13.08
CA LEU B 502 -35.66 -14.23 13.57
C LEU B 502 -34.48 -13.29 13.76
N ILE B 503 -33.47 -13.76 14.49
CA ILE B 503 -32.25 -13.01 14.72
C ILE B 503 -31.09 -13.86 14.23
N ASN B 504 -30.27 -13.29 13.36
CA ASN B 504 -29.09 -13.96 12.84
C ASN B 504 -27.93 -13.84 13.83
N ALA B 505 -27.01 -14.78 13.73
CA ALA B 505 -25.80 -14.76 14.53
C ALA B 505 -24.69 -13.95 13.89
N THR B 506 -24.94 -13.35 12.73
CA THR B 506 -23.93 -12.63 11.98
C THR B 506 -24.60 -11.50 11.22
N PRO B 507 -23.81 -10.54 10.72
CA PRO B 507 -24.41 -9.42 9.98
C PRO B 507 -25.11 -9.83 8.71
N LEU B 508 -24.91 -11.05 8.22
CA LEU B 508 -25.45 -11.48 6.94
C LEU B 508 -26.97 -11.57 7.05
N ASN B 509 -27.66 -10.54 6.55
CA ASN B 509 -29.12 -10.51 6.65
C ASN B 509 -29.75 -11.63 5.83
N SER B 510 -29.37 -11.84 4.62
CA SER B 510 -29.80 -12.80 3.67
C SER B 510 -28.80 -13.90 3.48
N TYR B 511 -29.07 -15.11 3.83
CA TYR B 511 -28.27 -16.28 3.78
C TYR B 511 -28.38 -17.04 2.49
N GLY B 512 -29.09 -16.60 1.52
CA GLY B 512 -29.28 -17.22 0.31
C GLY B 512 -28.05 -17.64 -0.38
N ASP B 513 -27.95 -18.93 -0.73
CA ASP B 513 -26.78 -19.49 -1.39
C ASP B 513 -26.71 -19.03 -2.86
N GLU B 514 -26.45 -17.74 -3.08
CA GLU B 514 -26.53 -17.08 -4.32
C GLU B 514 -25.47 -16.05 -4.58
N GLY B 515 -25.23 -15.69 -5.80
CA GLY B 515 -24.26 -14.79 -6.18
C GLY B 515 -24.34 -13.44 -5.61
N ILE B 516 -25.49 -12.85 -5.61
CA ILE B 516 -25.77 -11.59 -5.03
C ILE B 516 -25.40 -11.58 -3.57
N GLY B 517 -25.76 -12.59 -2.85
CA GLY B 517 -25.41 -12.76 -1.53
C GLY B 517 -23.97 -12.77 -1.24
N VAL B 518 -23.21 -13.55 -1.94
CA VAL B 518 -21.81 -13.66 -1.85
C VAL B 518 -21.15 -12.33 -2.12
N PHE B 519 -21.55 -11.65 -3.15
CA PHE B 519 -21.07 -10.40 -3.57
C PHE B 519 -21.26 -9.34 -2.51
N ASP B 520 -22.41 -9.25 -1.94
CA ASP B 520 -22.76 -8.41 -0.86
C ASP B 520 -21.87 -8.65 0.33
N ALA B 521 -21.67 -9.88 0.70
CA ALA B 521 -20.85 -10.32 1.75
C ALA B 521 -19.43 -9.84 1.59
N LEU B 522 -18.87 -10.02 0.46
CA LEU B 522 -17.51 -9.81 0.08
C LEU B 522 -17.19 -8.43 -0.42
N GLY B 523 -18.13 -7.56 -0.58
CA GLY B 523 -17.94 -6.29 -1.10
C GLY B 523 -17.40 -6.18 -2.46
N LEU B 524 -17.99 -6.84 -3.41
CA LEU B 524 -17.65 -6.99 -4.77
C LEU B 524 -18.45 -6.19 -5.76
N ASN B 525 -19.61 -5.73 -5.43
CA ASN B 525 -20.54 -5.02 -6.22
C ASN B 525 -19.97 -3.68 -6.63
N TYR B 526 -19.83 -3.35 -7.92
CA TYR B 526 -19.28 -2.08 -8.43
C TYR B 526 -20.06 -1.57 -9.65
N ASN B 527 -20.14 -0.24 -9.83
CA ASN B 527 -20.80 0.38 -10.98
C ASN B 527 -19.81 0.53 -12.15
N PHE B 528 -20.32 0.59 -13.38
CA PHE B 528 -19.52 0.67 -14.61
C PHE B 528 -19.25 2.11 -15.12
N LYS B 529 -19.70 3.14 -14.42
CA LYS B 529 -19.56 4.56 -14.84
C LYS B 529 -18.08 5.03 -14.87
N SER B 530 -17.85 6.29 -15.27
CA SER B 530 -16.49 6.86 -15.36
C SER B 530 -15.72 6.78 -14.04
N ASN B 531 -16.38 7.19 -12.95
CA ASN B 531 -15.88 7.13 -11.60
C ASN B 531 -16.56 5.94 -10.88
N GLN B 532 -15.84 4.83 -10.80
CA GLN B 532 -16.36 3.60 -10.17
C GLN B 532 -16.62 3.81 -8.67
N GLU B 533 -17.62 3.13 -8.12
CA GLU B 533 -18.05 3.16 -6.78
C GLU B 533 -18.51 1.83 -6.28
N ARG B 534 -18.25 1.52 -5.01
CA ARG B 534 -18.76 0.29 -4.37
C ARG B 534 -20.22 0.56 -4.01
N LEU B 535 -21.12 -0.34 -4.38
CA LEU B 535 -22.51 -0.29 -4.21
C LEU B 535 -22.88 -0.66 -2.80
N PRO B 536 -23.33 0.25 -1.94
CA PRO B 536 -23.58 -0.07 -0.55
C PRO B 536 -24.78 -0.94 -0.33
N SER B 537 -24.66 -2.14 0.12
CA SER B 537 -25.68 -3.03 0.53
C SER B 537 -26.34 -2.49 1.76
N ARG B 538 -27.40 -1.75 1.68
CA ARG B 538 -28.03 -1.01 2.69
C ARG B 538 -28.59 -1.83 3.82
N THR B 539 -28.59 -3.16 3.68
CA THR B 539 -29.18 -4.03 4.69
C THR B 539 -28.36 -5.28 4.99
N ASP B 540 -27.13 -5.37 4.50
CA ASP B 540 -26.26 -6.49 4.80
C ASP B 540 -24.88 -5.97 5.16
N GLN B 541 -24.24 -6.53 6.13
CA GLN B 541 -22.96 -6.17 6.59
C GLN B 541 -22.92 -4.76 7.12
N ILE B 542 -24.07 -4.22 7.48
CA ILE B 542 -24.15 -2.82 7.89
C ILE B 542 -23.40 -2.65 9.20
N PHE B 543 -22.56 -1.67 9.33
CA PHE B 543 -21.78 -1.25 10.42
C PHE B 543 -22.42 -0.11 11.16
N VAL B 544 -22.77 -0.28 12.44
CA VAL B 544 -23.47 0.74 13.22
C VAL B 544 -22.49 1.34 14.22
N TYR B 545 -22.43 2.67 14.26
CA TYR B 545 -21.58 3.37 15.22
C TYR B 545 -22.19 4.73 15.50
N GLY B 546 -21.75 5.33 16.60
CA GLY B 546 -22.23 6.65 16.95
C GLY B 546 -21.79 7.04 18.34
N ILE B 547 -22.21 8.24 18.72
CA ILE B 547 -21.94 8.80 20.04
C ILE B 547 -23.27 9.17 20.68
N VAL B 548 -23.50 8.70 21.90
CA VAL B 548 -24.77 8.88 22.59
C VAL B 548 -24.55 9.82 23.76
N SER B 549 -25.43 10.82 23.90
CA SER B 549 -25.28 11.90 24.86
C SER B 549 -26.08 11.64 26.13
N PRO B 550 -25.76 12.33 27.22
CA PRO B 550 -26.44 12.07 28.49
C PRO B 550 -27.95 12.25 28.43
N ASN B 551 -28.45 13.25 27.70
CA ASN B 551 -29.89 13.47 27.65
C ASN B 551 -30.60 12.27 27.05
N GLU B 552 -30.12 11.79 25.91
CA GLU B 552 -30.73 10.62 25.29
C GLU B 552 -30.44 9.36 26.07
N LEU B 553 -29.36 9.30 26.84
CA LEU B 553 -29.17 8.18 27.76
C LEU B 553 -30.25 8.19 28.84
N ARG B 554 -30.59 9.37 29.36
CA ARG B 554 -31.69 9.47 30.31
C ARG B 554 -32.99 9.05 29.67
N SER B 555 -33.20 9.42 28.41
CA SER B 555 -34.39 8.97 27.69
C SER B 555 -34.41 7.45 27.57
N ALA B 556 -33.25 6.84 27.32
CA ALA B 556 -33.18 5.38 27.28
C ALA B 556 -33.53 4.78 28.63
N LYS B 557 -33.01 5.35 29.71
CA LYS B 557 -33.32 4.85 31.04
C LYS B 557 -34.82 4.94 31.30
N SER B 558 -35.44 6.04 30.87
CA SER B 558 -36.88 6.18 31.00
C SER B 558 -37.60 5.10 30.22
N SER B 559 -37.12 4.80 29.00
CA SER B 559 -37.72 3.72 28.22
C SER B 559 -37.63 2.40 28.97
N ALA B 560 -36.47 2.13 29.58
CA ALA B 560 -36.34 0.91 30.38
C ALA B 560 -37.35 0.89 31.51
N ASP B 561 -37.53 2.04 32.17
CA ASP B 561 -38.50 2.13 33.26
C ASP B 561 -39.93 1.94 32.77
N SER B 562 -40.21 2.26 31.51
CA SER B 562 -41.58 2.22 31.02
C SER B 562 -42.23 0.88 31.30
N THR B 563 -43.44 0.92 31.85
CA THR B 563 -44.22 -0.26 32.16
C THR B 563 -45.49 -0.25 31.33
N GLY B 564 -45.84 -1.41 30.78
CA GLY B 564 -47.01 -1.50 29.92
C GLY B 564 -46.70 -1.01 28.52
N SER B 565 -47.18 0.19 28.20
CA SER B 565 -46.87 0.78 26.90
C SER B 565 -45.37 0.91 26.73
N ASP B 566 -44.87 0.49 25.56
CA ASP B 566 -43.45 0.54 25.27
C ASP B 566 -43.10 1.88 24.65
N THR B 567 -42.03 2.51 25.16
CA THR B 567 -41.60 3.82 24.71
C THR B 567 -40.22 3.71 24.05
N LYS B 568 -40.04 4.50 22.99
CA LYS B 568 -38.87 4.40 22.13
C LYS B 568 -37.78 5.37 22.59
N VAL B 569 -36.56 5.10 22.12
CA VAL B 569 -35.39 5.91 22.41
C VAL B 569 -34.84 6.43 21.09
N ASN B 570 -34.50 7.71 21.06
CA ASN B 570 -33.97 8.36 19.87
C ASN B 570 -32.48 8.61 20.06
N TRP B 571 -31.67 8.04 19.18
CA TRP B 571 -30.23 8.24 19.17
C TRP B 571 -29.87 8.99 17.89
N SER B 572 -29.69 10.30 18.01
CA SER B 572 -29.48 11.14 16.83
C SER B 572 -28.06 11.04 16.29
N ASN B 573 -27.06 11.12 17.17
CA ASN B 573 -25.66 11.15 16.74
C ASN B 573 -25.15 9.73 16.50
N THR B 574 -25.70 9.10 15.45
CA THR B 574 -25.30 7.78 15.04
C THR B 574 -25.26 7.71 13.52
N GLN B 575 -24.57 6.70 13.01
CA GLN B 575 -24.37 6.54 11.58
C GLN B 575 -24.19 5.06 11.28
N SER B 576 -24.42 4.70 10.01
CA SER B 576 -24.24 3.34 9.56
C SER B 576 -23.53 3.34 8.22
N ARG B 577 -22.62 2.45 7.99
CA ARG B 577 -21.81 2.27 6.85
C ARG B 577 -21.65 0.84 6.43
N TYR B 578 -21.92 0.47 5.23
CA TYR B 578 -21.70 -0.78 4.61
C TYR B 578 -20.24 -1.15 4.72
N LEU B 579 -19.83 -2.10 5.48
CA LEU B 579 -18.52 -2.51 5.85
C LEU B 579 -18.28 -3.96 5.57
N PRO B 580 -18.24 -4.41 4.33
CA PRO B 580 -18.10 -5.81 4.01
C PRO B 580 -16.76 -6.41 4.39
N VAL B 581 -16.66 -7.69 4.53
CA VAL B 581 -15.45 -8.41 4.68
C VAL B 581 -14.56 -8.13 3.51
N PRO B 582 -13.24 -7.94 3.64
CA PRO B 582 -12.40 -7.76 2.46
C PRO B 582 -12.46 -8.99 1.55
N TYR B 583 -12.55 -8.76 0.25
CA TYR B 583 -12.59 -9.80 -0.78
C TYR B 583 -11.34 -10.69 -0.82
N ASN B 584 -10.20 -10.17 -0.32
CA ASN B 584 -8.93 -10.89 -0.28
C ASN B 584 -8.94 -12.12 0.65
N TYR B 585 -9.94 -12.26 1.54
CA TYR B 585 -10.05 -13.40 2.46
C TYR B 585 -10.74 -14.65 1.89
N SER B 586 -11.25 -14.59 0.66
CA SER B 586 -11.90 -15.61 -0.07
C SER B 586 -11.09 -16.09 -1.24
N GLU B 587 -10.77 -17.39 -1.35
CA GLU B 587 -9.99 -17.95 -2.47
C GLU B 587 -10.73 -17.75 -3.81
N GLY B 588 -9.97 -17.35 -4.84
CA GLY B 588 -10.46 -17.14 -6.21
C GLY B 588 -10.61 -15.67 -6.54
N ILE B 589 -11.12 -14.89 -5.59
CA ILE B 589 -11.31 -13.45 -5.76
C ILE B 589 -9.96 -12.76 -5.50
N ILE B 590 -9.38 -12.23 -6.57
CA ILE B 590 -8.09 -11.54 -6.57
C ILE B 590 -8.17 -10.03 -6.34
N ASP B 591 -9.18 -9.36 -6.89
CA ASP B 591 -9.41 -7.91 -6.83
C ASP B 591 -10.91 -7.58 -6.93
N ALA B 592 -11.28 -6.35 -6.59
CA ALA B 592 -12.64 -5.87 -6.69
C ALA B 592 -12.70 -4.67 -7.65
N ASP B 593 -13.50 -4.79 -8.71
CA ASP B 593 -13.67 -3.79 -9.77
C ASP B 593 -15.00 -4.05 -10.49
N GLY B 594 -15.51 -3.10 -11.28
CA GLY B 594 -16.73 -3.27 -12.06
C GLY B 594 -16.63 -4.46 -13.01
N PHE B 595 -15.48 -4.60 -13.68
CA PHE B 595 -15.27 -5.74 -14.56
C PHE B 595 -14.97 -7.00 -13.74
N LYS B 596 -15.84 -8.02 -13.83
CA LYS B 596 -15.67 -9.32 -13.15
C LYS B 596 -15.09 -10.33 -14.13
N ARG B 597 -14.03 -11.03 -13.71
CA ARG B 597 -13.42 -12.09 -14.54
C ARG B 597 -14.45 -13.21 -14.76
N PRO B 598 -14.52 -13.82 -15.95
CA PRO B 598 -15.53 -14.86 -16.24
C PRO B 598 -15.57 -16.05 -15.27
N GLU B 599 -14.43 -16.51 -14.74
CA GLU B 599 -14.41 -17.62 -13.79
C GLU B 599 -15.16 -17.30 -12.49
N ASN B 600 -15.40 -16.01 -12.19
CA ASN B 600 -16.12 -15.61 -10.99
C ASN B 600 -17.61 -16.02 -11.07
N ARG B 601 -18.13 -16.31 -12.28
CA ARG B 601 -19.50 -16.80 -12.49
C ARG B 601 -19.64 -18.27 -12.12
N GLY B 602 -18.54 -19.02 -12.02
CA GLY B 602 -18.60 -20.43 -11.64
C GLY B 602 -19.29 -20.65 -10.29
N ALA B 603 -19.90 -21.82 -10.08
CA ALA B 603 -20.60 -22.13 -8.83
C ALA B 603 -19.68 -22.14 -7.60
N SER B 604 -18.38 -22.33 -7.82
CA SER B 604 -17.32 -22.38 -6.79
C SER B 604 -17.08 -21.01 -6.14
N VAL B 605 -17.57 -19.91 -6.73
CA VAL B 605 -17.46 -18.56 -6.15
C VAL B 605 -18.81 -17.86 -6.09
N THR B 606 -19.79 -18.28 -6.91
CA THR B 606 -21.15 -17.73 -6.90
C THR B 606 -21.89 -18.04 -5.60
N THR B 607 -21.72 -19.23 -5.04
CA THR B 607 -22.48 -19.64 -3.86
C THR B 607 -21.66 -19.61 -2.57
N PHE B 608 -22.29 -19.30 -1.42
CA PHE B 608 -21.78 -19.45 -0.12
C PHE B 608 -21.19 -20.82 0.08
N SER B 609 -21.97 -21.87 -0.24
CA SER B 609 -21.59 -23.28 -0.07
C SER B 609 -20.36 -23.62 -0.90
N GLY B 610 -20.26 -23.11 -2.14
CA GLY B 610 -19.11 -23.32 -2.99
C GLY B 610 -17.89 -22.48 -2.60
N LEU B 611 -18.06 -21.35 -1.88
CA LEU B 611 -17.06 -20.48 -1.43
C LEU B 611 -16.04 -21.20 -0.59
N LYS B 612 -14.76 -20.85 -0.71
CA LYS B 612 -13.66 -21.42 0.09
C LYS B 612 -12.96 -20.29 0.84
N SER B 613 -12.74 -20.48 2.14
CA SER B 613 -12.14 -19.47 3.01
C SER B 613 -10.65 -19.68 3.22
N ILE B 614 -9.90 -18.59 3.08
CA ILE B 614 -8.45 -18.53 3.33
C ILE B 614 -8.18 -17.55 4.46
N ALA B 615 -9.15 -17.38 5.37
CA ALA B 615 -9.09 -16.46 6.49
C ALA B 615 -7.96 -16.84 7.48
N PRO B 616 -6.94 -15.98 7.67
CA PRO B 616 -5.83 -16.20 8.58
C PRO B 616 -6.02 -15.54 9.97
N ASP B 617 -7.10 -14.78 10.18
CA ASP B 617 -7.42 -14.05 11.42
C ASP B 617 -8.16 -14.91 12.46
N GLY B 618 -7.96 -16.22 12.40
CA GLY B 618 -8.52 -17.23 13.29
C GLY B 618 -9.96 -17.69 12.97
N PHE B 619 -10.73 -16.95 12.21
CA PHE B 619 -12.00 -17.28 11.70
C PHE B 619 -11.92 -18.39 10.69
N ALA B 620 -12.81 -19.32 10.67
CA ALA B 620 -13.00 -20.35 9.74
C ALA B 620 -13.81 -19.97 8.53
N ASN B 621 -14.47 -18.87 8.53
CA ASN B 621 -15.28 -18.28 7.52
C ASN B 621 -14.67 -17.03 6.93
N SER B 622 -15.05 -16.63 5.76
CA SER B 622 -14.66 -15.48 5.04
C SER B 622 -15.81 -14.68 4.47
N ILE B 623 -16.97 -14.69 5.04
CA ILE B 623 -18.18 -14.08 4.68
C ILE B 623 -18.74 -13.11 5.69
N ALA B 624 -18.90 -13.51 6.90
CA ALA B 624 -19.45 -12.83 8.01
C ALA B 624 -18.41 -11.97 8.69
N ASN B 625 -18.50 -10.68 8.68
CA ASN B 625 -17.67 -9.76 9.33
C ASN B 625 -17.88 -9.78 10.83
N PHE B 626 -17.02 -9.23 11.60
CA PHE B 626 -16.94 -9.26 13.01
C PHE B 626 -16.04 -8.20 13.59
N SER B 627 -16.44 -7.43 14.53
CA SER B 627 -15.82 -6.29 15.12
C SER B 627 -15.64 -6.42 16.60
N VAL B 628 -14.60 -5.95 17.20
CA VAL B 628 -14.26 -6.00 18.57
C VAL B 628 -13.26 -4.95 18.99
N GLY B 629 -13.46 -4.35 20.15
CA GLY B 629 -12.45 -3.48 20.74
C GLY B 629 -12.59 -2.00 20.43
N LEU B 630 -13.77 -1.44 20.66
CA LEU B 630 -13.94 0.00 20.55
C LEU B 630 -13.38 0.66 21.79
N LYS B 631 -12.56 1.70 21.59
CA LYS B 631 -11.95 2.41 22.73
C LYS B 631 -11.75 3.85 22.31
N ALA B 632 -12.68 4.71 22.73
CA ALA B 632 -12.56 6.14 22.46
C ALA B 632 -11.37 6.72 23.21
N GLY B 633 -10.80 7.78 22.65
CA GLY B 633 -9.63 8.41 23.24
C GLY B 633 -9.54 9.87 22.85
N ILE B 634 -8.88 10.64 23.71
CA ILE B 634 -8.71 12.07 23.50
C ILE B 634 -7.41 12.30 22.73
N ASP B 635 -7.44 12.98 21.65
CA ASP B 635 -6.33 13.36 20.86
C ASP B 635 -5.41 14.24 21.65
N PRO B 636 -4.16 13.86 21.95
CA PRO B 636 -3.32 14.70 22.82
C PRO B 636 -2.70 15.90 22.13
N ASN B 637 -2.71 16.01 20.85
CA ASN B 637 -2.09 17.03 20.09
C ASN B 637 -2.72 18.38 20.37
N PRO B 638 -1.96 19.47 20.31
CA PRO B 638 -2.56 20.79 20.54
C PRO B 638 -3.64 21.10 19.53
N VAL B 639 -4.61 21.88 19.91
CA VAL B 639 -5.73 22.36 19.20
C VAL B 639 -5.85 23.86 19.28
N MET B 640 -6.54 24.49 18.39
CA MET B 640 -6.83 25.87 18.36
C MET B 640 -7.46 26.33 19.64
N SER B 641 -7.03 27.46 20.19
CA SER B 641 -7.67 28.00 21.38
C SER B 641 -9.14 28.28 21.09
N GLY B 642 -9.99 27.94 22.05
CA GLY B 642 -11.43 28.05 21.88
C GLY B 642 -12.07 26.83 21.25
N LYS B 643 -11.37 25.82 20.86
CA LYS B 643 -11.75 24.59 20.29
C LYS B 643 -11.42 23.43 21.19
N LYS B 644 -12.40 22.59 21.52
CA LYS B 644 -12.13 21.46 22.41
C LYS B 644 -11.22 20.45 21.71
N ALA B 645 -10.39 19.79 22.52
CA ALA B 645 -9.44 18.82 21.98
C ALA B 645 -10.18 17.69 21.27
N ASN B 646 -9.67 17.20 20.19
CA ASN B 646 -10.16 16.15 19.40
C ASN B 646 -10.18 14.85 20.15
N TYR B 647 -11.24 14.05 20.00
CA TYR B 647 -11.26 12.69 20.52
C TYR B 647 -11.84 11.77 19.46
N GLY B 648 -11.03 10.84 18.98
CA GLY B 648 -11.47 9.88 18.00
C GLY B 648 -11.38 8.47 18.56
N ALA B 649 -12.30 7.62 18.10
CA ALA B 649 -12.42 6.25 18.58
C ALA B 649 -12.06 5.30 17.45
N VAL B 650 -11.34 4.26 17.70
CA VAL B 650 -10.88 3.23 16.86
C VAL B 650 -11.51 1.90 17.20
N VAL B 651 -12.07 1.18 16.30
CA VAL B 651 -12.70 -0.07 16.37
C VAL B 651 -12.12 -1.05 15.39
N LEU B 652 -11.71 -2.21 15.77
CA LEU B 652 -11.18 -3.27 14.98
C LEU B 652 -12.26 -4.01 14.24
N THR B 653 -12.05 -4.44 13.05
CA THR B 653 -12.82 -5.25 12.21
C THR B 653 -11.99 -6.30 11.50
N ARG B 654 -12.55 -7.08 10.66
CA ARG B 654 -11.92 -8.03 9.83
C ARG B 654 -11.15 -7.37 8.72
N GLY B 655 -9.83 -7.45 8.74
CA GLY B 655 -8.97 -6.95 7.66
C GLY B 655 -8.71 -5.45 7.61
N GLY B 656 -9.10 -4.70 8.64
CA GLY B 656 -8.84 -3.35 8.83
C GLY B 656 -9.36 -2.70 10.04
N VAL B 657 -8.83 -1.59 10.43
CA VAL B 657 -9.23 -0.73 11.46
C VAL B 657 -10.28 0.24 10.99
N VAL B 658 -11.06 0.81 11.84
CA VAL B 658 -12.03 1.81 11.68
C VAL B 658 -11.88 2.91 12.69
N ARG B 659 -11.70 4.13 12.33
CA ARG B 659 -11.66 5.30 13.12
C ARG B 659 -12.96 6.06 13.02
N LEU B 660 -13.59 6.42 14.09
CA LEU B 660 -14.74 7.23 14.23
C LEU B 660 -14.36 8.64 14.55
N ASN B 661 -14.60 9.61 13.73
CA ASN B 661 -14.30 10.97 13.82
C ASN B 661 -15.44 11.75 14.43
N PHE B 662 -15.15 12.60 15.42
CA PHE B 662 -16.18 13.37 16.10
C PHE B 662 -15.79 14.83 16.13
N ASN B 663 -16.74 15.71 16.20
CA ASN B 663 -16.69 17.12 16.30
C ASN B 663 -16.74 17.54 17.73
N PRO B 664 -15.64 17.67 18.47
CA PRO B 664 -15.75 18.00 19.90
C PRO B 664 -16.41 19.34 20.16
N GLY B 665 -16.43 20.25 19.18
CA GLY B 665 -17.13 21.50 19.37
C GLY B 665 -18.60 21.28 19.69
N ASN B 666 -19.22 20.31 19.02
CA ASN B 666 -20.59 19.93 19.30
C ASN B 666 -20.69 18.56 19.94
N ASP B 667 -19.57 17.86 20.13
CA ASP B 667 -19.56 16.50 20.67
C ASP B 667 -20.46 15.59 19.84
N SER B 668 -20.37 15.72 18.52
CA SER B 668 -21.16 14.94 17.58
C SER B 668 -20.26 14.41 16.49
N LEU B 669 -20.83 13.58 15.61
CA LEU B 669 -20.07 12.99 14.53
C LEU B 669 -19.51 14.07 13.61
N LEU B 670 -18.32 13.92 13.14
CA LEU B 670 -17.69 14.70 12.14
C LEU B 670 -18.48 14.65 10.86
N SER B 671 -18.79 15.79 10.26
CA SER B 671 -19.60 15.82 9.05
C SER B 671 -19.12 16.95 8.15
N THR B 672 -19.31 16.75 6.85
CA THR B 672 -18.99 17.75 5.83
C THR B 672 -20.24 18.06 5.02
N THR B 673 -20.24 19.26 4.42
CA THR B 673 -21.44 19.72 3.72
C THR B 673 -21.70 18.98 2.43
N ASP B 674 -20.66 18.58 1.70
CA ASP B 674 -20.83 17.99 0.38
C ASP B 674 -21.31 16.55 0.53
N ASN B 675 -22.49 16.24 0.09
CA ASN B 675 -23.12 14.97 0.17
C ASN B 675 -22.31 13.90 -0.49
N ASN B 676 -21.84 14.12 -1.68
CA ASN B 676 -21.13 13.22 -2.50
C ASN B 676 -20.04 12.51 -1.73
N ILE B 677 -19.29 13.22 -0.96
CA ILE B 677 -18.28 12.75 -0.10
C ILE B 677 -18.86 11.74 0.85
N ALA B 678 -18.24 10.65 1.12
CA ALA B 678 -18.60 9.70 2.09
C ALA B 678 -18.68 10.34 3.44
N PRO B 679 -19.60 9.94 4.32
CA PRO B 679 -19.61 10.48 5.66
C PRO B 679 -18.26 10.57 6.29
N ILE B 680 -17.77 11.71 6.64
CA ILE B 680 -16.49 11.97 7.19
C ILE B 680 -16.25 11.20 8.46
N SER B 681 -17.25 10.85 9.19
CA SER B 681 -17.21 10.16 10.43
C SER B 681 -16.56 8.81 10.34
N PHE B 682 -16.47 8.22 9.20
CA PHE B 682 -16.03 6.92 8.86
C PHE B 682 -14.71 6.92 8.14
N SER B 683 -13.81 6.02 8.40
CA SER B 683 -12.57 5.84 7.76
C SER B 683 -12.02 4.45 7.94
N PHE B 684 -12.01 3.62 6.90
CA PHE B 684 -11.51 2.24 6.98
C PHE B 684 -10.11 2.12 6.36
N THR B 685 -9.14 1.69 7.17
CA THR B 685 -7.75 1.45 6.74
C THR B 685 -7.46 -0.05 6.78
N PRO B 686 -7.20 -0.69 5.64
CA PRO B 686 -6.92 -2.13 5.60
C PRO B 686 -5.65 -2.54 6.35
N PHE B 687 -5.61 -3.82 6.70
CA PHE B 687 -4.49 -4.48 7.36
C PHE B 687 -3.47 -5.01 6.34
N THR B 688 -2.39 -5.63 6.84
CA THR B 688 -1.36 -6.30 6.03
C THR B 688 -1.24 -7.75 6.58
N ALA B 689 -0.24 -8.53 6.14
CA ALA B 689 -0.09 -9.91 6.62
C ALA B 689 0.09 -9.97 8.15
N ALA B 690 0.90 -9.07 8.72
CA ALA B 690 1.14 -9.06 10.15
C ALA B 690 -0.14 -8.76 10.96
N GLU B 691 -0.98 -7.80 10.55
CA GLU B 691 -2.21 -7.51 11.29
C GLU B 691 -3.30 -8.57 11.04
N SER B 692 -3.47 -9.04 9.80
CA SER B 692 -4.46 -10.07 9.48
C SER B 692 -4.15 -11.39 10.20
N ALA B 693 -2.88 -11.72 10.41
CA ALA B 693 -2.48 -12.92 11.13
C ALA B 693 -2.95 -12.95 12.61
N VAL B 694 -3.25 -11.79 13.21
CA VAL B 694 -3.63 -11.61 14.56
C VAL B 694 -5.05 -12.08 14.76
N ASP B 695 -5.32 -13.15 15.40
CA ASP B 695 -6.59 -13.68 15.70
C ASP B 695 -7.46 -12.65 16.36
N LEU B 696 -8.65 -12.42 15.93
CA LEU B 696 -9.64 -11.58 16.47
C LEU B 696 -10.47 -12.18 17.57
N THR B 697 -10.44 -13.44 17.78
CA THR B 697 -11.09 -14.20 18.78
C THR B 697 -10.44 -14.13 20.14
N THR B 698 -9.26 -13.59 20.25
CA THR B 698 -8.41 -13.49 21.37
C THR B 698 -8.27 -12.11 21.95
N PHE B 699 -9.13 -11.19 21.54
CA PHE B 699 -9.09 -9.83 22.05
C PHE B 699 -9.36 -9.85 23.55
N LYS B 700 -8.36 -9.51 24.34
CA LYS B 700 -8.49 -9.49 25.80
C LYS B 700 -8.74 -8.09 26.34
N GLU B 701 -7.84 -7.16 26.07
CA GLU B 701 -7.94 -5.82 26.62
C GLU B 701 -7.34 -4.82 25.65
N VAL B 702 -7.86 -3.60 25.68
CA VAL B 702 -7.38 -2.49 24.88
C VAL B 702 -7.13 -1.31 25.79
N THR B 703 -5.94 -0.70 25.67
CA THR B 703 -5.54 0.41 26.51
C THR B 703 -5.14 1.59 25.62
N TYR B 704 -5.49 2.79 26.05
CA TYR B 704 -5.18 4.02 25.33
C TYR B 704 -4.16 4.82 26.12
N ASN B 705 -3.06 5.17 25.46
CA ASN B 705 -2.01 5.99 26.05
C ASN B 705 -2.40 7.45 25.85
N GLN B 706 -2.86 8.10 26.93
CA GLN B 706 -3.44 9.43 26.78
C GLN B 706 -2.41 10.44 26.28
N GLU B 707 -1.20 10.42 26.84
CA GLU B 707 -0.22 11.42 26.46
C GLU B 707 0.42 11.10 25.10
N SER B 708 0.61 9.87 24.74
CA SER B 708 1.08 9.42 23.49
C SER B 708 0.05 9.57 22.39
N GLY B 709 -1.17 9.26 22.65
CA GLY B 709 -2.20 9.22 21.75
C GLY B 709 -2.35 8.06 20.86
N LEU B 710 -1.84 6.93 21.23
CA LEU B 710 -1.78 5.69 20.57
C LEU B 710 -2.50 4.59 21.31
N TRP B 711 -3.38 3.86 20.73
CA TRP B 711 -4.06 2.74 21.22
C TRP B 711 -3.14 1.56 21.37
N SER B 712 -3.59 0.45 21.84
CA SER B 712 -2.96 -0.81 21.94
C SER B 712 -3.94 -1.92 22.14
N TYR B 713 -3.97 -2.93 21.31
CA TYR B 713 -4.87 -4.01 21.23
C TYR B 713 -4.25 -5.30 21.69
N ILE B 714 -4.31 -5.67 22.93
CA ILE B 714 -3.79 -6.83 23.53
C ILE B 714 -4.58 -8.04 23.11
N PHE B 715 -4.00 -9.03 22.53
CA PHE B 715 -4.52 -10.28 22.10
C PHE B 715 -3.91 -11.41 22.88
N ASP B 716 -4.59 -12.12 23.69
CA ASP B 716 -4.22 -13.18 24.55
C ASP B 716 -4.57 -14.51 23.94
N SER B 717 -3.69 -15.22 23.33
CA SER B 717 -3.89 -16.44 22.64
C SER B 717 -4.49 -17.52 23.51
N SER B 718 -4.33 -17.45 24.79
CA SER B 718 -4.85 -18.34 25.76
C SER B 718 -6.35 -18.44 25.72
N LEU B 719 -7.05 -17.47 25.22
CA LEU B 719 -8.44 -17.41 25.04
C LEU B 719 -8.98 -18.40 24.05
N LYS B 720 -8.18 -18.98 23.22
CA LYS B 720 -8.52 -19.91 22.22
C LYS B 720 -9.21 -21.11 22.82
N PRO B 721 -10.19 -21.71 22.15
CA PRO B 721 -10.85 -22.88 22.68
C PRO B 721 -9.94 -24.07 22.84
N SER B 722 -10.23 -24.97 23.73
CA SER B 722 -9.47 -26.11 24.06
C SER B 722 -9.23 -27.00 22.88
N HIS B 723 -10.25 -27.35 22.15
CA HIS B 723 -10.33 -28.26 21.08
C HIS B 723 -10.88 -27.68 19.81
N ASP B 724 -10.42 -28.08 18.68
CA ASP B 724 -10.86 -27.74 17.38
C ASP B 724 -12.32 -28.05 17.19
N GLY B 725 -12.92 -27.53 16.12
CA GLY B 725 -14.27 -27.93 15.77
C GLY B 725 -14.37 -29.36 15.31
N LYS B 726 -13.26 -29.96 14.88
CA LYS B 726 -13.18 -31.38 14.59
C LYS B 726 -12.63 -32.18 15.78
N GLN B 727 -12.71 -31.60 16.98
CA GLN B 727 -12.32 -32.25 18.23
C GLN B 727 -10.83 -32.53 18.31
N THR B 728 -10.03 -31.99 17.40
CA THR B 728 -8.59 -32.10 17.57
C THR B 728 -8.13 -31.07 18.61
N PRO B 729 -7.26 -31.45 19.54
CA PRO B 729 -6.73 -30.49 20.48
C PRO B 729 -6.08 -29.30 19.82
N VAL B 730 -6.25 -28.11 20.31
CA VAL B 730 -5.68 -26.90 19.87
C VAL B 730 -4.21 -26.86 20.25
N THR B 731 -3.30 -26.76 19.34
CA THR B 731 -1.90 -26.81 19.46
C THR B 731 -1.20 -25.48 19.59
N ASP B 732 -1.93 -24.36 19.51
CA ASP B 732 -1.36 -23.02 19.50
C ASP B 732 -2.10 -22.06 20.45
N ASN B 733 -2.38 -22.53 21.66
CA ASN B 733 -3.04 -21.87 22.73
C ASN B 733 -2.15 -21.04 23.61
N MET B 734 -0.89 -20.93 23.36
CA MET B 734 0.14 -20.26 24.05
C MET B 734 0.68 -19.09 23.30
N GLY B 735 0.72 -17.92 23.83
CA GLY B 735 1.21 -16.73 23.32
C GLY B 735 0.40 -15.52 23.44
N PHE B 736 0.81 -14.41 22.92
CA PHE B 736 0.18 -13.15 22.89
C PHE B 736 0.69 -12.26 21.79
N SER B 737 -0.04 -11.30 21.36
CA SER B 737 0.25 -10.33 20.39
C SER B 737 -0.54 -9.06 20.57
N VAL B 738 -0.05 -7.93 20.18
CA VAL B 738 -0.59 -6.63 20.24
C VAL B 738 -0.57 -5.93 18.92
N ILE B 739 -1.47 -5.05 18.62
CA ILE B 739 -1.60 -4.20 17.50
C ILE B 739 -1.65 -2.75 17.91
N THR B 740 -0.84 -1.88 17.42
CA THR B 740 -0.75 -0.50 17.63
C THR B 740 -1.59 0.28 16.66
N VAL B 741 -2.58 1.01 17.05
CA VAL B 741 -3.45 1.85 16.33
C VAL B 741 -3.07 3.29 16.55
N SER B 742 -2.52 3.99 15.61
CA SER B 742 -2.03 5.31 15.61
C SER B 742 -2.82 6.22 14.71
N ARG B 743 -3.30 7.33 15.16
CA ARG B 743 -3.97 8.33 14.41
C ARG B 743 -3.17 8.68 13.18
N THR B 744 -3.83 8.98 12.08
CA THR B 744 -3.18 9.35 10.82
C THR B 744 -4.20 10.19 10.03
N GLY B 745 -3.69 10.92 9.06
CA GLY B 745 -4.37 11.83 8.29
C GLY B 745 -4.31 13.24 8.71
N ILE B 746 -5.36 14.01 8.44
CA ILE B 746 -5.47 15.40 8.87
C ILE B 746 -6.71 15.51 9.76
N GLU B 747 -6.53 15.98 10.99
CA GLU B 747 -7.46 16.10 12.05
C GLU B 747 -8.25 17.39 11.99
N LEU B 748 -9.25 17.56 12.78
CA LEU B 748 -10.16 18.62 12.85
C LEU B 748 -9.68 19.75 13.73
N ASN B 749 -9.92 20.98 13.40
CA ASN B 749 -9.65 22.12 14.19
C ASN B 749 -8.18 22.28 14.50
N GLN B 750 -7.29 21.83 13.68
CA GLN B 750 -5.88 21.91 13.81
C GLN B 750 -5.41 23.34 13.73
N ASP B 751 -5.77 24.05 12.72
CA ASP B 751 -5.48 25.39 12.40
C ASP B 751 -6.58 26.06 11.61
N GLN B 752 -6.54 27.33 11.38
CA GLN B 752 -7.53 28.10 10.74
C GLN B 752 -7.93 27.51 9.41
N ALA B 753 -7.03 26.92 8.70
CA ALA B 753 -7.17 26.28 7.45
C ALA B 753 -7.78 24.90 7.53
N THR B 754 -7.93 24.32 8.72
CA THR B 754 -8.44 22.96 8.93
C THR B 754 -9.66 22.99 9.87
N THR B 755 -10.39 24.11 9.91
CA THR B 755 -11.58 24.29 10.66
C THR B 755 -12.71 23.43 10.16
N THR B 756 -12.82 23.22 8.89
CA THR B 756 -13.68 22.38 8.16
C THR B 756 -12.93 21.36 7.35
N LEU B 757 -13.26 20.11 7.38
CA LEU B 757 -12.63 18.99 6.79
C LEU B 757 -13.47 18.33 5.73
N ASP B 758 -12.88 17.71 4.76
CA ASP B 758 -13.43 16.96 3.69
C ASP B 758 -12.98 15.53 3.57
N VAL B 759 -11.92 15.12 4.17
CA VAL B 759 -11.30 13.86 4.22
C VAL B 759 -11.35 13.27 5.61
N ALA B 760 -11.94 12.16 5.83
CA ALA B 760 -12.08 11.48 7.06
C ALA B 760 -10.73 11.14 7.64
N PRO B 761 -10.35 11.59 8.84
CA PRO B 761 -9.16 11.08 9.47
C PRO B 761 -9.12 9.58 9.50
N SER B 762 -8.06 8.94 9.12
CA SER B 762 -7.83 7.56 8.97
C SER B 762 -6.83 7.01 9.95
N ALA B 763 -7.12 6.01 10.69
CA ALA B 763 -6.28 5.31 11.59
C ALA B 763 -5.25 4.52 10.84
N LEU B 764 -4.34 3.84 11.54
CA LEU B 764 -3.30 3.03 10.93
C LEU B 764 -2.85 2.00 11.96
N ALA B 765 -3.09 0.73 11.65
CA ALA B 765 -2.70 -0.38 12.51
C ALA B 765 -1.40 -0.99 12.01
N VAL B 766 -0.49 -1.19 12.96
CA VAL B 766 0.80 -1.83 12.76
C VAL B 766 1.00 -2.86 13.85
N GLN B 767 1.50 -4.04 13.49
CA GLN B 767 1.89 -5.06 14.46
C GLN B 767 3.00 -4.39 15.29
N SER B 768 2.71 -4.05 16.55
CA SER B 768 3.53 -3.24 17.38
C SER B 768 4.93 -3.77 17.46
N GLY B 769 5.09 -5.06 17.80
CA GLY B 769 6.37 -5.74 17.98
C GLY B 769 6.44 -6.49 19.33
N ILE B 770 5.38 -6.46 20.14
CA ILE B 770 5.16 -7.21 21.33
C ILE B 770 4.44 -8.48 20.95
N GLN B 771 5.18 -9.51 20.51
CA GLN B 771 4.61 -10.82 20.16
C GLN B 771 5.41 -11.98 20.79
N SER B 772 4.71 -13.03 21.19
CA SER B 772 5.31 -14.22 21.77
C SER B 772 4.38 -15.43 21.60
N THR B 773 4.94 -16.63 21.57
CA THR B 773 4.23 -17.91 21.44
C THR B 773 4.50 -18.86 22.61
N THR B 774 5.58 -18.65 23.35
CA THR B 774 6.02 -19.46 24.43
C THR B 774 5.63 -18.98 25.80
N GLN B 775 5.03 -17.84 25.94
CA GLN B 775 4.69 -17.13 27.11
C GLN B 775 3.21 -16.94 27.31
N THR B 776 2.73 -16.87 28.50
CA THR B 776 1.43 -16.56 28.96
C THR B 776 1.33 -15.13 29.41
N LEU B 777 0.66 -14.26 28.74
CA LEU B 777 0.51 -12.89 29.02
C LEU B 777 -0.17 -12.66 30.34
N THR B 778 0.34 -11.74 31.15
CA THR B 778 -0.32 -11.28 32.36
C THR B 778 -0.83 -9.86 32.25
N GLY B 779 -0.10 -8.99 31.56
CA GLY B 779 -0.53 -7.62 31.35
C GLY B 779 0.57 -6.74 30.80
N VAL B 780 0.18 -5.74 30.01
CA VAL B 780 1.12 -4.75 29.49
C VAL B 780 0.97 -3.48 30.30
N LEU B 781 2.08 -2.81 30.55
CA LEU B 781 2.10 -1.60 31.35
C LEU B 781 2.44 -0.41 30.47
N PRO B 782 1.56 0.58 30.30
CA PRO B 782 1.96 1.80 29.58
C PRO B 782 2.86 2.65 30.47
N LEU B 783 4.11 2.20 30.61
CA LEU B 783 5.01 2.77 31.61
C LEU B 783 5.24 4.26 31.35
N SER B 784 5.48 4.69 30.17
CA SER B 784 5.74 6.01 29.73
C SER B 784 5.67 6.16 28.23
N GLU B 785 5.97 7.29 27.69
CA GLU B 785 6.07 7.60 26.32
C GLU B 785 7.04 6.69 25.62
N GLU B 786 8.22 6.57 26.12
CA GLU B 786 9.36 5.94 25.61
C GLU B 786 9.54 4.49 26.00
N PHE B 787 8.74 3.94 26.85
CA PHE B 787 8.85 2.66 27.42
C PHE B 787 7.53 2.02 27.79
N SER B 788 7.44 0.74 27.84
CA SER B 788 6.37 -0.08 28.24
C SER B 788 6.83 -1.44 28.71
N ALA B 789 6.09 -2.06 29.61
CA ALA B 789 6.50 -3.31 30.23
C ALA B 789 5.51 -4.42 29.91
N VAL B 790 5.96 -5.62 29.80
CA VAL B 790 5.29 -6.84 29.55
C VAL B 790 5.47 -7.81 30.69
N ILE B 791 4.38 -8.27 31.31
CA ILE B 791 4.44 -9.26 32.37
C ILE B 791 4.02 -10.59 31.76
N ALA B 792 4.85 -11.58 31.79
CA ALA B 792 4.73 -12.84 31.19
C ALA B 792 5.21 -13.99 32.03
N LYS B 793 4.67 -15.15 31.90
CA LYS B 793 4.99 -16.39 32.51
C LYS B 793 5.39 -17.44 31.51
N ASP B 794 6.50 -18.09 31.65
CA ASP B 794 7.03 -19.15 30.87
C ASP B 794 7.19 -20.48 31.54
N SER B 795 7.42 -20.47 32.85
CA SER B 795 7.61 -21.68 33.63
C SER B 795 6.83 -21.60 34.94
N ASP B 796 5.64 -21.00 34.89
CA ASP B 796 4.82 -20.83 36.08
C ASP B 796 5.44 -19.83 37.06
N GLN B 797 6.54 -19.20 36.65
CA GLN B 797 7.19 -18.15 37.43
C GLN B 797 7.13 -16.85 36.63
N ASN B 798 6.62 -15.79 37.27
CA ASN B 798 6.42 -14.54 36.57
C ASN B 798 7.76 -13.96 36.12
N LYS B 799 7.83 -13.42 34.94
CA LYS B 799 8.91 -12.86 34.25
C LYS B 799 8.67 -11.45 33.80
N ILE B 800 9.70 -10.62 33.79
CA ILE B 800 9.59 -9.23 33.37
C ILE B 800 10.31 -9.08 32.03
N ASP B 801 9.70 -8.51 31.04
CA ASP B 801 10.14 -8.27 29.72
C ASP B 801 9.74 -6.89 29.26
N ILE B 802 10.49 -5.87 29.48
CA ILE B 802 10.29 -4.52 29.15
C ILE B 802 10.62 -4.26 27.71
N TYR B 803 9.95 -3.40 27.03
CA TYR B 803 10.03 -3.04 25.67
C TYR B 803 10.30 -1.58 25.44
N LYS B 804 11.20 -1.21 24.60
CA LYS B 804 11.54 0.10 24.18
C LYS B 804 10.53 0.61 23.18
N ASN B 805 9.67 1.51 23.51
CA ASN B 805 8.65 2.11 22.73
C ASN B 805 9.20 3.17 21.82
N ASN B 806 8.98 3.10 20.51
CA ASN B 806 9.40 4.06 19.48
C ASN B 806 8.16 4.59 18.76
N ASN B 807 7.51 5.60 19.34
CA ASN B 807 6.30 6.25 18.83
C ASN B 807 5.30 5.25 18.21
N GLY B 808 4.91 4.23 19.01
CA GLY B 808 4.02 3.23 18.71
C GLY B 808 4.49 1.86 18.44
N LEU B 809 5.75 1.74 18.01
CA LEU B 809 6.38 0.45 17.73
C LEU B 809 7.37 0.11 18.84
N PHE B 810 7.25 -1.08 19.41
CA PHE B 810 8.00 -1.67 20.44
C PHE B 810 9.01 -2.66 19.90
N GLU B 811 10.24 -2.61 20.41
CA GLU B 811 11.28 -3.60 20.12
C GLU B 811 11.91 -4.03 21.44
N ILE B 812 12.34 -5.28 21.51
CA ILE B 812 12.93 -5.91 22.63
C ILE B 812 14.19 -5.17 23.02
N ASP B 813 14.39 -4.82 24.26
CA ASP B 813 15.51 -4.19 24.88
C ASP B 813 16.01 -5.01 26.06
N THR B 814 16.76 -6.03 25.85
CA THR B 814 17.19 -6.99 26.80
C THR B 814 17.95 -6.37 27.95
N GLN B 815 18.89 -5.53 27.68
CA GLN B 815 19.79 -4.94 28.60
C GLN B 815 19.07 -4.42 29.82
N LEU B 816 18.07 -3.64 29.64
CA LEU B 816 17.24 -3.05 30.63
C LEU B 816 16.34 -4.04 31.33
N SER B 817 15.99 -5.11 30.63
CA SER B 817 15.13 -6.13 31.23
C SER B 817 15.83 -6.89 32.35
N ASN B 818 17.11 -7.23 32.18
CA ASN B 818 17.86 -7.91 33.22
C ASN B 818 18.05 -7.04 34.45
N SER B 819 18.34 -5.75 34.25
CA SER B 819 18.53 -4.85 35.38
C SER B 819 17.26 -4.75 36.21
N VAL B 820 16.11 -4.60 35.56
CA VAL B 820 14.85 -4.53 36.29
C VAL B 820 14.58 -5.87 36.97
N ALA B 821 14.93 -6.97 36.32
CA ALA B 821 14.67 -8.29 36.91
C ALA B 821 15.42 -8.47 38.23
N THR B 822 16.55 -7.81 38.39
CA THR B 822 17.35 -7.91 39.61
C THR B 822 16.71 -7.03 40.67
N ASN B 823 15.75 -7.60 41.40
CA ASN B 823 15.05 -6.89 42.47
C ASN B 823 15.23 -7.53 43.84
N ASN B 824 15.80 -8.73 43.91
CA ASN B 824 16.04 -9.40 45.19
C ASN B 824 14.75 -9.57 45.99
N GLY B 825 13.61 -9.68 45.30
CA GLY B 825 12.33 -9.78 45.95
C GLY B 825 11.77 -8.46 46.44
N GLY B 826 12.46 -7.34 46.20
CA GLY B 826 11.96 -6.05 46.62
C GLY B 826 10.94 -5.48 45.64
N LEU B 827 10.37 -4.36 46.02
CA LEU B 827 9.38 -3.69 45.19
C LEU B 827 10.01 -2.92 44.03
N ALA B 828 11.31 -2.64 44.10
CA ALA B 828 12.01 -1.92 43.06
C ALA B 828 13.37 -2.55 42.80
N PRO B 829 13.92 -2.38 41.60
CA PRO B 829 15.25 -2.95 41.33
C PRO B 829 16.31 -2.33 42.22
N SER B 830 17.24 -3.17 42.67
CA SER B 830 18.33 -2.72 43.52
C SER B 830 19.38 -1.98 42.72
N TYR B 831 20.01 -1.00 43.29
CA TYR B 831 21.09 -0.26 42.78
C TYR B 831 22.40 -0.99 42.89
N THR B 832 23.24 -0.90 41.86
CA THR B 832 24.58 -1.49 41.89
C THR B 832 25.60 -0.38 41.67
N GLU B 833 26.56 -0.28 42.60
CA GLU B 833 27.62 0.72 42.50
C GLU B 833 28.79 0.25 41.66
N ASN B 834 28.72 -0.96 41.09
CA ASN B 834 29.79 -1.49 40.26
C ASN B 834 29.30 -2.05 38.93
N ARG B 835 28.06 -2.14 38.61
CA ARG B 835 27.39 -2.57 37.48
C ARG B 835 26.40 -1.59 36.94
N VAL B 836 26.23 -1.39 35.68
CA VAL B 836 25.39 -0.57 34.95
C VAL B 836 23.98 -1.09 35.09
N ASP B 837 23.19 -0.65 36.00
CA ASP B 837 21.86 -1.00 36.31
C ASP B 837 20.87 -0.17 35.52
N ALA B 838 19.60 -0.29 35.76
CA ALA B 838 18.56 0.55 35.30
C ALA B 838 18.71 1.97 35.77
N TRP B 839 19.25 2.20 36.92
CA TRP B 839 19.52 3.42 37.56
C TRP B 839 20.73 4.15 37.03
N GLY B 840 21.53 3.56 36.22
CA GLY B 840 22.74 4.03 35.78
C GLY B 840 23.86 3.98 36.75
N LYS B 841 24.98 4.55 36.47
CA LYS B 841 26.18 4.63 37.21
C LYS B 841 26.47 6.04 37.65
N VAL B 842 26.61 6.33 38.90
CA VAL B 842 26.94 7.55 39.54
C VAL B 842 28.26 7.45 40.25
N GLU B 843 29.25 8.21 39.92
CA GLU B 843 30.56 8.33 40.45
C GLU B 843 30.74 9.68 41.09
N PHE B 844 30.57 9.84 42.36
CA PHE B 844 30.65 11.03 43.10
C PHE B 844 32.00 11.67 42.99
N ALA B 845 32.12 12.93 42.75
CA ALA B 845 33.29 13.70 42.70
C ALA B 845 33.95 13.82 44.05
N ASP B 846 35.23 13.78 44.16
CA ASP B 846 36.00 13.91 45.32
C ASP B 846 35.84 15.26 45.96
N ASN B 847 36.11 15.43 47.21
CA ASN B 847 36.21 16.64 47.93
C ASN B 847 37.30 17.54 47.43
N SER B 848 38.24 17.04 46.68
CA SER B 848 39.28 17.74 46.05
C SER B 848 38.77 18.85 45.17
N VAL B 849 37.70 18.64 44.47
CA VAL B 849 37.05 19.55 43.60
C VAL B 849 36.68 20.83 44.32
N LEU B 850 36.29 20.74 45.56
CA LEU B 850 35.96 21.81 46.42
C LEU B 850 37.10 22.80 46.50
N GLN B 851 38.28 22.34 46.72
CA GLN B 851 39.50 23.06 46.75
C GLN B 851 39.92 23.55 45.40
N ALA B 852 39.77 22.78 44.38
CA ALA B 852 40.13 23.02 43.03
C ALA B 852 39.42 24.22 42.47
N ARG B 853 38.08 24.20 42.55
CA ARG B 853 37.21 25.27 42.04
C ARG B 853 37.00 26.39 43.07
N ASN B 854 37.60 26.31 44.28
CA ASN B 854 37.50 27.26 45.31
C ASN B 854 36.06 27.47 45.74
N LEU B 855 35.33 26.43 46.00
CA LEU B 855 34.00 26.36 46.45
C LEU B 855 33.83 26.61 47.92
N VAL B 856 34.87 26.66 48.68
CA VAL B 856 34.90 26.90 50.08
C VAL B 856 34.28 28.23 50.41
N ASP B 857 34.60 29.25 49.68
CA ASP B 857 34.06 30.55 49.78
C ASP B 857 32.57 30.55 49.78
N LYS B 858 31.96 29.70 48.95
CA LYS B 858 30.49 29.55 48.90
C LYS B 858 30.03 28.99 50.23
N THR B 859 28.92 29.50 50.74
CA THR B 859 28.21 29.13 51.90
C THR B 859 27.39 27.87 51.66
N VAL B 860 27.00 27.17 52.68
CA VAL B 860 26.12 26.06 52.64
C VAL B 860 24.84 26.42 51.95
N ASP B 861 24.20 27.46 52.36
CA ASP B 861 23.03 28.03 51.81
C ASP B 861 23.22 28.38 50.35
N GLU B 862 24.30 29.02 50.02
CA GLU B 862 24.68 29.42 48.73
C GLU B 862 24.72 28.26 47.77
N ILE B 863 25.39 27.22 48.12
CA ILE B 863 25.51 26.01 47.39
C ILE B 863 24.19 25.34 47.22
N ILE B 864 23.37 25.31 48.23
CA ILE B 864 22.06 24.78 48.25
C ILE B 864 21.20 25.43 47.20
N ASN B 865 21.20 26.72 47.13
CA ASN B 865 20.46 27.55 46.26
C ASN B 865 21.04 27.63 44.87
N THR B 866 21.40 26.56 44.25
CA THR B 866 22.02 26.39 42.99
C THR B 866 21.49 25.21 42.21
N PRO B 867 20.52 25.39 41.31
CA PRO B 867 20.04 24.27 40.52
C PRO B 867 21.07 23.52 39.74
N GLU B 868 22.08 24.22 39.23
CA GLU B 868 23.10 23.66 38.32
C GLU B 868 24.45 23.37 38.98
N ILE B 869 24.86 24.14 40.01
CA ILE B 869 26.17 23.93 40.64
C ILE B 869 26.21 22.59 41.39
N LEU B 870 25.14 22.16 42.05
CA LEU B 870 25.01 20.93 42.76
C LEU B 870 25.33 19.75 41.90
N ASN B 871 25.07 19.81 40.63
CA ASN B 871 25.32 18.84 39.64
C ASN B 871 26.78 18.60 39.38
N SER B 872 27.66 19.49 39.74
CA SER B 872 29.05 19.54 39.54
C SER B 872 29.86 18.75 40.54
N PHE B 873 29.29 17.89 41.32
CA PHE B 873 29.83 17.07 42.34
C PHE B 873 29.81 15.59 42.05
N PHE B 874 29.62 15.16 40.86
CA PHE B 874 29.51 13.83 40.41
C PHE B 874 29.48 13.68 38.92
N ARG B 875 29.81 12.49 38.42
CA ARG B 875 29.71 12.13 37.00
C ARG B 875 28.70 10.99 36.91
N PHE B 876 27.76 11.10 35.99
CA PHE B 876 26.65 10.26 35.75
C PHE B 876 26.65 9.65 34.36
N THR B 877 26.34 8.36 34.23
CA THR B 877 26.22 7.68 32.94
C THR B 877 24.81 7.08 32.88
N PRO B 878 23.81 7.82 32.35
CA PRO B 878 22.46 7.31 32.26
C PRO B 878 22.36 5.97 31.60
N ALA B 879 21.50 5.10 32.03
CA ALA B 879 21.21 3.81 31.53
C ALA B 879 20.45 3.79 30.23
N PHE B 880 19.87 4.86 29.82
CA PHE B 880 19.12 5.06 28.63
C PHE B 880 19.04 6.52 28.23
N GLU B 881 18.79 6.77 26.95
CA GLU B 881 18.70 8.14 26.46
C GLU B 881 17.55 8.88 27.15
N ASP B 882 17.74 10.17 27.43
CA ASP B 882 16.91 11.10 28.10
C ASP B 882 16.90 10.93 29.59
N GLN B 883 17.50 9.94 30.14
CA GLN B 883 17.64 9.64 31.52
C GLN B 883 18.54 10.62 32.19
N LYS B 884 18.18 11.25 33.26
CA LYS B 884 18.85 12.24 34.01
C LYS B 884 18.94 11.91 35.48
N ALA B 885 19.92 12.37 36.18
CA ALA B 885 20.18 12.28 37.55
C ALA B 885 20.61 13.59 38.15
N THR B 886 20.11 14.00 39.27
CA THR B 886 20.38 15.16 40.02
C THR B 886 20.63 14.86 41.47
N LEU B 887 20.90 15.83 42.28
CA LEU B 887 21.20 15.81 43.66
C LEU B 887 20.31 16.68 44.49
N VAL B 888 19.85 16.18 45.64
CA VAL B 888 19.13 16.98 46.63
C VAL B 888 20.01 17.05 47.87
N ALA B 889 20.32 18.26 48.31
CA ALA B 889 21.25 18.47 49.41
C ALA B 889 20.49 18.64 50.72
N THR B 890 21.04 18.07 51.78
CA THR B 890 20.46 18.14 53.11
C THR B 890 21.55 18.55 54.09
N LYS B 891 21.25 19.54 54.93
CA LYS B 891 22.22 20.07 55.89
C LYS B 891 22.11 19.29 57.19
N GLN B 892 23.23 18.69 57.61
CA GLN B 892 23.32 17.98 58.88
C GLN B 892 24.24 18.65 59.88
N SER B 893 25.00 19.66 59.46
CA SER B 893 25.88 20.40 60.35
C SER B 893 26.19 21.74 59.70
N ASP B 894 26.70 22.66 60.51
CA ASP B 894 27.05 23.98 59.99
C ASP B 894 28.22 23.93 59.03
N THR B 895 28.94 22.80 58.94
CA THR B 895 30.04 22.64 58.02
C THR B 895 29.91 21.44 57.11
N SER B 896 28.99 20.51 57.40
CA SER B 896 28.81 19.30 56.60
C SER B 896 27.33 19.12 56.29
N LEU B 897 27.02 18.78 55.04
CA LEU B 897 25.65 18.55 54.60
C LEU B 897 25.57 17.24 53.84
N SER B 898 24.46 16.54 54.02
CA SER B 898 24.23 15.26 53.37
C SER B 898 23.42 15.46 52.09
N VAL B 899 23.82 14.77 51.04
CA VAL B 899 23.21 14.89 49.72
C VAL B 899 22.73 13.52 49.26
N SER B 900 21.50 13.47 48.74
CA SER B 900 20.91 12.24 48.24
C SER B 900 20.71 12.33 46.74
N PRO B 901 20.85 11.21 46.00
CA PRO B 901 20.71 11.27 44.54
C PRO B 901 19.30 11.03 44.06
N ARG B 902 18.80 11.92 43.21
CA ARG B 902 17.53 11.72 42.51
C ARG B 902 17.83 11.25 41.10
N ILE B 903 17.12 10.29 40.60
CA ILE B 903 17.28 9.58 39.38
C ILE B 903 16.02 9.56 38.57
N GLN B 904 16.06 9.69 37.28
CA GLN B 904 15.04 9.47 36.34
C GLN B 904 14.87 8.01 36.01
N PHE B 905 13.70 7.51 35.86
CA PHE B 905 13.31 6.18 35.60
C PHE B 905 12.60 6.02 34.27
N LEU B 906 12.42 4.83 33.78
CA LEU B 906 11.74 4.48 32.60
C LEU B 906 10.37 5.11 32.53
N ASP B 907 9.72 5.21 33.68
CA ASP B 907 8.36 5.71 33.76
C ASP B 907 8.28 7.23 33.77
N GLY B 908 9.42 7.92 33.82
CA GLY B 908 9.41 9.37 33.88
C GLY B 908 9.17 9.94 35.25
N ASN B 909 9.45 9.17 36.31
CA ASN B 909 9.30 9.63 37.68
C ASN B 909 10.66 9.68 38.36
N PHE B 910 10.80 10.59 39.31
CA PHE B 910 12.07 10.80 40.00
C PHE B 910 12.05 10.03 41.32
N TYR B 911 13.03 9.14 41.49
CA TYR B 911 13.05 8.21 42.61
C TYR B 911 14.27 8.50 43.48
N ASP B 912 14.04 8.59 44.79
CA ASP B 912 15.07 8.95 45.75
C ASP B 912 14.75 8.26 47.07
N LEU B 913 15.40 8.71 48.15
CA LEU B 913 15.17 8.10 49.46
C LEU B 913 13.73 8.25 49.90
N ASN B 914 13.14 9.44 49.70
CA ASN B 914 11.77 9.71 50.11
C ASN B 914 10.74 9.18 49.12
N SER B 915 11.14 8.34 48.17
CA SER B 915 10.23 7.85 47.15
C SER B 915 9.28 6.82 47.73
N THR B 916 8.00 6.96 47.43
CA THR B 916 6.96 6.05 47.89
C THR B 916 5.86 6.01 46.86
N ILE B 917 5.67 4.85 46.23
CA ILE B 917 4.59 4.62 45.28
C ILE B 917 3.53 3.77 45.97
N ALA B 918 2.29 4.25 45.96
CA ALA B 918 1.20 3.61 46.70
C ALA B 918 1.45 3.64 48.20
N GLY B 919 2.30 4.57 48.65
CA GLY B 919 2.53 4.79 50.06
C GLY B 919 3.54 3.87 50.71
N VAL B 920 3.96 2.81 50.03
CA VAL B 920 4.90 1.85 50.62
C VAL B 920 6.32 2.33 50.34
N PRO B 921 7.22 2.28 51.32
CA PRO B 921 8.60 2.76 51.08
C PRO B 921 9.35 1.83 50.15
N LEU B 922 9.81 2.37 49.02
CA LEU B 922 10.61 1.57 48.10
C LEU B 922 11.89 1.08 48.75
N ASN B 923 12.56 1.96 49.51
CA ASN B 923 13.76 1.60 50.25
C ASN B 923 14.80 0.96 49.32
N ILE B 924 15.04 1.63 48.20
CA ILE B 924 15.96 1.10 47.21
C ILE B 924 17.37 0.98 47.79
N GLY B 925 17.82 2.04 48.46
CA GLY B 925 19.14 2.03 49.08
C GLY B 925 20.20 2.67 48.21
N PHE B 926 19.91 3.84 47.66
CA PHE B 926 20.89 4.56 46.86
C PHE B 926 22.04 5.02 47.74
N PRO B 927 23.27 5.06 47.25
CA PRO B 927 24.38 5.52 48.08
C PRO B 927 24.21 6.96 48.50
N SER B 928 24.67 7.27 49.70
CA SER B 928 24.61 8.61 50.26
C SER B 928 26.02 9.10 50.56
N ARG B 929 26.28 10.36 50.26
CA ARG B 929 27.58 10.98 50.46
C ARG B 929 27.42 12.28 51.23
N VAL B 930 28.47 12.66 51.95
CA VAL B 930 28.50 13.88 52.74
C VAL B 930 29.74 14.67 52.31
N PHE B 931 29.56 15.99 52.17
CA PHE B 931 30.64 16.89 51.78
C PHE B 931 30.73 18.01 52.82
N ALA B 932 31.95 18.28 53.28
CA ALA B 932 32.17 19.25 54.34
C ALA B 932 33.41 20.09 54.02
N GLY B 933 33.53 21.24 54.62
CA GLY B 933 34.52 22.19 54.46
C GLY B 933 34.16 23.58 54.14
N PHE B 934 32.93 23.93 54.33
CA PHE B 934 32.32 25.18 54.11
C PHE B 934 32.69 26.19 55.17
N ALA B 935 32.78 27.45 54.87
CA ALA B 935 33.06 28.55 55.71
C ALA B 935 31.85 28.89 56.56
N ALA B 936 31.89 29.92 57.34
CA ALA B 936 30.91 30.45 58.21
C ALA B 936 30.45 31.84 57.84
N LEU B 937 30.45 31.58 55.97
CA LEU B 937 30.42 33.91 56.79
C LEU B 937 28.41 33.61 56.23
#